data_7K0P
#
_entry.id   7K0P
#
_cell.length_a   1.00
_cell.length_b   1.00
_cell.length_c   1.00
_cell.angle_alpha   90.00
_cell.angle_beta   90.00
_cell.angle_gamma   90.00
#
_symmetry.space_group_name_H-M   'P 1'
#
loop_
_entity.id
_entity.type
_entity.pdbx_description
1 polymer 'Serine palmitoyltransferase 1'
2 polymer 'Serine palmitoyltransferase 2'
3 polymer 'Serine palmitoyltransferase small subunit A'
4 polymer 'ORM1-like protein 3'
5 non-polymer '(2S)-3-(hexadecanoyloxy)-2-[(9Z)-octadec-9-enoyloxy]propyl 2-(trimethylammonio)ethyl phosphate'
#
loop_
_entity_poly.entity_id
_entity_poly.type
_entity_poly.pdbx_seq_one_letter_code
_entity_poly.pdbx_strand_id
1 'polypeptide(L)'
;MATATEQWVLVEMVQALYEAPAYHLILEGILILWIIRLLFSKTYKLQERSDLTVKEKEELIEEWQPEPLVPPVPKDHPAL
NYNIVSGPPSHKTVVNGKECINFASFNFLGLLDNPRVKAAALASLKKYGVGTCGPRGFYGTFDVHLDLEDRLAKFMKTEE
AIIYSYGFATIASAIPAYSKRGDIVFVDRAACFAIQKGLQASRSDIKLFKHNDMADLERLLKEQEIEDQKNPRKARVTRR
FIVVEGLYMNTGTICPLPELVKLKYKYKARIFLEESLSFGVLGEHGRGVTEHYGINIDDIDLISANMENALASIGGFCCG
RSFVIDHQRLSGQGYCFSASLPPLLAAAAIEALNIMEENPGIFAVLKEKCGQIHKALQGISGLKVVGESLSPAFHLQLEE
STGSREQDVRLLQEIVDQCMNRSIALTQARYLEKEEKCLPPPSIRVVVTVEQTEEELERAASTIKEVAQAVLL
;
A,E
2 'polypeptide(L)'
;MRPEPGGCCCRRTVRANGCVANGEVRNGYVRSSAAAAAAAAAGQIHHVTQNGGLYKRPFNEAFEETPMLVAVLTYVGYGV
LTLFGYLRDFLRYWRIEKCHHATEREEQKDFVSLYQDFENFYTRNLYMRIRDNWNRPICSVPGARVDIMERQSHDYNWSF
KYTGNIIKGVINMGSYNYLGFARNTGSCQEAAAKVLEEYGAGVCSTRQEIGNLDKHEELEELVARFLGVEAAMAYGMGFA
TNSMNIPALVGKGCLILSDELNHASLVLGARLSGATIRIFKHNNMQSLEKLLKDAIVYGQPRTRRPWKKILILVEGIYSM
EGSIVRLPEVIALKKKYKAYLYLDEAHSIGALGPTGRGVVEYFGLDPEDVDVMMGTFT(LLP)SFGASGGYIGGKKELID
YLRTHSHSAVYATSLSPPVVEQIITSMKCIMGQDGTSLGKECVQQLAENTRYFRRRLKEMGFIIYGNEDSPVVPLMLYMP
AKIGAFGREMLKRNIGVVVVGFPATPIIESRARFCLSAAHTKEILDTALKEIDEVGDLLQLKYSRHRL
;
B,F
3 'polypeptide(L)' MAGMALARAWKQMSWFYYQYLLVTALYMLEPWERTVFNSMLVSIVGMALYTGYVFMPQHIMAILHYFEIVQ C,G
4 'polypeptide(L)'
;MNVGTAHSEVNPNTRVMNSRGIWLSYVLAIGLLHIVLLSIPFVSVPVVWTLTNLIHNMGMYIFLHTVKGTPFETPDQGKA
RLLTHWEQMDYGVQFTASRKFLTITPIVLYFLTSFYTKYDQIHFVLNTVSLMSVLIPKLPQLHGVRIFGINKY
;
D,H
#
loop_
_chem_comp.id
_chem_comp.type
_chem_comp.name
_chem_comp.formula
POV non-polymer '(2S)-3-(hexadecanoyloxy)-2-[(9Z)-octadec-9-enoyloxy]propyl 2-(trimethylammonio)ethyl phosphate' 'C42 H82 N O8 P'
#
# COMPACT_ATOMS: atom_id res chain seq x y z
N LEU A 10 13.99 45.76 -27.27
CA LEU A 10 13.02 44.66 -27.23
C LEU A 10 12.05 44.74 -28.41
N VAL A 11 11.91 45.95 -28.97
CA VAL A 11 11.01 46.13 -30.11
C VAL A 11 11.54 45.38 -31.33
N GLU A 12 12.86 45.37 -31.51
CA GLU A 12 13.45 44.64 -32.62
C GLU A 12 13.18 43.14 -32.51
N MET A 13 13.21 42.60 -31.28
CA MET A 13 12.89 41.20 -31.09
C MET A 13 11.44 40.90 -31.47
N VAL A 14 10.51 41.78 -31.09
CA VAL A 14 9.11 41.59 -31.46
C VAL A 14 8.93 41.65 -32.97
N GLN A 15 9.60 42.60 -33.62
CA GLN A 15 9.51 42.70 -35.08
C GLN A 15 10.06 41.46 -35.76
N ALA A 16 11.21 40.96 -35.29
CA ALA A 16 11.79 39.75 -35.86
C ALA A 16 10.88 38.55 -35.67
N LEU A 17 10.27 38.44 -34.48
CA LEU A 17 9.34 37.34 -34.23
C LEU A 17 8.13 37.43 -35.14
N TYR A 18 7.60 38.65 -35.34
CA TYR A 18 6.48 38.83 -36.25
C TYR A 18 6.86 38.50 -37.69
N GLU A 19 8.12 38.73 -38.06
CA GLU A 19 8.59 38.38 -39.39
C GLU A 19 8.89 36.89 -39.54
N ALA A 20 8.88 36.14 -38.44
CA ALA A 20 9.18 34.72 -38.51
C ALA A 20 7.99 33.94 -39.06
N PRO A 21 8.25 32.79 -39.69
CA PRO A 21 7.15 31.97 -40.19
C PRO A 21 6.29 31.41 -39.07
N ALA A 22 5.11 30.90 -39.43
CA ALA A 22 4.15 30.44 -38.43
C ALA A 22 4.55 29.10 -37.83
N TYR A 23 5.08 28.19 -38.65
CA TYR A 23 5.41 26.85 -38.15
C TYR A 23 6.49 26.92 -37.08
N HIS A 24 7.47 27.79 -37.26
CA HIS A 24 8.51 27.97 -36.26
C HIS A 24 7.91 28.39 -34.92
N LEU A 25 6.99 29.36 -34.96
CA LEU A 25 6.39 29.86 -33.73
C LEU A 25 5.51 28.80 -33.07
N ILE A 26 4.77 28.03 -33.85
CA ILE A 26 3.92 27.01 -33.25
C ILE A 26 4.77 25.89 -32.66
N LEU A 27 5.89 25.56 -33.30
CA LEU A 27 6.81 24.57 -32.73
C LEU A 27 7.41 25.07 -31.42
N GLU A 28 7.79 26.34 -31.38
CA GLU A 28 8.32 26.90 -30.13
C GLU A 28 7.25 26.90 -29.05
N GLY A 29 6.00 27.18 -29.42
CA GLY A 29 4.92 27.13 -28.45
C GLY A 29 4.70 25.75 -27.88
N ILE A 30 4.69 24.72 -28.74
CA ILE A 30 4.53 23.36 -28.23
C ILE A 30 5.73 22.94 -27.39
N LEU A 31 6.92 23.45 -27.73
CA LEU A 31 8.08 23.20 -26.88
C LEU A 31 7.91 23.82 -25.50
N ILE A 32 7.38 25.04 -25.44
CA ILE A 32 7.15 25.69 -24.16
C ILE A 32 6.10 24.92 -23.35
N LEU A 33 5.07 24.42 -24.02
CA LEU A 33 4.08 23.58 -23.35
C LEU A 33 4.72 22.31 -22.80
N TRP A 34 5.63 21.70 -23.58
CA TRP A 34 6.37 20.54 -23.11
C TRP A 34 7.20 20.87 -21.87
N ILE A 35 7.85 22.04 -21.87
CA ILE A 35 8.63 22.49 -20.73
C ILE A 35 7.75 22.61 -19.50
N ILE A 36 6.57 23.21 -19.67
CA ILE A 36 5.64 23.34 -18.54
C ILE A 36 5.23 21.97 -18.02
N ARG A 37 4.92 21.04 -18.93
CA ARG A 37 4.51 19.70 -18.51
C ARG A 37 5.61 19.02 -17.72
N LEU A 38 6.85 19.12 -18.18
CA LEU A 38 7.96 18.52 -17.44
C LEU A 38 8.14 19.18 -16.08
N LEU A 39 8.09 20.51 -16.03
CA LEU A 39 8.30 21.21 -14.77
C LEU A 39 7.20 20.90 -13.77
N PHE A 40 6.01 20.52 -14.25
CA PHE A 40 4.91 20.15 -13.38
C PHE A 40 4.69 18.64 -13.31
N SER A 41 5.70 17.85 -13.68
CA SER A 41 5.62 16.40 -13.55
C SER A 41 6.08 15.99 -12.15
N LYS A 42 5.19 16.20 -11.19
CA LYS A 42 5.53 15.96 -9.79
C LYS A 42 5.79 14.48 -9.52
N THR A 43 5.04 13.59 -10.14
CA THR A 43 5.19 12.17 -9.88
C THR A 43 6.51 11.66 -10.45
N TYR A 44 7.19 10.83 -9.67
CA TYR A 44 8.42 10.16 -10.10
C TYR A 44 8.12 8.67 -10.25
N LYS A 45 8.51 8.11 -11.39
CA LYS A 45 8.21 6.73 -11.72
C LYS A 45 9.49 5.92 -11.84
N LEU A 46 9.39 4.63 -11.50
CA LEU A 46 10.54 3.73 -11.53
C LEU A 46 10.53 2.76 -12.71
N GLN A 47 9.40 2.65 -13.43
CA GLN A 47 9.21 1.64 -14.46
C GLN A 47 9.41 0.23 -13.89
N GLU A 48 8.93 0.01 -12.67
CA GLU A 48 9.00 -1.29 -12.02
C GLU A 48 7.59 -1.81 -11.79
N ARG A 49 7.25 -2.90 -12.47
CA ARG A 49 5.93 -3.50 -12.38
C ARG A 49 6.09 -4.98 -12.03
N SER A 50 5.39 -5.42 -10.98
CA SER A 50 5.42 -6.80 -10.55
C SER A 50 4.00 -7.31 -10.39
N ASP A 51 3.71 -8.47 -10.96
CA ASP A 51 2.39 -9.08 -10.89
C ASP A 51 2.48 -10.39 -10.12
N LEU A 52 1.51 -10.62 -9.24
CA LEU A 52 1.52 -11.83 -8.43
C LEU A 52 1.36 -13.06 -9.30
N THR A 53 2.02 -14.15 -8.90
CA THR A 53 1.86 -15.42 -9.58
C THR A 53 0.57 -16.10 -9.13
N VAL A 54 -0.03 -16.87 -10.04
CA VAL A 54 -1.32 -17.49 -9.76
C VAL A 54 -1.24 -18.41 -8.55
N LYS A 55 -0.10 -19.09 -8.39
CA LYS A 55 0.08 -19.96 -7.23
C LYS A 55 0.06 -19.16 -5.93
N GLU A 56 0.71 -17.99 -5.93
CA GLU A 56 0.68 -17.14 -4.74
C GLU A 56 -0.73 -16.66 -4.44
N LYS A 57 -1.50 -16.30 -5.48
CA LYS A 57 -2.87 -15.88 -5.28
C LYS A 57 -3.69 -16.99 -4.65
N GLU A 58 -3.55 -18.22 -5.15
CA GLU A 58 -4.31 -19.33 -4.58
C GLU A 58 -3.86 -19.63 -3.16
N GLU A 59 -2.56 -19.46 -2.88
CA GLU A 59 -2.07 -19.63 -1.51
C GLU A 59 -2.71 -18.61 -0.58
N LEU A 60 -2.81 -17.36 -1.01
CA LEU A 60 -3.48 -16.35 -0.21
C LEU A 60 -4.95 -16.68 -0.01
N ILE A 61 -5.61 -17.20 -1.05
CA ILE A 61 -7.02 -17.57 -0.95
C ILE A 61 -7.20 -18.66 0.09
N GLU A 62 -6.34 -19.68 0.05
CA GLU A 62 -6.48 -20.81 0.96
C GLU A 62 -6.06 -20.45 2.38
N GLU A 63 -5.11 -19.52 2.52
CA GLU A 63 -4.60 -19.17 3.83
C GLU A 63 -5.63 -18.43 4.66
N TRP A 64 -6.40 -17.53 4.02
CA TRP A 64 -7.28 -16.63 4.75
C TRP A 64 -8.38 -17.41 5.49
N GLN A 65 -8.62 -17.04 6.74
CA GLN A 65 -9.63 -17.65 7.56
C GLN A 65 -10.50 -16.55 8.16
N PRO A 66 -11.82 -16.60 7.97
CA PRO A 66 -12.67 -15.50 8.43
C PRO A 66 -13.02 -15.62 9.90
N GLU A 67 -13.29 -14.47 10.50
CA GLU A 67 -13.75 -14.43 11.87
C GLU A 67 -15.17 -15.01 11.95
N PRO A 68 -15.54 -15.58 13.09
CA PRO A 68 -16.93 -16.06 13.24
C PRO A 68 -17.93 -14.93 13.13
N LEU A 69 -19.12 -15.25 12.64
CA LEU A 69 -20.14 -14.24 12.41
C LEU A 69 -20.52 -13.52 13.69
N VAL A 70 -20.70 -14.26 14.77
CA VAL A 70 -21.09 -13.71 16.06
C VAL A 70 -19.99 -14.05 17.07
N PRO A 71 -19.47 -13.07 17.81
CA PRO A 71 -18.47 -13.39 18.82
C PRO A 71 -19.07 -14.24 19.93
N PRO A 72 -18.28 -15.10 20.56
CA PRO A 72 -18.80 -15.89 21.69
C PRO A 72 -19.31 -15.00 22.80
N VAL A 73 -20.53 -15.26 23.24
CA VAL A 73 -21.24 -14.43 24.22
C VAL A 73 -21.07 -15.05 25.59
N PRO A 74 -20.76 -14.26 26.63
CA PRO A 74 -20.75 -14.81 27.98
C PRO A 74 -22.15 -15.19 28.42
N LYS A 75 -22.23 -16.22 29.27
CA LYS A 75 -23.51 -16.65 29.82
C LYS A 75 -23.97 -15.82 31.00
N ASP A 76 -23.17 -14.84 31.42
CA ASP A 76 -23.49 -14.00 32.56
C ASP A 76 -24.16 -12.69 32.19
N HIS A 77 -24.48 -12.49 30.91
CA HIS A 77 -25.09 -11.24 30.48
C HIS A 77 -26.51 -11.12 31.02
N PRO A 78 -26.85 -10.04 31.73
CA PRO A 78 -28.20 -9.94 32.29
C PRO A 78 -29.28 -9.82 31.24
N ALA A 79 -29.00 -9.14 30.12
CA ALA A 79 -30.03 -8.91 29.11
C ALA A 79 -30.46 -10.21 28.44
N LEU A 80 -29.66 -11.27 28.61
CA LEU A 80 -30.02 -12.56 28.02
C LEU A 80 -31.28 -13.12 28.65
N ASN A 81 -31.52 -12.81 29.92
CA ASN A 81 -32.72 -13.28 30.60
C ASN A 81 -33.85 -12.28 30.37
N TYR A 82 -34.89 -12.70 29.67
CA TYR A 82 -36.03 -11.87 29.33
C TYR A 82 -37.15 -12.13 30.33
N ASN A 83 -37.84 -11.07 30.73
CA ASN A 83 -39.00 -11.24 31.60
C ASN A 83 -40.20 -11.71 30.78
N ILE A 84 -40.84 -12.78 31.23
CA ILE A 84 -41.96 -13.38 30.50
C ILE A 84 -43.24 -12.99 31.21
N VAL A 85 -44.07 -12.20 30.53
CA VAL A 85 -45.34 -11.73 31.08
C VAL A 85 -46.43 -12.69 30.63
N SER A 86 -47.14 -13.29 31.58
CA SER A 86 -48.19 -14.25 31.27
C SER A 86 -49.54 -13.53 31.25
N GLY A 87 -49.70 -12.67 30.27
CA GLY A 87 -50.91 -11.90 30.10
C GLY A 87 -50.63 -10.54 29.52
N PRO A 88 -51.68 -9.72 29.35
CA PRO A 88 -51.48 -8.36 28.86
C PRO A 88 -50.67 -7.55 29.84
N PRO A 89 -49.77 -6.69 29.36
CA PRO A 89 -49.01 -5.81 30.26
C PRO A 89 -49.90 -4.67 30.74
N SER A 90 -50.34 -4.75 31.99
CA SER A 90 -51.29 -3.78 32.51
C SER A 90 -51.14 -3.72 34.02
N HIS A 91 -51.93 -2.84 34.63
CA HIS A 91 -52.01 -2.78 36.08
C HIS A 91 -52.44 -4.14 36.63
N LYS A 92 -51.77 -4.56 37.71
CA LYS A 92 -51.97 -5.91 38.27
C LYS A 92 -51.62 -6.98 37.25
N THR A 93 -50.42 -6.89 36.67
CA THR A 93 -49.98 -7.86 35.69
C THR A 93 -49.46 -9.12 36.38
N VAL A 94 -48.88 -10.02 35.60
CA VAL A 94 -48.27 -11.25 36.08
C VAL A 94 -46.92 -11.39 35.40
N VAL A 95 -45.85 -11.06 36.10
CA VAL A 95 -44.49 -11.12 35.56
C VAL A 95 -43.77 -12.31 36.19
N ASN A 96 -43.22 -13.17 35.34
CA ASN A 96 -42.46 -14.35 35.77
C ASN A 96 -43.29 -15.26 36.66
N GLY A 97 -44.60 -15.33 36.42
CA GLY A 97 -45.45 -16.16 37.23
C GLY A 97 -45.81 -15.60 38.58
N LYS A 98 -45.43 -14.35 38.87
CA LYS A 98 -45.73 -13.69 40.13
C LYS A 98 -46.60 -12.49 39.87
N GLU A 99 -47.68 -12.34 40.63
CA GLU A 99 -48.57 -11.20 40.47
C GLU A 99 -47.89 -9.94 41.00
N CYS A 100 -47.96 -8.86 40.23
CA CYS A 100 -47.26 -7.63 40.55
C CYS A 100 -48.07 -6.43 40.06
N ILE A 101 -47.78 -5.27 40.64
CA ILE A 101 -48.34 -4.01 40.16
C ILE A 101 -47.36 -3.37 39.20
N ASN A 102 -47.87 -2.91 38.05
CA ASN A 102 -47.02 -2.48 36.94
C ASN A 102 -46.50 -1.07 37.23
N PHE A 103 -45.19 -0.97 37.46
CA PHE A 103 -44.48 0.30 37.58
C PHE A 103 -43.39 0.45 36.54
N ALA A 104 -43.52 -0.19 35.39
CA ALA A 104 -42.42 -0.30 34.45
C ALA A 104 -42.79 -0.07 32.99
N SER A 105 -44.08 -0.01 32.65
CA SER A 105 -44.52 0.08 31.26
C SER A 105 -45.02 1.48 30.97
N PHE A 106 -44.56 2.04 29.85
CA PHE A 106 -44.94 3.40 29.44
C PHE A 106 -46.38 3.41 28.94
N ASN A 107 -47.30 3.34 29.89
CA ASN A 107 -48.73 3.51 29.62
C ASN A 107 -49.25 4.54 30.60
N PHE A 108 -49.09 5.82 30.27
CA PHE A 108 -49.40 6.87 31.23
C PHE A 108 -50.90 7.02 31.42
N LEU A 109 -51.62 7.25 30.33
CA LEU A 109 -53.05 7.54 30.40
C LEU A 109 -53.90 6.31 30.69
N GLY A 110 -53.32 5.11 30.63
CA GLY A 110 -54.10 3.91 30.89
C GLY A 110 -55.15 3.62 29.85
N LEU A 111 -54.85 3.88 28.57
CA LEU A 111 -55.77 3.63 27.48
C LEU A 111 -55.58 2.28 26.83
N LEU A 112 -54.66 1.45 27.33
CA LEU A 112 -54.45 0.14 26.75
C LEU A 112 -55.67 -0.76 26.95
N ASP A 113 -56.28 -0.71 28.13
CA ASP A 113 -57.42 -1.55 28.46
C ASP A 113 -58.75 -0.82 28.41
N ASN A 114 -58.80 0.38 27.84
CA ASN A 114 -60.07 1.09 27.76
C ASN A 114 -61.00 0.34 26.81
N PRO A 115 -62.20 -0.06 27.26
CA PRO A 115 -63.08 -0.85 26.39
C PRO A 115 -63.48 -0.16 25.09
N ARG A 116 -63.55 1.17 25.08
CA ARG A 116 -63.89 1.87 23.84
C ARG A 116 -62.82 1.65 22.78
N VAL A 117 -61.55 1.67 23.18
CA VAL A 117 -60.46 1.43 22.24
C VAL A 117 -60.56 0.02 21.65
N LYS A 118 -60.82 -0.97 22.50
CA LYS A 118 -60.97 -2.34 22.02
C LYS A 118 -62.15 -2.47 21.07
N ALA A 119 -63.27 -1.82 21.39
CA ALA A 119 -64.45 -1.90 20.52
C ALA A 119 -64.17 -1.28 19.16
N ALA A 120 -63.52 -0.11 19.15
CA ALA A 120 -63.19 0.52 17.86
C ALA A 120 -62.23 -0.34 17.06
N ALA A 121 -61.22 -0.90 17.73
CA ALA A 121 -60.27 -1.76 17.02
C ALA A 121 -60.97 -2.99 16.46
N LEU A 122 -61.91 -3.56 17.21
CA LEU A 122 -62.62 -4.73 16.72
C LEU A 122 -63.49 -4.40 15.52
N ALA A 123 -64.18 -3.26 15.56
CA ALA A 123 -64.99 -2.85 14.42
C ALA A 123 -64.13 -2.67 13.17
N SER A 124 -62.99 -1.99 13.32
CA SER A 124 -62.13 -1.78 12.16
C SER A 124 -61.48 -3.08 11.70
N LEU A 125 -61.24 -4.01 12.62
CA LEU A 125 -60.72 -5.32 12.24
C LEU A 125 -61.72 -6.10 11.42
N LYS A 126 -62.99 -6.04 11.82
CA LYS A 126 -64.03 -6.70 11.02
C LYS A 126 -64.18 -6.03 9.66
N LYS A 127 -64.03 -4.71 9.60
CA LYS A 127 -64.22 -4.01 8.33
C LYS A 127 -63.07 -4.25 7.36
N TYR A 128 -61.82 -4.16 7.83
CA TYR A 128 -60.67 -4.16 6.95
C TYR A 128 -59.78 -5.40 7.03
N GLY A 129 -59.64 -6.00 8.21
CA GLY A 129 -58.67 -7.06 8.39
C GLY A 129 -57.44 -6.60 9.16
N VAL A 130 -56.39 -7.42 9.09
CA VAL A 130 -55.19 -7.14 9.88
C VAL A 130 -54.13 -6.43 9.03
N GLY A 131 -53.93 -6.87 7.80
CA GLY A 131 -52.82 -6.42 6.98
C GLY A 131 -53.24 -5.42 5.93
N THR A 132 -52.32 -4.52 5.57
CA THR A 132 -52.59 -3.55 4.51
C THR A 132 -52.04 -4.04 3.17
N CYS A 133 -50.94 -4.79 3.19
CA CYS A 133 -50.38 -5.45 2.02
C CYS A 133 -49.87 -4.48 0.96
N GLY A 134 -49.06 -3.51 1.35
CA GLY A 134 -48.41 -2.65 0.38
C GLY A 134 -47.99 -1.32 0.95
N PRO A 135 -47.07 -0.63 0.26
CA PRO A 135 -46.69 0.72 0.69
C PRO A 135 -47.82 1.70 0.50
N ARG A 136 -47.60 2.92 0.97
CA ARG A 136 -48.62 3.95 0.83
C ARG A 136 -48.84 4.33 -0.62
N GLY A 137 -47.82 4.14 -1.46
CA GLY A 137 -47.95 4.47 -2.87
C GLY A 137 -48.82 3.49 -3.63
N PHE A 138 -48.67 2.19 -3.36
CA PHE A 138 -49.32 1.14 -4.15
C PHE A 138 -50.45 0.51 -3.34
N TYR A 139 -51.63 1.12 -3.38
CA TYR A 139 -52.85 0.52 -2.83
C TYR A 139 -52.66 0.09 -1.37
N GLY A 140 -51.98 0.92 -0.61
CA GLY A 140 -51.78 0.65 0.80
C GLY A 140 -52.36 1.76 1.67
N THR A 141 -52.99 2.73 1.03
CA THR A 141 -53.59 3.85 1.72
C THR A 141 -55.07 3.59 1.92
N PHE A 142 -55.50 3.58 3.18
CA PHE A 142 -56.90 3.41 3.53
C PHE A 142 -57.46 4.76 3.95
N ASP A 143 -58.79 4.81 4.11
CA ASP A 143 -59.40 6.05 4.58
C ASP A 143 -59.11 6.27 6.06
N VAL A 144 -58.82 5.21 6.82
CA VAL A 144 -58.51 5.37 8.23
C VAL A 144 -57.20 6.13 8.40
N HIS A 145 -56.23 5.91 7.50
CA HIS A 145 -54.97 6.61 7.61
C HIS A 145 -55.16 8.12 7.42
N LEU A 146 -55.96 8.50 6.43
CA LEU A 146 -56.24 9.92 6.21
C LEU A 146 -57.03 10.51 7.36
N ASP A 147 -57.99 9.76 7.90
CA ASP A 147 -58.74 10.24 9.06
C ASP A 147 -57.81 10.47 10.25
N LEU A 148 -56.89 9.54 10.51
CA LEU A 148 -55.97 9.68 11.63
C LEU A 148 -55.04 10.87 11.41
N GLU A 149 -54.55 11.05 10.19
CA GLU A 149 -53.68 12.20 9.93
C GLU A 149 -54.41 13.51 10.16
N ASP A 150 -55.66 13.61 9.70
CA ASP A 150 -56.43 14.82 9.93
C ASP A 150 -56.70 15.03 11.43
N ARG A 151 -56.99 13.95 12.15
CA ARG A 151 -57.22 14.08 13.59
C ARG A 151 -55.98 14.59 14.30
N LEU A 152 -54.81 14.06 13.95
CA LEU A 152 -53.57 14.54 14.56
C LEU A 152 -53.34 16.01 14.23
N ALA A 153 -53.57 16.39 12.97
CA ALA A 153 -53.34 17.77 12.55
C ALA A 153 -54.24 18.73 13.32
N LYS A 154 -55.52 18.36 13.49
CA LYS A 154 -56.42 19.22 14.26
C LYS A 154 -56.05 19.25 15.73
N PHE A 155 -55.69 18.10 16.30
CA PHE A 155 -55.39 18.04 17.73
C PHE A 155 -54.16 18.87 18.07
N MET A 156 -53.12 18.81 17.23
CA MET A 156 -51.88 19.52 17.52
C MET A 156 -51.89 20.96 17.04
N LYS A 157 -52.99 21.44 16.44
CA LYS A 157 -53.10 22.80 15.94
C LYS A 157 -52.03 23.10 14.88
N THR A 158 -51.81 22.14 13.99
CA THR A 158 -50.86 22.28 12.90
C THR A 158 -51.55 21.99 11.58
N GLU A 159 -50.90 22.38 10.48
CA GLU A 159 -51.53 22.23 9.17
C GLU A 159 -51.54 20.79 8.70
N GLU A 160 -50.43 20.06 8.89
CA GLU A 160 -50.35 18.72 8.33
C GLU A 160 -49.57 17.80 9.26
N ALA A 161 -49.87 16.50 9.14
CA ALA A 161 -49.21 15.46 9.89
C ALA A 161 -49.03 14.22 9.00
N ILE A 162 -48.00 13.44 9.30
CA ILE A 162 -47.65 12.24 8.57
C ILE A 162 -47.43 11.12 9.57
N ILE A 163 -47.89 9.92 9.26
CA ILE A 163 -47.82 8.80 10.18
C ILE A 163 -46.93 7.71 9.61
N TYR A 164 -46.03 7.20 10.44
CA TYR A 164 -45.17 6.07 10.16
C TYR A 164 -45.67 4.86 10.95
N SER A 165 -45.29 3.68 10.48
CA SER A 165 -45.75 2.42 11.08
C SER A 165 -44.81 1.88 12.16
N TYR A 166 -43.79 2.63 12.55
CA TYR A 166 -42.84 2.17 13.56
C TYR A 166 -42.19 3.37 14.22
N GLY A 167 -42.16 3.36 15.55
CA GLY A 167 -41.77 4.56 16.28
C GLY A 167 -40.33 4.98 16.05
N PHE A 168 -39.41 4.01 16.04
CA PHE A 168 -38.01 4.32 15.77
C PHE A 168 -37.84 4.97 14.40
N ALA A 169 -38.48 4.39 13.38
CA ALA A 169 -38.36 4.88 12.02
C ALA A 169 -38.88 6.31 11.88
N THR A 170 -39.81 6.74 12.73
CA THR A 170 -40.36 8.09 12.61
C THR A 170 -39.25 9.12 12.57
N ILE A 171 -38.49 9.25 13.65
CA ILE A 171 -37.42 10.24 13.68
C ILE A 171 -36.18 9.76 12.92
N ALA A 172 -35.89 8.45 12.91
CA ALA A 172 -34.70 7.99 12.21
C ALA A 172 -34.82 8.20 10.71
N SER A 173 -36.02 8.48 10.21
CA SER A 173 -36.22 8.78 8.80
C SER A 173 -36.65 10.22 8.57
N ALA A 174 -37.15 10.90 9.61
CA ALA A 174 -37.46 12.32 9.46
C ALA A 174 -36.20 13.17 9.45
N ILE A 175 -35.23 12.85 10.29
CA ILE A 175 -34.03 13.68 10.38
C ILE A 175 -33.20 13.65 9.09
N PRO A 176 -32.86 12.48 8.52
CA PRO A 176 -32.02 12.50 7.32
C PRO A 176 -32.66 13.15 6.11
N ALA A 177 -33.99 13.27 6.08
CA ALA A 177 -34.66 13.81 4.91
C ALA A 177 -34.30 15.27 4.68
N TYR A 178 -34.20 16.05 5.75
CA TYR A 178 -33.93 17.48 5.65
C TYR A 178 -32.46 17.83 5.77
N SER A 179 -31.68 17.07 6.54
CA SER A 179 -30.27 17.32 6.74
C SER A 179 -29.46 16.50 5.76
N LYS A 180 -28.60 17.15 5.01
CA LYS A 180 -27.76 16.49 4.01
C LYS A 180 -26.29 16.66 4.38
N ARG A 181 -25.41 16.20 3.49
CA ARG A 181 -23.98 16.32 3.74
C ARG A 181 -23.55 17.78 3.68
N GLY A 182 -22.66 18.15 4.60
CA GLY A 182 -22.14 19.50 4.65
C GLY A 182 -22.90 20.46 5.53
N ASP A 183 -24.00 20.03 6.15
CA ASP A 183 -24.74 20.91 7.03
C ASP A 183 -24.27 20.76 8.47
N ILE A 184 -24.85 21.58 9.35
CA ILE A 184 -24.47 21.64 10.76
C ILE A 184 -25.69 21.31 11.60
N VAL A 185 -25.51 20.39 12.56
CA VAL A 185 -26.58 20.00 13.48
C VAL A 185 -26.07 20.15 14.90
N PHE A 186 -26.79 20.93 15.70
CA PHE A 186 -26.45 21.13 17.11
C PHE A 186 -27.43 20.33 17.95
N VAL A 187 -27.03 19.11 18.33
CA VAL A 187 -27.91 18.16 19.00
C VAL A 187 -27.48 18.04 20.45
N ASP A 188 -28.47 17.94 21.34
CA ASP A 188 -28.19 17.76 22.77
C ASP A 188 -27.36 16.51 22.98
N ARG A 189 -26.61 16.49 24.08
CA ARG A 189 -25.73 15.37 24.36
C ARG A 189 -26.53 14.14 24.78
N ALA A 190 -27.53 14.31 25.64
CA ALA A 190 -28.29 13.19 26.19
C ALA A 190 -29.56 13.01 25.36
N ALA A 191 -29.39 12.59 24.11
CA ALA A 191 -30.52 12.35 23.22
C ALA A 191 -30.62 10.85 22.95
N CYS A 192 -31.86 10.38 22.78
CA CYS A 192 -32.13 8.96 22.66
C CYS A 192 -31.41 8.35 21.46
N PHE A 193 -31.41 7.02 21.41
CA PHE A 193 -30.71 6.32 20.34
C PHE A 193 -31.36 6.55 18.99
N ALA A 194 -32.67 6.80 18.97
CA ALA A 194 -33.34 7.06 17.70
C ALA A 194 -32.78 8.29 17.01
N ILE A 195 -32.59 9.37 17.77
CA ILE A 195 -32.01 10.59 17.21
C ILE A 195 -30.57 10.36 16.79
N GLN A 196 -29.83 9.57 17.56
CA GLN A 196 -28.44 9.29 17.19
C GLN A 196 -28.36 8.55 15.87
N LYS A 197 -29.23 7.55 15.66
CA LYS A 197 -29.22 6.84 14.40
C LYS A 197 -29.71 7.71 13.25
N GLY A 198 -30.68 8.59 13.53
CA GLY A 198 -31.10 9.54 12.51
C GLY A 198 -29.97 10.45 12.08
N LEU A 199 -29.15 10.88 13.03
CA LEU A 199 -28.03 11.78 12.72
C LEU A 199 -26.90 11.01 12.06
N GLN A 200 -26.78 9.71 12.32
CA GLN A 200 -25.77 8.93 11.63
C GLN A 200 -26.16 8.64 10.19
N ALA A 201 -27.47 8.47 9.94
CA ALA A 201 -27.92 8.21 8.58
C ALA A 201 -27.61 9.37 7.66
N SER A 202 -27.88 10.60 8.11
CA SER A 202 -27.42 11.78 7.39
C SER A 202 -25.94 11.99 7.66
N ARG A 203 -25.25 12.60 6.70
CA ARG A 203 -23.81 12.75 6.78
C ARG A 203 -23.37 14.13 7.23
N SER A 204 -24.28 14.93 7.79
CA SER A 204 -23.95 16.29 8.20
C SER A 204 -22.98 16.27 9.37
N ASP A 205 -22.45 17.46 9.69
CA ASP A 205 -21.53 17.59 10.80
C ASP A 205 -22.29 17.82 12.10
N ILE A 206 -22.03 16.97 13.08
CA ILE A 206 -22.76 16.98 14.34
C ILE A 206 -21.95 17.72 15.39
N LYS A 207 -22.56 18.72 16.01
CA LYS A 207 -21.98 19.44 17.13
C LYS A 207 -22.79 19.12 18.38
N LEU A 208 -22.12 18.65 19.42
CA LEU A 208 -22.77 18.22 20.64
C LEU A 208 -22.54 19.25 21.74
N PHE A 209 -23.63 19.64 22.42
CA PHE A 209 -23.54 20.59 23.50
C PHE A 209 -24.06 19.96 24.79
N LYS A 210 -23.69 20.59 25.91
CA LYS A 210 -23.98 20.03 27.23
C LYS A 210 -25.49 19.98 27.46
N HIS A 211 -25.90 18.99 28.25
CA HIS A 211 -27.32 18.78 28.51
C HIS A 211 -27.94 20.01 29.16
N ASN A 212 -28.86 20.66 28.43
CA ASN A 212 -29.60 21.83 28.91
C ASN A 212 -28.67 22.96 29.34
N ASP A 213 -27.63 23.21 28.54
CA ASP A 213 -26.76 24.37 28.72
C ASP A 213 -26.85 25.26 27.49
N MET A 214 -27.56 26.37 27.61
CA MET A 214 -27.60 27.37 26.56
C MET A 214 -26.31 28.18 26.46
N ALA A 215 -25.46 28.14 27.49
CA ALA A 215 -24.13 28.72 27.36
C ALA A 215 -23.33 27.99 26.29
N ASP A 216 -23.36 26.67 26.30
CA ASP A 216 -22.63 25.89 25.30
C ASP A 216 -23.25 26.06 23.92
N LEU A 217 -24.58 26.14 23.85
CA LEU A 217 -25.23 26.39 22.57
C LEU A 217 -24.84 27.75 22.01
N GLU A 218 -24.83 28.79 22.85
CA GLU A 218 -24.39 30.10 22.41
C GLU A 218 -22.94 30.07 21.94
N ARG A 219 -22.08 29.39 22.68
CA ARG A 219 -20.67 29.32 22.32
C ARG A 219 -20.48 28.64 20.96
N LEU A 220 -21.18 27.52 20.74
CA LEU A 220 -21.06 26.82 19.47
C LEU A 220 -21.63 27.65 18.32
N LEU A 221 -22.75 28.32 18.55
CA LEU A 221 -23.33 29.16 17.51
C LEU A 221 -22.40 30.31 17.15
N LYS A 222 -21.75 30.92 18.15
CA LYS A 222 -20.82 32.01 17.86
C LYS A 222 -19.59 31.51 17.11
N GLU A 223 -19.09 30.32 17.47
CA GLU A 223 -17.97 29.76 16.71
C GLU A 223 -18.37 29.52 15.26
N GLN A 224 -19.58 29.01 15.03
CA GLN A 224 -20.03 28.81 13.66
C GLN A 224 -20.20 30.15 12.94
N GLU A 225 -20.63 31.18 13.66
CA GLU A 225 -20.74 32.51 13.06
C GLU A 225 -19.38 33.02 12.62
N ILE A 226 -18.35 32.82 13.44
CA ILE A 226 -16.99 33.20 13.05
C ILE A 226 -16.57 32.45 11.80
N GLU A 227 -16.82 31.14 11.76
CA GLU A 227 -16.43 30.35 10.59
C GLU A 227 -17.19 30.81 9.36
N ASP A 228 -18.44 31.26 9.52
CA ASP A 228 -19.18 31.84 8.41
C ASP A 228 -18.52 33.14 7.94
N GLN A 229 -18.10 33.98 8.89
CA GLN A 229 -17.39 35.20 8.52
C GLN A 229 -16.12 34.89 7.74
N LYS A 230 -15.52 33.72 7.97
CA LYS A 230 -14.34 33.35 7.20
C LYS A 230 -14.67 33.16 5.72
N ASN A 231 -15.83 32.58 5.40
CA ASN A 231 -16.20 32.26 4.01
C ASN A 231 -17.69 32.48 3.80
N PRO A 232 -18.07 33.62 3.23
CA PRO A 232 -19.51 33.89 3.03
C PRO A 232 -20.17 33.00 1.99
N ARG A 233 -19.46 32.63 0.92
CA ARG A 233 -20.07 31.85 -0.15
C ARG A 233 -20.54 30.50 0.34
N LYS A 234 -19.71 29.80 1.13
CA LYS A 234 -20.12 28.53 1.70
C LYS A 234 -21.23 28.74 2.73
N ALA A 235 -21.15 29.81 3.51
CA ALA A 235 -22.16 30.07 4.53
C ALA A 235 -23.51 30.41 3.92
N ARG A 236 -23.53 30.71 2.62
CA ARG A 236 -24.81 30.98 1.97
C ARG A 236 -25.60 29.71 1.72
N VAL A 237 -24.92 28.57 1.58
CA VAL A 237 -25.56 27.32 1.19
C VAL A 237 -25.48 26.27 2.29
N THR A 238 -25.31 26.69 3.54
CA THR A 238 -25.26 25.77 4.67
C THR A 238 -26.43 26.04 5.61
N ARG A 239 -27.13 24.97 5.98
CA ARG A 239 -28.31 25.05 6.83
C ARG A 239 -27.95 24.55 8.23
N ARG A 240 -28.62 25.10 9.24
CA ARG A 240 -28.34 24.78 10.63
C ARG A 240 -29.59 24.33 11.35
N PHE A 241 -29.51 23.20 12.04
CA PHE A 241 -30.63 22.63 12.76
C PHE A 241 -30.26 22.43 14.22
N ILE A 242 -31.25 22.50 15.09
CA ILE A 242 -31.11 22.24 16.52
C ILE A 242 -32.10 21.16 16.89
N VAL A 243 -31.60 19.98 17.22
CA VAL A 243 -32.45 18.82 17.50
C VAL A 243 -32.49 18.66 19.01
N VAL A 244 -33.69 18.80 19.59
CA VAL A 244 -33.85 18.64 21.02
C VAL A 244 -35.08 17.79 21.29
N GLU A 245 -35.18 17.29 22.51
CA GLU A 245 -36.30 16.47 22.95
C GLU A 245 -37.10 17.22 24.02
N GLY A 246 -38.43 17.14 23.91
CA GLY A 246 -39.27 17.90 24.82
C GLY A 246 -39.13 17.45 26.27
N LEU A 247 -39.17 16.14 26.51
CA LEU A 247 -38.95 15.58 27.82
C LEU A 247 -38.01 14.38 27.66
N TYR A 248 -36.79 14.52 28.15
CA TYR A 248 -35.71 13.61 27.79
C TYR A 248 -35.97 12.20 28.32
N MET A 249 -35.53 11.21 27.55
CA MET A 249 -35.70 9.82 27.94
C MET A 249 -34.63 9.38 28.92
N ASN A 250 -33.37 9.71 28.63
CA ASN A 250 -32.27 9.22 29.45
C ASN A 250 -32.19 9.95 30.78
N THR A 251 -32.53 11.23 30.81
CA THR A 251 -32.37 12.05 32.00
C THR A 251 -33.68 12.33 32.73
N GLY A 252 -34.79 12.48 32.02
CA GLY A 252 -36.05 12.79 32.67
C GLY A 252 -36.22 14.25 33.03
N THR A 253 -35.55 15.15 32.32
CA THR A 253 -35.64 16.58 32.56
C THR A 253 -36.20 17.27 31.32
N ILE A 254 -36.97 18.33 31.56
CA ILE A 254 -37.60 19.09 30.49
C ILE A 254 -36.56 20.03 29.86
N CYS A 255 -36.89 20.60 28.71
CA CYS A 255 -35.96 21.49 28.02
C CYS A 255 -36.46 22.92 28.06
N PRO A 256 -35.55 23.90 28.10
CA PRO A 256 -35.96 25.31 28.12
C PRO A 256 -36.25 25.88 26.75
N LEU A 257 -37.49 25.73 26.28
CA LEU A 257 -37.84 26.20 24.94
C LEU A 257 -37.60 27.69 24.70
N PRO A 258 -38.06 28.62 25.55
CA PRO A 258 -37.98 30.05 25.17
C PRO A 258 -36.58 30.51 24.78
N GLU A 259 -35.57 30.06 25.52
CA GLU A 259 -34.19 30.39 25.15
C GLU A 259 -33.81 29.78 23.81
N LEU A 260 -34.26 28.56 23.55
CA LEU A 260 -33.98 27.93 22.26
C LEU A 260 -34.62 28.70 21.12
N VAL A 261 -35.86 29.16 21.30
CA VAL A 261 -36.55 29.91 20.25
C VAL A 261 -35.84 31.23 20.00
N LYS A 262 -35.44 31.93 21.07
CA LYS A 262 -34.73 33.18 20.89
C LYS A 262 -33.40 32.97 20.18
N LEU A 263 -32.67 31.90 20.54
CA LEU A 263 -31.42 31.62 19.83
C LEU A 263 -31.68 31.25 18.38
N LYS A 264 -32.80 30.59 18.09
CA LYS A 264 -33.17 30.33 16.71
C LYS A 264 -33.32 31.62 15.93
N TYR A 265 -34.11 32.55 16.45
CA TYR A 265 -34.35 33.78 15.71
C TYR A 265 -33.13 34.69 15.72
N LYS A 266 -32.17 34.43 16.60
CA LYS A 266 -30.97 35.25 16.63
C LYS A 266 -29.90 34.72 15.69
N TYR A 267 -29.83 33.41 15.48
CA TYR A 267 -28.73 32.80 14.75
C TYR A 267 -29.16 32.02 13.51
N LYS A 268 -30.43 32.11 13.13
CA LYS A 268 -30.91 31.56 11.85
C LYS A 268 -30.72 30.04 11.76
N ALA A 269 -31.27 29.30 12.73
CA ALA A 269 -31.15 27.85 12.77
C ALA A 269 -32.48 27.22 13.18
N ARG A 270 -33.01 26.35 12.33
CA ARG A 270 -34.33 25.77 12.57
C ARG A 270 -34.27 24.77 13.72
N ILE A 271 -35.44 24.40 14.24
CA ILE A 271 -35.56 23.58 15.44
C ILE A 271 -36.37 22.33 15.12
N PHE A 272 -35.83 21.17 15.47
CA PHE A 272 -36.53 19.90 15.39
C PHE A 272 -36.79 19.39 16.79
N LEU A 273 -38.06 19.15 17.12
CA LEU A 273 -38.46 18.76 18.46
C LEU A 273 -38.91 17.31 18.47
N GLU A 274 -38.45 16.57 19.48
CA GLU A 274 -38.86 15.20 19.73
C GLU A 274 -39.76 15.18 20.96
N GLU A 275 -40.98 14.66 20.80
CA GLU A 275 -41.98 14.73 21.85
C GLU A 275 -42.59 13.35 22.09
N SER A 276 -41.72 12.35 22.22
CA SER A 276 -42.20 10.99 22.47
C SER A 276 -42.81 10.87 23.86
N LEU A 277 -42.19 11.51 24.86
CA LEU A 277 -42.64 11.33 26.24
C LEU A 277 -43.61 12.44 26.65
N SER A 278 -43.49 13.62 26.06
CA SER A 278 -44.27 14.77 26.48
C SER A 278 -45.54 14.98 25.66
N PHE A 279 -45.81 14.11 24.68
CA PHE A 279 -46.93 14.35 23.79
C PHE A 279 -48.27 14.31 24.53
N GLY A 280 -48.45 13.35 25.42
CA GLY A 280 -49.75 13.19 26.04
C GLY A 280 -49.78 13.40 27.54
N VAL A 281 -48.72 14.01 28.10
CA VAL A 281 -48.62 14.16 29.55
C VAL A 281 -48.45 15.61 29.97
N LEU A 282 -47.96 16.50 29.11
CA LEU A 282 -47.62 17.86 29.49
C LEU A 282 -48.56 18.85 28.84
N GLY A 283 -48.86 19.93 29.55
CA GLY A 283 -49.78 20.92 29.07
C GLY A 283 -51.20 20.68 29.57
N GLU A 284 -52.00 21.74 29.52
CA GLU A 284 -53.38 21.64 30.00
C GLU A 284 -54.18 20.64 29.17
N HIS A 285 -54.03 20.68 27.85
CA HIS A 285 -54.75 19.80 26.95
C HIS A 285 -53.86 18.67 26.41
N GLY A 286 -52.66 18.52 26.94
CA GLY A 286 -51.77 17.47 26.48
C GLY A 286 -51.31 17.64 25.05
N ARG A 287 -50.87 18.84 24.68
CA ARG A 287 -50.31 19.09 23.36
C ARG A 287 -48.79 19.14 23.37
N GLY A 288 -48.16 18.81 24.48
CA GLY A 288 -46.72 18.72 24.53
C GLY A 288 -46.10 19.83 25.35
N VAL A 289 -44.79 20.00 25.16
CA VAL A 289 -44.04 21.00 25.90
C VAL A 289 -44.36 22.40 25.40
N THR A 290 -44.78 22.53 24.14
CA THR A 290 -45.14 23.85 23.62
C THR A 290 -46.30 24.45 24.40
N GLU A 291 -47.33 23.65 24.68
CA GLU A 291 -48.44 24.14 25.50
C GLU A 291 -48.00 24.39 26.93
N HIS A 292 -47.12 23.55 27.47
CA HIS A 292 -46.67 23.73 28.84
C HIS A 292 -45.95 25.06 29.00
N TYR A 293 -45.16 25.45 28.00
CA TYR A 293 -44.46 26.73 28.02
C TYR A 293 -45.28 27.86 27.42
N GLY A 294 -46.33 27.56 26.66
CA GLY A 294 -47.09 28.59 25.99
C GLY A 294 -46.48 29.09 24.69
N ILE A 295 -45.32 28.56 24.30
CA ILE A 295 -44.68 28.99 23.06
C ILE A 295 -45.58 28.64 21.88
N ASN A 296 -45.58 29.51 20.87
CA ASN A 296 -46.44 29.31 19.72
C ASN A 296 -46.03 28.06 18.94
N ILE A 297 -47.03 27.35 18.41
CA ILE A 297 -46.78 26.10 17.70
C ILE A 297 -46.01 26.36 16.40
N ASP A 298 -46.14 27.55 15.82
CA ASP A 298 -45.53 27.82 14.52
C ASP A 298 -44.04 28.08 14.63
N ASP A 299 -43.54 28.38 15.82
CA ASP A 299 -42.11 28.65 15.97
C ASP A 299 -41.28 27.40 15.69
N ILE A 300 -41.75 26.24 16.13
CA ILE A 300 -41.01 24.99 15.94
C ILE A 300 -41.32 24.44 14.56
N ASP A 301 -40.27 24.15 13.79
CA ASP A 301 -40.45 23.67 12.41
C ASP A 301 -41.15 22.31 12.39
N LEU A 302 -40.50 21.30 12.96
CA LEU A 302 -40.97 19.91 12.89
C LEU A 302 -41.11 19.36 14.30
N ILE A 303 -42.23 18.70 14.57
CA ILE A 303 -42.47 18.08 15.87
C ILE A 303 -42.78 16.61 15.65
N SER A 304 -41.93 15.73 16.21
CA SER A 304 -42.10 14.29 16.04
C SER A 304 -42.58 13.69 17.34
N ALA A 305 -43.23 12.54 17.24
CA ALA A 305 -43.67 11.79 18.41
C ALA A 305 -44.01 10.38 17.97
N ASN A 306 -44.35 9.53 18.93
CA ASN A 306 -44.85 8.20 18.61
C ASN A 306 -46.12 7.91 19.39
N MET A 307 -46.96 7.07 18.80
CA MET A 307 -48.27 6.74 19.33
C MET A 307 -48.22 5.54 20.27
N GLU A 308 -47.03 5.18 20.77
CA GLU A 308 -46.87 3.92 21.47
C GLU A 308 -46.94 4.12 22.99
N ASN A 309 -46.44 5.23 23.50
CA ASN A 309 -46.38 5.42 24.94
C ASN A 309 -47.72 5.81 25.52
N ALA A 310 -48.25 6.96 25.11
CA ALA A 310 -49.50 7.47 25.67
C ALA A 310 -50.73 6.91 24.97
N LEU A 311 -50.70 6.79 23.65
CA LEU A 311 -51.87 6.35 22.89
C LEU A 311 -52.03 4.83 22.88
N ALA A 312 -51.01 4.09 23.29
CA ALA A 312 -51.08 2.62 23.39
C ALA A 312 -51.44 1.97 22.05
N SER A 313 -50.63 2.24 21.03
CA SER A 313 -50.75 1.57 19.74
C SER A 313 -49.42 1.71 19.00
N ILE A 314 -49.19 0.85 18.03
CA ILE A 314 -47.92 0.88 17.31
C ILE A 314 -47.94 1.96 16.25
N GLY A 315 -46.86 2.72 16.16
CA GLY A 315 -46.74 3.70 15.10
C GLY A 315 -45.92 4.90 15.55
N GLY A 316 -46.01 5.96 14.75
CA GLY A 316 -45.39 7.23 15.07
C GLY A 316 -45.88 8.28 14.12
N PHE A 317 -45.53 9.54 14.39
CA PHE A 317 -45.97 10.61 13.51
C PHE A 317 -45.05 11.81 13.61
N CYS A 318 -45.13 12.66 12.58
CA CYS A 318 -44.44 13.95 12.53
C CYS A 318 -45.43 14.99 12.05
N CYS A 319 -45.43 16.15 12.69
CA CYS A 319 -46.40 17.19 12.38
C CYS A 319 -45.71 18.54 12.18
N GLY A 320 -46.35 19.38 11.37
CA GLY A 320 -45.83 20.69 11.09
C GLY A 320 -46.62 21.33 9.95
N ARG A 321 -46.04 22.41 9.42
CA ARG A 321 -46.61 23.06 8.25
C ARG A 321 -46.42 22.21 7.01
N SER A 322 -47.25 22.44 6.00
CA SER A 322 -47.20 21.64 4.79
C SER A 322 -45.85 21.77 4.09
N PHE A 323 -45.18 22.92 4.25
CA PHE A 323 -43.91 23.16 3.57
C PHE A 323 -42.87 22.14 3.98
N VAL A 324 -42.85 21.76 5.26
CA VAL A 324 -41.84 20.80 5.73
C VAL A 324 -42.38 19.38 5.65
N ILE A 325 -43.66 19.18 5.89
CA ILE A 325 -44.22 17.84 5.97
C ILE A 325 -44.30 17.19 4.59
N ASP A 326 -44.63 17.97 3.55
CA ASP A 326 -44.88 17.37 2.25
C ASP A 326 -43.61 16.77 1.66
N HIS A 327 -42.45 17.09 2.22
CA HIS A 327 -41.20 16.54 1.71
C HIS A 327 -41.01 15.09 2.16
N GLN A 328 -41.49 14.76 3.35
CA GLN A 328 -41.26 13.43 3.91
C GLN A 328 -42.04 12.37 3.13
N ARG A 329 -43.14 12.75 2.49
CA ARG A 329 -43.93 11.77 1.75
C ARG A 329 -43.14 11.18 0.59
N LEU A 330 -42.20 11.95 0.05
CA LEU A 330 -41.40 11.52 -1.09
C LEU A 330 -39.93 11.33 -0.75
N SER A 331 -39.51 11.64 0.47
CA SER A 331 -38.11 11.45 0.83
C SER A 331 -37.89 10.60 2.07
N GLY A 332 -38.93 10.25 2.81
CA GLY A 332 -38.75 9.42 3.98
C GLY A 332 -38.61 7.96 3.65
N GLN A 333 -37.52 7.33 4.10
CA GLN A 333 -37.29 5.92 3.77
C GLN A 333 -38.32 5.02 4.45
N GLY A 334 -38.58 5.23 5.73
CA GLY A 334 -39.53 4.39 6.42
C GLY A 334 -40.95 4.58 5.93
N TYR A 335 -41.17 5.62 5.12
CA TYR A 335 -42.50 5.88 4.58
C TYR A 335 -42.63 5.35 3.15
N CYS A 336 -41.62 5.62 2.32
CA CYS A 336 -41.70 5.25 0.92
C CYS A 336 -41.53 3.74 0.72
N PHE A 337 -40.67 3.11 1.50
CA PHE A 337 -40.28 1.73 1.24
C PHE A 337 -40.72 0.77 2.33
N SER A 338 -41.96 0.88 2.81
CA SER A 338 -42.43 -0.03 3.84
C SER A 338 -43.95 -0.03 3.86
N ALA A 339 -44.51 -1.12 4.37
CA ALA A 339 -45.95 -1.28 4.40
C ALA A 339 -46.57 -0.28 5.37
N SER A 340 -47.84 0.01 5.15
CA SER A 340 -48.53 1.01 5.95
C SER A 340 -49.06 0.41 7.25
N LEU A 341 -49.48 1.29 8.15
CA LEU A 341 -49.96 0.88 9.46
C LEU A 341 -51.24 0.05 9.32
N PRO A 342 -51.36 -1.06 10.04
CA PRO A 342 -52.61 -1.85 10.00
C PRO A 342 -53.80 -1.02 10.42
N PRO A 343 -54.97 -1.25 9.81
CA PRO A 343 -56.12 -0.38 10.10
C PRO A 343 -56.58 -0.42 11.54
N LEU A 344 -56.47 -1.55 12.23
CA LEU A 344 -56.98 -1.64 13.60
C LEU A 344 -56.15 -0.76 14.53
N LEU A 345 -54.84 -0.70 14.33
CA LEU A 345 -54.01 0.17 15.14
C LEU A 345 -54.37 1.64 14.91
N ALA A 346 -54.62 2.02 13.66
CA ALA A 346 -55.04 3.39 13.37
C ALA A 346 -56.37 3.72 14.02
N ALA A 347 -57.33 2.78 13.98
CA ALA A 347 -58.61 3.03 14.62
C ALA A 347 -58.46 3.15 16.13
N ALA A 348 -57.59 2.34 16.73
CA ALA A 348 -57.33 2.47 18.16
C ALA A 348 -56.72 3.83 18.47
N ALA A 349 -55.80 4.31 17.64
CA ALA A 349 -55.22 5.63 17.85
C ALA A 349 -56.27 6.72 17.75
N ILE A 350 -57.17 6.62 16.77
CA ILE A 350 -58.22 7.63 16.62
C ILE A 350 -59.14 7.64 17.84
N GLU A 351 -59.53 6.46 18.32
CA GLU A 351 -60.39 6.39 19.50
C GLU A 351 -59.68 6.94 20.73
N ALA A 352 -58.39 6.66 20.87
CA ALA A 352 -57.63 7.23 21.98
C ALA A 352 -57.58 8.75 21.88
N LEU A 353 -57.42 9.29 20.67
CA LEU A 353 -57.45 10.74 20.49
C LEU A 353 -58.80 11.31 20.90
N ASN A 354 -59.89 10.64 20.53
CA ASN A 354 -61.21 11.10 20.93
C ASN A 354 -61.35 11.12 22.44
N ILE A 355 -60.88 10.06 23.12
CA ILE A 355 -60.96 10.01 24.57
C ILE A 355 -60.13 11.12 25.20
N MET A 356 -58.93 11.36 24.67
CA MET A 356 -58.10 12.45 25.20
C MET A 356 -58.78 13.79 25.03
N GLU A 357 -59.40 14.03 23.88
CA GLU A 357 -60.03 15.33 23.63
C GLU A 357 -61.30 15.50 24.48
N GLU A 358 -61.97 14.40 24.82
CA GLU A 358 -63.22 14.50 25.56
C GLU A 358 -63.01 15.12 26.94
N ASN A 359 -62.25 14.46 27.81
CA ASN A 359 -62.02 14.94 29.17
C ASN A 359 -60.55 15.24 29.40
N PRO A 360 -60.16 16.50 29.48
CA PRO A 360 -58.75 16.85 29.68
C PRO A 360 -58.29 16.93 31.13
N GLY A 361 -59.02 16.36 32.09
CA GLY A 361 -58.58 16.39 33.46
C GLY A 361 -57.61 15.27 33.82
N ILE A 362 -57.52 14.26 32.95
CA ILE A 362 -56.64 13.13 33.23
C ILE A 362 -55.17 13.58 33.22
N PHE A 363 -54.85 14.61 32.45
CA PHE A 363 -53.50 15.17 32.53
C PHE A 363 -53.24 15.75 33.91
N ALA A 364 -54.22 16.43 34.50
CA ALA A 364 -54.06 16.94 35.86
C ALA A 364 -53.92 15.80 36.86
N VAL A 365 -54.68 14.71 36.67
CA VAL A 365 -54.56 13.56 37.56
C VAL A 365 -53.15 12.98 37.48
N LEU A 366 -52.63 12.83 36.27
CA LEU A 366 -51.27 12.32 36.11
C LEU A 366 -50.25 13.26 36.75
N LYS A 367 -50.45 14.57 36.61
CA LYS A 367 -49.55 15.53 37.22
C LYS A 367 -49.53 15.38 38.74
N GLU A 368 -50.70 15.27 39.36
CA GLU A 368 -50.74 15.19 40.81
C GLU A 368 -50.15 13.87 41.30
N LYS A 369 -50.37 12.77 40.57
CA LYS A 369 -49.79 11.51 40.99
C LYS A 369 -48.27 11.50 40.84
N CYS A 370 -47.76 12.09 39.76
CA CYS A 370 -46.31 12.24 39.63
C CYS A 370 -45.75 13.07 40.77
N GLY A 371 -46.44 14.15 41.15
CA GLY A 371 -46.00 14.92 42.29
C GLY A 371 -45.95 14.11 43.57
N GLN A 372 -46.99 13.32 43.82
CA GLN A 372 -47.03 12.52 45.05
C GLN A 372 -45.88 11.52 45.09
N ILE A 373 -45.66 10.79 43.99
CA ILE A 373 -44.61 9.78 44.02
C ILE A 373 -43.23 10.42 44.10
N HIS A 374 -43.03 11.54 43.41
CA HIS A 374 -41.73 12.22 43.46
C HIS A 374 -41.45 12.74 44.86
N LYS A 375 -42.47 13.27 45.53
CA LYS A 375 -42.27 13.72 46.90
C LYS A 375 -41.98 12.55 47.83
N ALA A 376 -42.72 11.46 47.70
CA ALA A 376 -42.55 10.33 48.61
C ALA A 376 -41.18 9.69 48.44
N LEU A 377 -40.70 9.57 47.20
CA LEU A 377 -39.47 8.82 46.96
C LEU A 377 -38.25 9.50 47.58
N GLN A 378 -38.33 10.80 47.85
CA GLN A 378 -37.16 11.52 48.31
C GLN A 378 -36.77 11.10 49.72
N GLY A 379 -35.51 10.67 49.87
CA GLY A 379 -34.99 10.23 51.14
C GLY A 379 -34.25 8.91 51.14
N ILE A 380 -33.92 8.36 49.97
CA ILE A 380 -33.23 7.09 49.91
C ILE A 380 -31.74 7.31 50.18
N SER A 381 -31.16 6.47 51.03
CA SER A 381 -29.74 6.63 51.37
C SER A 381 -28.84 6.20 50.21
N GLY A 382 -29.17 5.08 49.57
CA GLY A 382 -28.29 4.53 48.56
C GLY A 382 -28.67 4.83 47.13
N LEU A 383 -29.79 5.53 46.93
CA LEU A 383 -30.30 5.83 45.61
C LEU A 383 -30.69 7.30 45.54
N LYS A 384 -30.41 7.94 44.40
CA LYS A 384 -30.77 9.33 44.17
C LYS A 384 -31.78 9.42 43.04
N VAL A 385 -32.81 10.24 43.24
CA VAL A 385 -33.84 10.44 42.22
C VAL A 385 -33.33 11.42 41.17
N VAL A 386 -33.40 11.02 39.90
CA VAL A 386 -32.98 11.85 38.79
C VAL A 386 -34.21 12.12 37.93
N GLY A 387 -34.56 13.38 37.77
CA GLY A 387 -35.70 13.76 36.99
C GLY A 387 -36.30 15.05 37.50
N GLU A 388 -37.53 15.32 37.06
CA GLU A 388 -38.25 16.52 37.47
C GLU A 388 -39.64 16.12 37.96
N SER A 389 -40.24 17.01 38.75
CA SER A 389 -41.50 16.69 39.41
C SER A 389 -42.63 16.50 38.40
N LEU A 390 -42.47 17.06 37.19
CA LEU A 390 -43.53 16.96 36.19
C LEU A 390 -43.36 15.73 35.32
N SER A 391 -42.22 15.04 35.45
CA SER A 391 -41.96 13.90 34.59
C SER A 391 -42.74 12.68 35.05
N PRO A 392 -43.35 11.92 34.14
CA PRO A 392 -43.98 10.66 34.56
C PRO A 392 -43.00 9.52 34.73
N ALA A 393 -41.88 9.54 34.01
CA ALA A 393 -40.84 8.52 34.12
C ALA A 393 -39.56 9.18 34.60
N PHE A 394 -39.00 8.67 35.69
CA PHE A 394 -37.73 9.17 36.20
C PHE A 394 -36.85 8.02 36.66
N HIS A 395 -35.59 8.34 36.92
CA HIS A 395 -34.57 7.34 37.21
C HIS A 395 -34.18 7.36 38.68
N LEU A 396 -33.76 6.20 39.16
CA LEU A 396 -33.13 6.06 40.47
C LEU A 396 -31.72 5.55 40.22
N GLN A 397 -30.73 6.40 40.48
CA GLN A 397 -29.35 6.05 40.21
C GLN A 397 -28.61 5.79 41.51
N LEU A 398 -27.43 5.16 41.40
CA LEU A 398 -26.64 4.83 42.57
C LEU A 398 -25.96 6.09 43.11
N GLU A 399 -26.22 6.40 44.38
CA GLU A 399 -25.61 7.57 45.00
C GLU A 399 -24.10 7.42 45.07
N GLU A 400 -23.60 6.26 45.48
CA GLU A 400 -22.18 5.96 45.53
C GLU A 400 -21.87 4.88 44.50
N SER A 401 -21.13 5.25 43.46
CA SER A 401 -20.87 4.38 42.33
C SER A 401 -19.62 3.57 42.58
N THR A 402 -19.69 2.27 42.32
CA THR A 402 -18.52 1.42 42.45
C THR A 402 -17.56 1.66 41.30
N GLY A 403 -16.47 0.88 41.28
CA GLY A 403 -15.48 1.05 40.23
C GLY A 403 -15.97 0.65 38.86
N SER A 404 -16.72 -0.45 38.78
CA SER A 404 -17.11 -1.04 37.51
C SER A 404 -18.63 -0.96 37.31
N ARG A 405 -19.04 -1.02 36.05
CA ARG A 405 -20.47 -0.94 35.73
C ARG A 405 -21.19 -2.25 36.04
N GLU A 406 -20.50 -3.39 35.89
CA GLU A 406 -21.16 -4.67 36.08
C GLU A 406 -21.70 -4.82 37.49
N GLN A 407 -20.93 -4.40 38.49
CA GLN A 407 -21.40 -4.51 39.87
C GLN A 407 -22.57 -3.57 40.11
N ASP A 408 -22.56 -2.38 39.51
CA ASP A 408 -23.69 -1.47 39.63
C ASP A 408 -24.95 -2.10 39.07
N VAL A 409 -24.85 -2.70 37.88
CA VAL A 409 -25.99 -3.36 37.26
C VAL A 409 -26.46 -4.52 38.12
N ARG A 410 -25.53 -5.27 38.71
CA ARG A 410 -25.91 -6.42 39.53
C ARG A 410 -26.62 -5.98 40.80
N LEU A 411 -26.15 -4.92 41.45
CA LEU A 411 -26.85 -4.40 42.62
C LEU A 411 -28.24 -3.91 42.27
N LEU A 412 -28.37 -3.18 41.15
CA LEU A 412 -29.67 -2.69 40.75
C LEU A 412 -30.62 -3.84 40.44
N GLN A 413 -30.11 -4.88 39.76
CA GLN A 413 -30.94 -6.04 39.45
C GLN A 413 -31.36 -6.78 40.71
N GLU A 414 -30.47 -6.86 41.70
CA GLU A 414 -30.82 -7.51 42.95
C GLU A 414 -31.95 -6.75 43.64
N ILE A 415 -31.85 -5.42 43.65
CA ILE A 415 -32.93 -4.60 44.21
C ILE A 415 -34.23 -4.82 43.45
N VAL A 416 -34.15 -4.89 42.11
CA VAL A 416 -35.35 -5.06 41.30
C VAL A 416 -36.01 -6.39 41.59
N ASP A 417 -35.22 -7.46 41.71
CA ASP A 417 -35.79 -8.77 42.01
C ASP A 417 -36.43 -8.80 43.40
N GLN A 418 -35.77 -8.18 44.39
CA GLN A 418 -36.36 -8.12 45.72
C GLN A 418 -37.67 -7.37 45.70
N CYS A 419 -37.74 -6.27 44.94
CA CYS A 419 -38.99 -5.53 44.84
C CYS A 419 -40.06 -6.37 44.14
N MET A 420 -39.68 -7.11 43.10
CA MET A 420 -40.64 -7.95 42.39
C MET A 420 -41.23 -9.01 43.29
N ASN A 421 -40.41 -9.62 44.15
CA ASN A 421 -40.96 -10.56 45.13
C ASN A 421 -41.84 -9.87 46.17
N ARG A 422 -41.82 -8.55 46.23
CA ARG A 422 -42.65 -7.79 47.17
C ARG A 422 -43.87 -7.17 46.50
N SER A 423 -44.25 -7.64 45.31
CA SER A 423 -45.44 -7.24 44.54
C SER A 423 -45.31 -5.89 43.85
N ILE A 424 -44.11 -5.40 43.58
CA ILE A 424 -43.90 -4.17 42.82
C ILE A 424 -43.05 -4.51 41.60
N ALA A 425 -43.56 -4.22 40.40
CA ALA A 425 -42.89 -4.61 39.16
C ALA A 425 -42.08 -3.44 38.63
N LEU A 426 -40.76 -3.57 38.68
CA LEU A 426 -39.86 -2.53 38.22
C LEU A 426 -38.93 -3.08 37.15
N THR A 427 -38.46 -2.20 36.28
CA THR A 427 -37.52 -2.57 35.22
C THR A 427 -36.31 -1.65 35.29
N GLN A 428 -35.19 -2.12 34.76
CA GLN A 428 -33.98 -1.32 34.73
C GLN A 428 -33.73 -0.82 33.31
N ALA A 429 -33.27 0.42 33.19
CA ALA A 429 -33.02 0.99 31.88
C ALA A 429 -31.91 0.24 31.17
N ARG A 430 -32.15 -0.09 29.90
CA ARG A 430 -31.22 -0.88 29.10
C ARG A 430 -30.62 -0.01 28.00
N TYR A 431 -29.34 -0.25 27.68
CA TYR A 431 -28.65 0.48 26.64
C TYR A 431 -27.71 -0.46 25.92
N LEU A 432 -27.33 -0.07 24.70
CA LEU A 432 -26.20 -0.69 24.01
C LEU A 432 -24.93 -0.01 24.49
N GLU A 433 -24.09 -0.76 25.21
CA GLU A 433 -22.92 -0.15 25.83
C GLU A 433 -21.94 0.37 24.80
N LYS A 434 -21.72 -0.38 23.71
CA LYS A 434 -20.70 0.00 22.76
C LYS A 434 -21.15 1.14 21.86
N GLU A 435 -22.44 1.22 21.56
CA GLU A 435 -22.89 2.11 20.50
C GLU A 435 -23.20 3.52 21.01
N GLU A 436 -23.77 3.63 22.21
CA GLU A 436 -24.25 4.92 22.69
C GLU A 436 -23.11 5.93 22.76
N LYS A 437 -23.38 7.14 22.27
CA LYS A 437 -22.38 8.21 22.34
C LYS A 437 -22.10 8.60 23.78
N CYS A 438 -23.10 9.14 24.46
CA CYS A 438 -23.01 9.48 25.88
C CYS A 438 -23.82 8.47 26.67
N LEU A 439 -23.13 7.56 27.35
CA LEU A 439 -23.78 6.41 27.95
C LEU A 439 -24.23 6.77 29.36
N PRO A 440 -25.53 6.74 29.65
CA PRO A 440 -25.99 7.18 30.97
C PRO A 440 -25.62 6.17 32.04
N PRO A 441 -25.56 6.60 33.30
CA PRO A 441 -25.27 5.66 34.38
C PRO A 441 -26.40 4.66 34.53
N PRO A 442 -26.12 3.47 35.04
CA PRO A 442 -27.18 2.48 35.28
C PRO A 442 -28.19 3.02 36.28
N SER A 443 -29.47 2.74 36.03
CA SER A 443 -30.53 3.32 36.83
C SER A 443 -31.76 2.43 36.79
N ILE A 444 -32.59 2.55 37.80
CA ILE A 444 -33.87 1.87 37.85
C ILE A 444 -34.94 2.84 37.36
N ARG A 445 -35.71 2.41 36.38
CA ARG A 445 -36.70 3.26 35.76
C ARG A 445 -38.04 3.15 36.50
N VAL A 446 -38.61 4.30 36.87
CA VAL A 446 -39.88 4.34 37.57
C VAL A 446 -40.85 5.12 36.69
N VAL A 447 -42.02 4.54 36.45
CA VAL A 447 -43.04 5.10 35.56
C VAL A 447 -44.34 5.21 36.34
N VAL A 448 -45.03 6.34 36.16
CA VAL A 448 -46.24 6.65 36.91
C VAL A 448 -47.42 6.68 35.94
N THR A 449 -48.54 6.13 36.37
CA THR A 449 -49.73 5.98 35.53
C THR A 449 -50.95 6.45 36.30
N VAL A 450 -51.91 7.04 35.57
CA VAL A 450 -53.15 7.49 36.19
C VAL A 450 -53.94 6.33 36.78
N GLU A 451 -53.59 5.09 36.42
CA GLU A 451 -54.27 3.93 36.98
C GLU A 451 -53.88 3.70 38.44
N GLN A 452 -52.61 3.92 38.77
CA GLN A 452 -52.13 3.67 40.12
C GLN A 452 -52.71 4.68 41.09
N THR A 453 -53.32 4.20 42.16
CA THR A 453 -53.90 5.08 43.17
C THR A 453 -52.81 5.62 44.09
N GLU A 454 -53.21 6.52 44.98
CA GLU A 454 -52.26 7.11 45.92
C GLU A 454 -51.68 6.06 46.86
N GLU A 455 -52.54 5.15 47.38
CA GLU A 455 -52.08 4.19 48.36
C GLU A 455 -51.04 3.24 47.78
N GLU A 456 -51.25 2.81 46.54
CA GLU A 456 -50.24 1.97 45.88
C GLU A 456 -48.94 2.72 45.70
N LEU A 457 -49.02 4.03 45.44
CA LEU A 457 -47.81 4.83 45.32
C LEU A 457 -47.04 4.89 46.63
N GLU A 458 -47.75 5.11 47.74
CA GLU A 458 -47.08 5.12 49.05
C GLU A 458 -46.48 3.76 49.37
N ARG A 459 -47.22 2.68 49.08
CA ARG A 459 -46.70 1.35 49.36
C ARG A 459 -45.47 1.05 48.52
N ALA A 460 -45.48 1.46 47.24
CA ALA A 460 -44.33 1.24 46.39
C ALA A 460 -43.12 2.02 46.89
N ALA A 461 -43.35 3.26 47.34
CA ALA A 461 -42.26 4.05 47.89
C ALA A 461 -41.67 3.37 49.12
N SER A 462 -42.52 2.90 50.03
CA SER A 462 -42.03 2.22 51.22
C SER A 462 -41.25 0.96 50.86
N THR A 463 -41.77 0.19 49.90
CA THR A 463 -41.12 -1.06 49.51
C THR A 463 -39.73 -0.81 48.93
N ILE A 464 -39.64 0.11 47.96
CA ILE A 464 -38.33 0.38 47.35
C ILE A 464 -37.38 0.97 48.38
N LYS A 465 -37.91 1.79 49.31
CA LYS A 465 -37.07 2.37 50.35
C LYS A 465 -36.46 1.29 51.23
N GLU A 466 -37.29 0.39 51.77
CA GLU A 466 -36.78 -0.66 52.64
C GLU A 466 -35.80 -1.55 51.89
N VAL A 467 -36.12 -1.91 50.63
CA VAL A 467 -35.27 -2.83 49.89
C VAL A 467 -33.91 -2.18 49.61
N ALA A 468 -33.90 -0.90 49.25
CA ALA A 468 -32.64 -0.20 49.02
C ALA A 468 -31.82 -0.12 50.30
N GLN A 469 -32.46 0.20 51.43
CA GLN A 469 -31.73 0.28 52.69
C GLN A 469 -31.11 -1.07 53.04
N ALA A 470 -31.86 -2.15 52.85
CA ALA A 470 -31.34 -3.48 53.19
C ALA A 470 -30.21 -3.88 52.26
N VAL A 471 -30.38 -3.68 50.95
CA VAL A 471 -29.41 -4.19 49.99
C VAL A 471 -28.12 -3.39 50.06
N LEU A 472 -28.21 -2.07 50.13
CA LEU A 472 -27.00 -1.24 50.10
C LEU A 472 -26.18 -1.41 51.37
N LEU A 473 -26.84 -1.64 52.51
CA LEU A 473 -26.15 -1.91 53.76
C LEU A 473 -25.64 -3.36 53.79
N GLY B 53 -22.76 -25.67 -8.60
CA GLY B 53 -24.18 -25.62 -8.33
C GLY B 53 -25.00 -26.41 -9.33
N LEU B 54 -25.75 -27.39 -8.83
CA LEU B 54 -26.54 -28.27 -9.67
C LEU B 54 -28.01 -27.90 -9.58
N TYR B 55 -28.67 -27.77 -10.72
CA TYR B 55 -30.08 -27.43 -10.79
C TYR B 55 -30.86 -28.72 -11.01
N LYS B 56 -31.64 -29.12 -9.99
CA LYS B 56 -32.49 -30.29 -10.13
C LYS B 56 -33.67 -30.04 -11.05
N ARG B 57 -33.90 -28.79 -11.44
CA ARG B 57 -35.00 -28.41 -12.32
C ARG B 57 -34.47 -27.39 -13.32
N PRO B 58 -35.12 -27.24 -14.47
CA PRO B 58 -34.68 -26.24 -15.45
C PRO B 58 -34.84 -24.83 -14.89
N PHE B 59 -33.91 -23.96 -15.26
CA PHE B 59 -33.90 -22.57 -14.78
C PHE B 59 -34.04 -21.64 -15.98
N ASN B 60 -35.29 -21.28 -16.29
CA ASN B 60 -35.60 -20.51 -17.48
C ASN B 60 -35.91 -19.07 -17.09
N GLU B 61 -35.28 -18.12 -17.79
CA GLU B 61 -35.57 -16.70 -17.61
C GLU B 61 -35.24 -15.98 -18.90
N ALA B 62 -36.00 -14.93 -19.21
CA ALA B 62 -35.83 -14.19 -20.46
C ALA B 62 -35.93 -12.70 -20.20
N PHE B 63 -34.84 -11.98 -20.46
CA PHE B 63 -34.80 -10.52 -20.36
C PHE B 63 -34.50 -9.98 -21.77
N GLU B 64 -35.54 -9.82 -22.58
CA GLU B 64 -35.35 -9.36 -23.94
C GLU B 64 -34.95 -7.89 -23.96
N GLU B 65 -34.02 -7.55 -24.85
CA GLU B 65 -33.54 -6.17 -24.93
C GLU B 65 -34.52 -5.31 -25.71
N THR B 66 -34.44 -4.00 -25.47
CA THR B 66 -35.41 -3.08 -26.01
C THR B 66 -35.22 -2.90 -27.50
N PRO B 67 -36.29 -2.75 -28.28
CA PRO B 67 -36.13 -2.38 -29.69
C PRO B 67 -35.45 -1.02 -29.81
N MET B 68 -34.70 -0.85 -30.89
CA MET B 68 -33.84 0.33 -31.03
C MET B 68 -34.68 1.59 -31.23
N LEU B 69 -35.66 1.52 -32.13
CA LEU B 69 -36.52 2.67 -32.40
C LEU B 69 -37.27 3.10 -31.15
N VAL B 70 -37.68 2.14 -30.33
CA VAL B 70 -38.36 2.46 -29.09
C VAL B 70 -37.46 3.25 -28.15
N ALA B 71 -36.18 2.88 -28.09
CA ALA B 71 -35.23 3.66 -27.31
C ALA B 71 -35.10 5.08 -27.83
N VAL B 72 -35.00 5.23 -29.15
CA VAL B 72 -34.87 6.58 -29.72
C VAL B 72 -36.09 7.43 -29.36
N LEU B 73 -37.28 6.85 -29.47
CA LEU B 73 -38.49 7.60 -29.16
C LEU B 73 -38.59 7.92 -27.67
N THR B 74 -38.10 7.02 -26.82
CA THR B 74 -38.05 7.31 -25.39
C THR B 74 -37.20 8.54 -25.11
N TYR B 75 -36.03 8.62 -25.75
CA TYR B 75 -35.16 9.77 -25.52
C TYR B 75 -35.78 11.05 -26.09
N VAL B 76 -36.50 10.95 -27.21
CA VAL B 76 -37.23 12.11 -27.72
C VAL B 76 -38.21 12.63 -26.67
N GLY B 77 -39.00 11.71 -26.09
CA GLY B 77 -39.97 12.13 -25.09
C GLY B 77 -39.33 12.77 -23.86
N TYR B 78 -38.24 12.17 -23.38
CA TYR B 78 -37.59 12.73 -22.19
C TYR B 78 -36.96 14.08 -22.47
N GLY B 79 -36.42 14.27 -23.68
CA GLY B 79 -35.89 15.58 -24.04
C GLY B 79 -36.96 16.64 -24.09
N VAL B 80 -38.12 16.30 -24.67
CA VAL B 80 -39.22 17.27 -24.71
C VAL B 80 -39.65 17.64 -23.30
N LEU B 81 -39.79 16.63 -22.42
CA LEU B 81 -40.20 16.93 -21.06
C LEU B 81 -39.19 17.79 -20.33
N THR B 82 -37.89 17.53 -20.54
CA THR B 82 -36.85 18.34 -19.89
C THR B 82 -36.91 19.79 -20.35
N LEU B 83 -37.04 20.00 -21.66
CA LEU B 83 -37.08 21.37 -22.17
C LEU B 83 -38.30 22.12 -21.64
N PHE B 84 -39.47 21.48 -21.64
CA PHE B 84 -40.65 22.19 -21.15
C PHE B 84 -40.59 22.38 -19.64
N GLY B 85 -39.90 21.49 -18.92
CA GLY B 85 -39.68 21.73 -17.51
C GLY B 85 -38.81 22.94 -17.25
N TYR B 86 -37.75 23.11 -18.04
CA TYR B 86 -36.93 24.32 -17.93
C TYR B 86 -37.76 25.56 -18.21
N LEU B 87 -38.61 25.50 -19.24
CA LEU B 87 -39.46 26.63 -19.57
C LEU B 87 -40.39 26.98 -18.41
N ARG B 88 -41.02 25.96 -17.81
CA ARG B 88 -41.92 26.22 -16.69
C ARG B 88 -41.18 26.81 -15.51
N ASP B 89 -39.97 26.31 -15.22
CA ASP B 89 -39.19 26.87 -14.13
C ASP B 89 -38.87 28.34 -14.38
N PHE B 90 -38.50 28.68 -15.61
CA PHE B 90 -38.22 30.09 -15.90
C PHE B 90 -39.47 30.96 -15.75
N LEU B 91 -40.61 30.46 -16.22
CA LEU B 91 -41.84 31.22 -16.06
C LEU B 91 -42.19 31.45 -14.59
N ARG B 92 -42.01 30.42 -13.76
CA ARG B 92 -42.31 30.57 -12.35
C ARG B 92 -41.29 31.45 -11.64
N TYR B 93 -40.07 31.52 -12.18
CA TYR B 93 -39.01 32.29 -11.52
C TYR B 93 -39.33 33.78 -11.50
N TRP B 94 -39.84 34.32 -12.60
CA TRP B 94 -40.17 35.73 -12.70
C TRP B 94 -41.62 36.01 -12.31
N ARG B 95 -42.30 35.06 -11.67
CA ARG B 95 -43.66 35.23 -11.18
C ARG B 95 -44.64 35.59 -12.28
N ILE B 96 -44.28 35.31 -13.53
CA ILE B 96 -45.20 35.57 -14.64
C ILE B 96 -46.42 34.66 -14.53
N GLU B 97 -46.23 33.44 -14.07
CA GLU B 97 -47.31 32.50 -13.81
C GLU B 97 -47.36 32.20 -12.32
N LYS B 98 -48.56 32.26 -11.74
CA LYS B 98 -48.72 31.97 -10.33
C LYS B 98 -48.40 30.50 -10.04
N CYS B 99 -47.64 30.27 -8.98
CA CYS B 99 -47.22 28.94 -8.59
C CYS B 99 -48.13 28.41 -7.50
N HIS B 100 -48.56 27.16 -7.63
CA HIS B 100 -49.41 26.52 -6.64
C HIS B 100 -48.58 25.67 -5.69
N HIS B 101 -47.72 26.34 -4.93
CA HIS B 101 -46.83 25.69 -3.99
C HIS B 101 -46.80 26.48 -2.69
N ALA B 102 -46.51 25.78 -1.60
CA ALA B 102 -46.36 26.43 -0.30
C ALA B 102 -44.98 27.07 -0.19
N THR B 103 -44.92 28.19 0.53
CA THR B 103 -43.71 28.96 0.67
C THR B 103 -43.40 29.17 2.16
N GLU B 104 -42.13 29.45 2.44
CA GLU B 104 -41.68 29.63 3.81
C GLU B 104 -42.33 30.87 4.42
N ARG B 105 -42.56 30.81 5.74
CA ARG B 105 -43.26 31.90 6.41
C ARG B 105 -42.42 33.17 6.38
N GLU B 106 -43.11 34.31 6.49
CA GLU B 106 -42.47 35.61 6.30
C GLU B 106 -41.39 35.86 7.36
N GLU B 107 -41.52 35.25 8.52
CA GLU B 107 -40.54 35.50 9.59
C GLU B 107 -39.21 34.84 9.27
N GLN B 108 -39.20 33.87 8.36
CA GLN B 108 -38.02 33.05 8.11
C GLN B 108 -37.44 33.25 6.71
N LYS B 109 -37.77 34.37 6.05
CA LYS B 109 -37.21 34.64 4.74
C LYS B 109 -35.70 34.84 4.81
N ASP B 110 -35.19 35.25 5.98
CA ASP B 110 -33.76 35.45 6.15
C ASP B 110 -33.02 34.12 6.21
N PHE B 111 -33.70 33.06 6.64
CA PHE B 111 -33.04 31.77 6.79
C PHE B 111 -32.59 31.23 5.44
N VAL B 112 -31.52 30.44 5.45
CA VAL B 112 -31.10 29.75 4.23
C VAL B 112 -32.22 28.83 3.77
N SER B 113 -32.44 28.79 2.45
CA SER B 113 -33.55 28.03 1.91
C SER B 113 -33.45 26.56 2.29
N LEU B 114 -34.57 25.99 2.72
CA LEU B 114 -34.54 24.63 3.28
C LEU B 114 -34.18 23.59 2.22
N TYR B 115 -34.81 23.67 1.04
CA TYR B 115 -34.57 22.72 -0.03
C TYR B 115 -33.77 23.37 -1.15
N GLN B 116 -33.02 22.54 -1.88
CA GLN B 116 -32.46 22.98 -3.15
C GLN B 116 -33.48 22.70 -4.26
N ASP B 117 -33.73 23.71 -5.09
CA ASP B 117 -34.82 23.61 -6.06
C ASP B 117 -34.54 22.55 -7.10
N PHE B 118 -33.30 22.46 -7.58
CA PHE B 118 -32.97 21.52 -8.69
C PHE B 118 -33.29 20.07 -8.31
N GLU B 119 -33.19 19.71 -7.02
CA GLU B 119 -33.47 18.32 -6.58
C GLU B 119 -34.95 17.99 -6.84
N ASN B 120 -35.82 18.99 -6.80
CA ASN B 120 -37.29 18.76 -6.98
C ASN B 120 -37.67 18.85 -8.46
N PHE B 121 -36.70 19.02 -9.36
CA PHE B 121 -36.99 19.18 -10.82
C PHE B 121 -37.97 18.10 -11.29
N TYR B 122 -37.62 16.82 -11.17
CA TYR B 122 -38.47 15.76 -11.70
C TYR B 122 -39.74 15.59 -10.87
N THR B 123 -39.78 16.18 -9.67
CA THR B 123 -41.03 16.15 -8.91
C THR B 123 -42.05 17.11 -9.48
N ARG B 124 -41.60 18.31 -9.88
CA ARG B 124 -42.55 19.31 -10.34
C ARG B 124 -42.94 19.08 -11.80
N ASN B 125 -42.00 18.61 -12.61
CA ASN B 125 -42.19 18.66 -14.06
C ASN B 125 -42.69 17.34 -14.62
N LEU B 126 -42.26 16.22 -14.04
CA LEU B 126 -42.67 14.90 -14.54
C LEU B 126 -43.60 14.17 -13.58
N TYR B 127 -43.30 14.18 -12.28
CA TYR B 127 -44.10 13.40 -11.34
C TYR B 127 -45.48 14.00 -11.15
N MET B 128 -45.59 15.33 -11.14
CA MET B 128 -46.88 15.96 -10.90
C MET B 128 -47.86 15.69 -12.04
N ARG B 129 -47.36 15.52 -13.26
CA ARG B 129 -48.24 15.36 -14.40
C ARG B 129 -49.01 14.05 -14.35
N ILE B 130 -48.41 13.01 -13.78
CA ILE B 130 -49.04 11.69 -13.71
C ILE B 130 -49.13 11.23 -12.28
N ARG B 131 -49.30 12.18 -11.35
CA ARG B 131 -49.36 11.84 -9.93
C ARG B 131 -50.63 11.06 -9.57
N ASP B 132 -51.64 11.06 -10.44
CA ASP B 132 -52.91 10.45 -10.07
C ASP B 132 -52.84 8.94 -10.12
N ASN B 133 -51.80 8.37 -10.72
CA ASN B 133 -51.64 6.93 -10.70
C ASN B 133 -51.35 6.41 -9.30
N TRP B 134 -50.57 7.15 -8.53
CA TRP B 134 -50.09 6.65 -7.25
C TRP B 134 -50.88 7.27 -6.10
N ASN B 135 -50.77 6.63 -4.93
CA ASN B 135 -51.49 7.05 -3.72
C ASN B 135 -53.00 6.98 -3.93
N ARG B 136 -53.49 5.81 -4.30
CA ARG B 136 -54.92 5.65 -4.53
C ARG B 136 -55.59 5.09 -3.28
N PRO B 137 -56.41 5.90 -2.60
CA PRO B 137 -57.07 5.41 -1.38
C PRO B 137 -58.04 4.29 -1.69
N ILE B 138 -58.14 3.34 -0.77
CA ILE B 138 -59.08 2.23 -0.87
C ILE B 138 -59.89 2.17 0.42
N CYS B 139 -61.05 1.54 0.36
CA CYS B 139 -61.96 1.47 1.49
C CYS B 139 -62.49 0.07 1.75
N SER B 140 -61.72 -0.95 1.40
CA SER B 140 -62.16 -2.34 1.55
C SER B 140 -60.95 -3.23 1.79
N VAL B 141 -61.22 -4.49 2.10
CA VAL B 141 -60.13 -5.45 2.28
C VAL B 141 -59.44 -5.68 0.94
N PRO B 142 -58.10 -5.65 0.88
CA PRO B 142 -57.43 -5.74 -0.43
C PRO B 142 -57.39 -7.16 -0.98
N GLY B 143 -58.57 -7.70 -1.27
CA GLY B 143 -58.70 -9.03 -1.82
C GLY B 143 -58.46 -9.06 -3.32
N ALA B 144 -59.15 -9.98 -3.98
CA ALA B 144 -59.14 -9.99 -5.45
C ALA B 144 -59.84 -8.76 -5.99
N ARG B 145 -60.89 -8.30 -5.30
CA ARG B 145 -61.63 -7.11 -5.67
C ARG B 145 -61.51 -6.08 -4.57
N VAL B 146 -61.10 -4.87 -4.93
CA VAL B 146 -60.90 -3.79 -3.97
C VAL B 146 -61.75 -2.60 -4.41
N ASP B 147 -62.15 -1.78 -3.44
CA ASP B 147 -62.97 -0.61 -3.70
C ASP B 147 -62.11 0.63 -3.56
N ILE B 148 -62.04 1.42 -4.63
CA ILE B 148 -61.18 2.60 -4.69
C ILE B 148 -62.04 3.85 -4.61
N MET B 149 -61.74 4.71 -3.66
CA MET B 149 -62.36 6.02 -3.62
C MET B 149 -61.90 6.84 -4.80
N GLU B 150 -62.84 7.53 -5.44
CA GLU B 150 -62.56 8.27 -6.66
C GLU B 150 -62.28 9.73 -6.34
N ARG B 151 -61.31 10.31 -7.03
CA ARG B 151 -60.91 11.70 -6.83
C ARG B 151 -60.71 12.37 -8.17
N GLN B 152 -60.92 13.68 -8.19
CA GLN B 152 -60.75 14.49 -9.39
C GLN B 152 -59.91 15.71 -9.06
N SER B 153 -59.23 16.24 -10.07
CA SER B 153 -58.38 17.41 -9.91
C SER B 153 -58.60 18.36 -11.08
N HIS B 154 -58.79 19.63 -10.78
CA HIS B 154 -58.94 20.67 -11.79
C HIS B 154 -57.74 21.61 -11.84
N ASP B 155 -56.67 21.31 -11.10
CA ASP B 155 -55.47 22.13 -11.08
C ASP B 155 -54.31 21.36 -11.69
N TYR B 156 -54.61 20.42 -12.58
CA TYR B 156 -53.59 19.58 -13.22
C TYR B 156 -52.76 18.84 -12.19
N ASN B 157 -53.42 18.13 -11.29
CA ASN B 157 -52.88 17.21 -10.29
C ASN B 157 -52.09 17.91 -9.19
N TRP B 158 -52.15 19.24 -9.06
CA TRP B 158 -51.51 19.89 -7.92
C TRP B 158 -52.32 19.71 -6.65
N SER B 159 -53.64 19.74 -6.75
CA SER B 159 -54.51 19.51 -5.61
C SER B 159 -55.62 18.55 -6.01
N PHE B 160 -56.00 17.69 -5.07
CA PHE B 160 -57.00 16.66 -5.33
C PHE B 160 -58.21 16.86 -4.43
N LYS B 161 -59.37 16.49 -4.96
CA LYS B 161 -60.63 16.54 -4.22
C LYS B 161 -61.42 15.26 -4.50
N TYR B 162 -62.14 14.78 -3.49
CA TYR B 162 -62.79 13.48 -3.56
C TYR B 162 -64.24 13.65 -4.01
N THR B 163 -64.60 12.97 -5.10
CA THR B 163 -65.99 12.85 -5.47
C THR B 163 -66.69 11.89 -4.50
N GLY B 164 -68.02 12.00 -4.45
CA GLY B 164 -68.77 11.18 -3.51
C GLY B 164 -68.71 9.70 -3.83
N ASN B 165 -68.84 9.35 -5.12
CA ASN B 165 -68.94 7.95 -5.51
C ASN B 165 -67.62 7.23 -5.32
N ILE B 166 -67.71 5.92 -5.08
CA ILE B 166 -66.55 5.06 -4.92
C ILE B 166 -66.62 3.98 -6.00
N ILE B 167 -65.47 3.66 -6.60
CA ILE B 167 -65.43 2.61 -7.60
C ILE B 167 -65.41 1.26 -6.90
N LYS B 168 -66.26 0.35 -7.37
CA LYS B 168 -66.47 -0.92 -6.69
C LYS B 168 -66.10 -2.08 -7.61
N GLY B 169 -65.57 -3.14 -7.01
CA GLY B 169 -65.21 -4.33 -7.76
C GLY B 169 -64.06 -4.15 -8.72
N VAL B 170 -63.01 -3.45 -8.30
CA VAL B 170 -61.82 -3.28 -9.12
C VAL B 170 -60.92 -4.49 -8.94
N ILE B 171 -60.55 -5.14 -10.05
CA ILE B 171 -59.61 -6.24 -9.97
C ILE B 171 -58.28 -5.72 -9.45
N ASN B 172 -57.73 -6.39 -8.44
CA ASN B 172 -56.59 -5.89 -7.70
C ASN B 172 -55.33 -6.64 -8.13
N MET B 173 -54.50 -5.99 -8.93
CA MET B 173 -53.21 -6.53 -9.30
C MET B 173 -52.05 -5.79 -8.65
N GLY B 174 -52.31 -4.93 -7.67
CA GLY B 174 -51.23 -4.20 -7.03
C GLY B 174 -50.90 -4.70 -5.64
N SER B 175 -51.85 -5.35 -4.99
CA SER B 175 -51.64 -5.83 -3.64
C SER B 175 -50.74 -7.06 -3.62
N TYR B 176 -50.22 -7.38 -2.44
CA TYR B 176 -49.15 -8.36 -2.27
C TYR B 176 -49.65 -9.69 -1.72
N ASN B 177 -50.95 -9.89 -1.58
CA ASN B 177 -51.46 -11.10 -0.92
C ASN B 177 -51.32 -12.31 -1.83
N TYR B 178 -50.09 -12.86 -1.85
CA TYR B 178 -49.77 -13.96 -2.75
C TYR B 178 -50.63 -15.18 -2.49
N LEU B 179 -50.82 -15.54 -1.22
CA LEU B 179 -51.59 -16.73 -0.88
C LEU B 179 -53.04 -16.42 -0.55
N GLY B 180 -53.46 -15.16 -0.70
CA GLY B 180 -54.85 -14.81 -0.48
C GLY B 180 -55.32 -14.96 0.95
N PHE B 181 -54.53 -14.48 1.90
CA PHE B 181 -54.90 -14.51 3.31
C PHE B 181 -55.54 -13.21 3.79
N ALA B 182 -55.70 -12.23 2.90
CA ALA B 182 -56.31 -10.95 3.27
C ALA B 182 -57.83 -11.07 3.15
N ARG B 183 -58.43 -11.66 4.17
CA ARG B 183 -59.88 -11.83 4.23
C ARG B 183 -60.39 -11.28 5.57
N ASN B 184 -61.45 -10.47 5.51
CA ASN B 184 -61.99 -9.90 6.74
C ASN B 184 -62.85 -10.91 7.49
N THR B 185 -63.26 -11.99 6.83
CA THR B 185 -64.09 -13.02 7.43
C THR B 185 -63.40 -14.37 7.26
N GLY B 186 -62.84 -14.89 8.35
CA GLY B 186 -62.18 -16.18 8.32
C GLY B 186 -61.77 -16.59 9.71
N SER B 187 -61.22 -17.80 9.81
CA SER B 187 -60.78 -18.31 11.11
C SER B 187 -59.68 -17.43 11.70
N CYS B 188 -58.76 -16.97 10.85
CA CYS B 188 -57.67 -16.11 11.33
C CYS B 188 -58.22 -14.83 11.94
N GLN B 189 -59.25 -14.25 11.33
CA GLN B 189 -59.85 -13.04 11.88
C GLN B 189 -60.55 -13.33 13.21
N GLU B 190 -61.16 -14.51 13.33
CA GLU B 190 -61.77 -14.87 14.61
C GLU B 190 -60.72 -14.98 15.71
N ALA B 191 -59.60 -15.63 15.42
CA ALA B 191 -58.52 -15.73 16.42
C ALA B 191 -57.97 -14.36 16.76
N ALA B 192 -57.77 -13.52 15.76
CA ALA B 192 -57.25 -12.17 16.01
C ALA B 192 -58.21 -11.36 16.88
N ALA B 193 -59.52 -11.47 16.62
CA ALA B 193 -60.49 -10.77 17.45
C ALA B 193 -60.49 -11.30 18.87
N LYS B 194 -60.38 -12.62 19.02
CA LYS B 194 -60.34 -13.21 20.36
C LYS B 194 -59.15 -12.70 21.15
N VAL B 195 -57.98 -12.62 20.52
CA VAL B 195 -56.79 -12.13 21.22
C VAL B 195 -56.88 -10.62 21.45
N LEU B 196 -57.47 -9.89 20.51
CA LEU B 196 -57.59 -8.45 20.66
C LEU B 196 -58.50 -8.09 21.83
N GLU B 197 -59.55 -8.89 22.06
CA GLU B 197 -60.45 -8.58 23.17
C GLU B 197 -59.74 -8.68 24.50
N GLU B 198 -58.81 -9.62 24.66
CA GLU B 198 -58.15 -9.88 25.93
C GLU B 198 -56.84 -9.10 26.09
N TYR B 199 -55.89 -9.33 25.19
CA TYR B 199 -54.57 -8.73 25.32
C TYR B 199 -54.58 -7.23 25.05
N GLY B 200 -55.56 -6.72 24.32
CA GLY B 200 -55.54 -5.33 23.90
C GLY B 200 -54.65 -5.13 22.69
N ALA B 201 -54.80 -3.97 22.08
CA ALA B 201 -54.07 -3.62 20.86
C ALA B 201 -52.83 -2.83 21.23
N GLY B 202 -51.67 -3.43 21.07
CA GLY B 202 -50.43 -2.72 21.30
C GLY B 202 -49.83 -3.02 22.67
N VAL B 203 -48.52 -3.11 22.68
CA VAL B 203 -47.74 -3.29 23.91
C VAL B 203 -46.88 -2.04 24.09
N CYS B 204 -46.70 -1.62 25.34
CA CYS B 204 -46.16 -0.31 25.64
C CYS B 204 -44.75 -0.35 26.21
N SER B 205 -43.96 -1.37 25.89
CA SER B 205 -42.59 -1.42 26.39
C SER B 205 -41.76 -2.32 25.50
N THR B 206 -40.44 -2.21 25.67
CA THR B 206 -39.48 -2.93 24.86
C THR B 206 -39.38 -4.38 25.31
N ARG B 207 -38.82 -5.23 24.43
CA ARG B 207 -38.73 -6.66 24.73
C ARG B 207 -37.86 -6.93 25.95
N GLN B 208 -36.71 -6.27 26.05
CA GLN B 208 -35.83 -6.51 27.19
C GLN B 208 -36.46 -6.09 28.51
N GLU B 209 -37.36 -5.13 28.49
CA GLU B 209 -38.09 -4.68 29.66
C GLU B 209 -39.39 -5.47 29.75
N ILE B 210 -40.40 -5.04 30.53
CA ILE B 210 -41.64 -5.80 30.71
C ILE B 210 -42.40 -6.01 29.40
N GLY B 211 -41.96 -5.41 28.30
CA GLY B 211 -42.74 -5.49 27.07
C GLY B 211 -42.74 -6.88 26.44
N ASN B 212 -41.87 -7.77 26.91
CA ASN B 212 -41.88 -9.14 26.40
C ASN B 212 -43.10 -9.89 26.89
N LEU B 213 -43.65 -10.75 26.03
CA LEU B 213 -44.85 -11.49 26.33
C LEU B 213 -44.66 -12.95 25.98
N ASP B 214 -45.70 -13.75 26.24
CA ASP B 214 -45.67 -15.16 25.87
C ASP B 214 -45.99 -15.35 24.40
N LYS B 215 -46.84 -14.48 23.84
CA LYS B 215 -47.20 -14.59 22.43
C LYS B 215 -45.98 -14.52 21.54
N HIS B 216 -45.04 -13.63 21.87
CA HIS B 216 -43.84 -13.49 21.06
C HIS B 216 -43.00 -14.75 21.10
N GLU B 217 -42.88 -15.38 22.28
CA GLU B 217 -42.14 -16.63 22.38
C GLU B 217 -42.81 -17.73 21.55
N GLU B 218 -44.14 -17.83 21.62
CA GLU B 218 -44.85 -18.83 20.84
C GLU B 218 -44.64 -18.61 19.34
N LEU B 219 -44.71 -17.36 18.89
CA LEU B 219 -44.48 -17.06 17.49
C LEU B 219 -43.06 -17.42 17.07
N GLU B 220 -42.07 -17.15 17.94
CA GLU B 220 -40.69 -17.47 17.58
C GLU B 220 -40.50 -18.98 17.44
N GLU B 221 -41.07 -19.76 18.35
CA GLU B 221 -40.99 -21.21 18.20
C GLU B 221 -41.66 -21.68 16.91
N LEU B 222 -42.84 -21.13 16.60
CA LEU B 222 -43.53 -21.53 15.38
C LEU B 222 -42.70 -21.21 14.14
N VAL B 223 -42.09 -20.02 14.10
CA VAL B 223 -41.28 -19.64 12.94
C VAL B 223 -40.07 -20.55 12.83
N ALA B 224 -39.44 -20.87 13.96
CA ALA B 224 -38.28 -21.76 13.92
C ALA B 224 -38.65 -23.12 13.35
N ARG B 225 -39.81 -23.65 13.74
CA ARG B 225 -40.26 -24.91 13.15
C ARG B 225 -40.57 -24.76 11.67
N PHE B 226 -41.16 -23.63 11.27
CA PHE B 226 -41.58 -23.42 9.90
C PHE B 226 -40.38 -23.40 8.95
N LEU B 227 -39.39 -22.57 9.26
CA LEU B 227 -38.23 -22.47 8.37
C LEU B 227 -37.40 -23.75 8.40
N GLY B 228 -37.26 -24.36 9.57
CA GLY B 228 -36.39 -25.50 9.76
C GLY B 228 -35.06 -25.16 10.40
N VAL B 229 -34.83 -23.91 10.76
CA VAL B 229 -33.60 -23.52 11.46
C VAL B 229 -33.75 -23.77 12.95
N GLU B 230 -32.63 -23.67 13.67
CA GLU B 230 -32.64 -23.92 15.11
C GLU B 230 -33.50 -22.90 15.85
N ALA B 231 -33.32 -21.61 15.54
CA ALA B 231 -34.03 -20.57 16.29
C ALA B 231 -34.34 -19.40 15.37
N ALA B 232 -35.27 -18.56 15.83
CA ALA B 232 -35.70 -17.39 15.09
C ALA B 232 -36.19 -16.31 16.04
N MET B 233 -36.19 -15.07 15.55
CA MET B 233 -36.63 -13.91 16.31
C MET B 233 -37.54 -13.05 15.43
N ALA B 234 -38.49 -12.36 16.05
CA ALA B 234 -39.52 -11.61 15.34
C ALA B 234 -39.49 -10.13 15.72
N TYR B 235 -39.59 -9.27 14.71
CA TYR B 235 -39.56 -7.83 14.87
C TYR B 235 -40.84 -7.22 14.33
N GLY B 236 -41.07 -5.95 14.70
CA GLY B 236 -42.36 -5.33 14.42
C GLY B 236 -42.41 -4.63 13.07
N MET B 237 -41.30 -4.59 12.35
CA MET B 237 -41.24 -3.97 11.03
C MET B 237 -40.27 -4.72 10.14
N GLY B 238 -40.66 -4.93 8.88
CA GLY B 238 -39.76 -5.57 7.94
C GLY B 238 -38.56 -4.69 7.60
N PHE B 239 -38.79 -3.39 7.43
CA PHE B 239 -37.70 -2.44 7.22
C PHE B 239 -36.75 -2.43 8.41
N ALA B 240 -37.31 -2.41 9.62
CA ALA B 240 -36.49 -2.34 10.84
C ALA B 240 -35.63 -3.57 10.99
N THR B 241 -36.14 -4.73 10.59
CA THR B 241 -35.33 -5.95 10.64
C THR B 241 -33.96 -5.73 10.05
N ASN B 242 -33.90 -5.37 8.76
CA ASN B 242 -32.62 -5.11 8.12
C ASN B 242 -31.92 -3.93 8.76
N SER B 243 -32.61 -2.79 8.87
CA SER B 243 -31.93 -1.54 9.23
C SER B 243 -31.30 -1.62 10.62
N MET B 244 -31.82 -2.47 11.49
CA MET B 244 -31.36 -2.55 12.86
C MET B 244 -30.71 -3.87 13.20
N ASN B 245 -30.61 -4.82 12.26
CA ASN B 245 -29.89 -6.03 12.54
C ASN B 245 -28.67 -6.25 11.64
N ILE B 246 -28.60 -5.63 10.47
CA ILE B 246 -27.36 -5.68 9.69
C ILE B 246 -26.21 -4.98 10.39
N PRO B 247 -26.37 -3.79 10.99
CA PRO B 247 -25.22 -3.18 11.67
C PRO B 247 -24.68 -4.00 12.82
N ALA B 248 -25.51 -4.84 13.46
CA ALA B 248 -25.03 -5.61 14.60
C ALA B 248 -24.09 -6.73 14.16
N LEU B 249 -24.42 -7.40 13.05
CA LEU B 249 -23.60 -8.52 12.60
C LEU B 249 -22.24 -8.06 12.10
N VAL B 250 -22.22 -7.05 11.24
CA VAL B 250 -21.01 -6.63 10.55
C VAL B 250 -20.72 -5.18 10.87
N GLY B 251 -19.47 -4.91 11.26
CA GLY B 251 -19.04 -3.57 11.60
C GLY B 251 -17.93 -3.08 10.70
N LYS B 252 -17.14 -2.10 11.17
CA LYS B 252 -16.07 -1.56 10.36
C LYS B 252 -15.00 -2.62 10.11
N GLY B 253 -14.31 -2.50 8.98
CA GLY B 253 -13.26 -3.44 8.64
C GLY B 253 -13.72 -4.72 7.99
N CYS B 254 -15.01 -4.83 7.68
CA CYS B 254 -15.55 -6.00 7.00
C CYS B 254 -16.10 -5.59 5.63
N LEU B 255 -16.42 -6.58 4.82
CA LEU B 255 -16.88 -6.35 3.45
C LEU B 255 -18.32 -6.84 3.31
N ILE B 256 -19.14 -6.05 2.65
CA ILE B 256 -20.53 -6.38 2.40
C ILE B 256 -20.73 -6.37 0.88
N LEU B 257 -20.73 -7.56 0.28
CA LEU B 257 -20.99 -7.68 -1.14
C LEU B 257 -22.49 -7.63 -1.37
N SER B 258 -22.97 -6.56 -1.99
CA SER B 258 -24.39 -6.31 -2.15
C SER B 258 -24.78 -6.47 -3.61
N ASP B 259 -25.95 -7.02 -3.84
CA ASP B 259 -26.45 -7.20 -5.21
C ASP B 259 -26.71 -5.84 -5.84
N GLU B 260 -26.99 -5.86 -7.15
CA GLU B 260 -27.24 -4.62 -7.87
C GLU B 260 -28.66 -4.12 -7.70
N LEU B 261 -29.58 -4.97 -7.25
CA LEU B 261 -31.00 -4.64 -7.18
C LEU B 261 -31.59 -4.86 -5.78
N ASN B 262 -30.81 -4.62 -4.72
CA ASN B 262 -31.32 -4.84 -3.38
C ASN B 262 -32.34 -3.78 -2.98
N HIS B 263 -33.19 -4.16 -2.03
CA HIS B 263 -34.18 -3.24 -1.48
C HIS B 263 -33.48 -2.08 -0.77
N ALA B 264 -34.26 -1.06 -0.44
CA ALA B 264 -33.68 0.11 0.23
C ALA B 264 -33.34 -0.20 1.69
N SER B 265 -34.03 -1.17 2.28
CA SER B 265 -33.74 -1.53 3.67
C SER B 265 -32.36 -2.16 3.79
N LEU B 266 -32.02 -3.07 2.88
CA LEU B 266 -30.70 -3.70 2.92
C LEU B 266 -29.60 -2.67 2.69
N VAL B 267 -29.81 -1.77 1.73
CA VAL B 267 -28.80 -0.74 1.45
C VAL B 267 -28.63 0.18 2.64
N LEU B 268 -29.74 0.60 3.27
CA LEU B 268 -29.65 1.45 4.45
C LEU B 268 -28.96 0.74 5.60
N GLY B 269 -29.27 -0.54 5.81
CA GLY B 269 -28.61 -1.28 6.86
C GLY B 269 -27.11 -1.39 6.63
N ALA B 270 -26.71 -1.63 5.38
CA ALA B 270 -25.29 -1.68 5.06
C ALA B 270 -24.63 -0.32 5.26
N ARG B 271 -25.33 0.76 4.89
CA ARG B 271 -24.74 2.10 5.00
C ARG B 271 -24.59 2.52 6.46
N LEU B 272 -25.53 2.13 7.32
CA LEU B 272 -25.44 2.52 8.73
C LEU B 272 -24.19 1.92 9.38
N SER B 273 -23.90 0.65 9.09
CA SER B 273 -22.65 0.06 9.55
C SER B 273 -21.48 0.61 8.76
N GLY B 274 -20.31 0.60 9.38
CA GLY B 274 -19.13 1.17 8.76
C GLY B 274 -18.43 0.28 7.77
N ALA B 275 -19.03 -0.86 7.41
CA ALA B 275 -18.36 -1.81 6.53
C ALA B 275 -18.20 -1.25 5.13
N THR B 276 -17.24 -1.82 4.39
CA THR B 276 -17.06 -1.45 2.99
C THR B 276 -18.04 -2.23 2.12
N ILE B 277 -18.66 -1.52 1.17
CA ILE B 277 -19.72 -2.08 0.35
C ILE B 277 -19.26 -2.11 -1.10
N ARG B 278 -19.33 -3.29 -1.71
CA ARG B 278 -19.08 -3.46 -3.13
C ARG B 278 -20.31 -4.08 -3.77
N ILE B 279 -20.56 -3.73 -5.03
CA ILE B 279 -21.78 -4.11 -5.72
C ILE B 279 -21.43 -4.95 -6.93
N PHE B 280 -22.05 -6.12 -7.03
CA PHE B 280 -21.88 -6.99 -8.19
C PHE B 280 -23.13 -6.98 -9.05
N LYS B 281 -22.97 -7.42 -10.30
CA LYS B 281 -24.07 -7.35 -11.25
C LYS B 281 -25.16 -8.33 -10.88
N HIS B 282 -26.37 -8.05 -11.37
CA HIS B 282 -27.56 -8.79 -10.94
C HIS B 282 -27.53 -10.21 -11.49
N ASN B 283 -27.44 -11.18 -10.58
CA ASN B 283 -27.33 -12.61 -10.91
C ASN B 283 -26.24 -12.87 -11.94
N ASN B 284 -25.07 -12.27 -11.74
CA ASN B 284 -23.91 -12.50 -12.59
C ASN B 284 -22.88 -13.21 -11.74
N MET B 285 -22.88 -14.54 -11.79
CA MET B 285 -22.03 -15.33 -10.89
C MET B 285 -20.56 -15.05 -11.16
N GLN B 286 -20.22 -14.74 -12.40
CA GLN B 286 -18.84 -14.39 -12.73
C GLN B 286 -18.41 -13.15 -11.97
N SER B 287 -19.27 -12.13 -11.89
CA SER B 287 -18.92 -10.91 -11.18
C SER B 287 -18.80 -11.15 -9.68
N LEU B 288 -19.72 -11.94 -9.11
CA LEU B 288 -19.61 -12.25 -7.69
C LEU B 288 -18.30 -12.98 -7.39
N GLU B 289 -17.96 -13.97 -8.22
CA GLU B 289 -16.72 -14.71 -8.00
C GLU B 289 -15.51 -13.80 -8.14
N LYS B 290 -15.52 -12.90 -9.13
CA LYS B 290 -14.38 -12.01 -9.31
C LYS B 290 -14.20 -11.08 -8.12
N LEU B 291 -15.30 -10.50 -7.61
CA LEU B 291 -15.18 -9.65 -6.44
C LEU B 291 -14.72 -10.43 -5.21
N LEU B 292 -15.22 -11.65 -5.03
CA LEU B 292 -14.76 -12.45 -3.90
C LEU B 292 -13.27 -12.72 -3.98
N LYS B 293 -12.79 -13.13 -5.16
CA LYS B 293 -11.37 -13.41 -5.33
C LYS B 293 -10.54 -12.17 -5.06
N ASP B 294 -10.90 -11.05 -5.66
CA ASP B 294 -10.10 -9.83 -5.49
C ASP B 294 -10.13 -9.36 -4.05
N ALA B 295 -11.27 -9.48 -3.37
CA ALA B 295 -11.35 -9.04 -1.99
C ALA B 295 -10.48 -9.89 -1.08
N ILE B 296 -10.50 -11.21 -1.29
CA ILE B 296 -9.67 -12.08 -0.46
C ILE B 296 -8.20 -11.86 -0.74
N VAL B 297 -7.85 -11.69 -2.02
CA VAL B 297 -6.44 -11.64 -2.40
C VAL B 297 -5.82 -10.30 -2.02
N TYR B 298 -6.40 -9.19 -2.49
CA TYR B 298 -5.78 -7.88 -2.31
C TYR B 298 -6.03 -7.27 -0.94
N GLY B 299 -6.92 -7.84 -0.13
CA GLY B 299 -7.10 -7.30 1.20
C GLY B 299 -7.77 -5.94 1.22
N GLN B 300 -7.66 -5.27 2.36
CA GLN B 300 -8.32 -3.98 2.54
C GLN B 300 -7.68 -2.93 1.63
N PRO B 301 -8.41 -1.89 1.25
CA PRO B 301 -7.85 -0.94 0.26
C PRO B 301 -6.66 -0.14 0.77
N ARG B 302 -6.81 0.58 1.88
CA ARG B 302 -5.76 1.48 2.31
C ARG B 302 -4.59 0.73 2.93
N THR B 303 -4.87 -0.27 3.76
CA THR B 303 -3.85 -1.09 4.41
C THR B 303 -4.14 -2.54 4.10
N ARG B 304 -3.23 -3.19 3.36
CA ARG B 304 -3.50 -4.51 2.80
C ARG B 304 -3.50 -5.54 3.93
N ARG B 305 -4.60 -5.57 4.67
CA ARG B 305 -4.82 -6.58 5.69
C ARG B 305 -5.99 -7.48 5.27
N PRO B 306 -6.04 -8.71 5.74
CA PRO B 306 -7.20 -9.55 5.45
C PRO B 306 -8.47 -8.98 6.06
N TRP B 307 -9.59 -9.19 5.38
CA TRP B 307 -10.87 -8.75 5.89
C TRP B 307 -11.26 -9.57 7.12
N LYS B 308 -11.90 -8.92 8.08
CA LYS B 308 -12.42 -9.65 9.24
C LYS B 308 -13.52 -10.62 8.83
N LYS B 309 -14.42 -10.17 7.96
CA LYS B 309 -15.54 -10.97 7.49
C LYS B 309 -15.91 -10.55 6.08
N ILE B 310 -16.62 -11.44 5.38
CA ILE B 310 -17.21 -11.13 4.08
C ILE B 310 -18.67 -11.58 4.11
N LEU B 311 -19.58 -10.66 3.87
CA LEU B 311 -21.02 -10.92 3.95
C LEU B 311 -21.65 -10.66 2.59
N ILE B 312 -22.51 -11.57 2.14
CA ILE B 312 -23.16 -11.48 0.84
C ILE B 312 -24.64 -11.29 1.06
N LEU B 313 -25.17 -10.17 0.59
CA LEU B 313 -26.59 -9.84 0.72
C LEU B 313 -27.30 -10.19 -0.57
N VAL B 314 -28.30 -11.09 -0.50
CA VAL B 314 -29.10 -11.44 -1.67
C VAL B 314 -30.55 -11.53 -1.25
N GLU B 315 -31.44 -11.53 -2.25
CA GLU B 315 -32.88 -11.63 -2.03
C GLU B 315 -33.41 -12.89 -2.67
N GLY B 316 -34.58 -13.34 -2.21
CA GLY B 316 -35.20 -14.50 -2.83
C GLY B 316 -35.75 -14.20 -4.21
N ILE B 317 -36.81 -13.40 -4.27
CA ILE B 317 -37.35 -12.91 -5.53
C ILE B 317 -37.23 -11.39 -5.54
N TYR B 318 -36.63 -10.86 -6.59
CA TYR B 318 -36.57 -9.41 -6.75
C TYR B 318 -37.91 -8.92 -7.28
N SER B 319 -38.47 -7.92 -6.61
CA SER B 319 -39.83 -7.49 -6.87
C SER B 319 -40.00 -6.93 -8.28
N MET B 320 -39.24 -5.88 -8.60
CA MET B 320 -39.48 -5.17 -9.85
C MET B 320 -38.96 -5.95 -11.05
N GLU B 321 -37.81 -6.61 -10.91
CA GLU B 321 -37.28 -7.39 -12.02
C GLU B 321 -38.06 -8.68 -12.23
N GLY B 322 -38.41 -9.37 -11.15
CA GLY B 322 -39.11 -10.62 -11.25
C GLY B 322 -38.23 -11.85 -11.26
N SER B 323 -36.92 -11.70 -11.15
CA SER B 323 -36.02 -12.83 -11.25
C SER B 323 -35.86 -13.53 -9.90
N ILE B 324 -35.44 -14.77 -9.95
CA ILE B 324 -35.16 -15.59 -8.77
C ILE B 324 -33.66 -15.75 -8.66
N VAL B 325 -33.13 -15.61 -7.44
CA VAL B 325 -31.69 -15.67 -7.25
C VAL B 325 -31.17 -17.06 -7.60
N ARG B 326 -29.96 -17.10 -8.16
CA ARG B 326 -29.27 -18.36 -8.46
C ARG B 326 -28.67 -18.89 -7.16
N LEU B 327 -29.50 -19.52 -6.35
CA LEU B 327 -29.07 -19.94 -5.02
C LEU B 327 -27.96 -20.99 -5.03
N PRO B 328 -28.02 -22.08 -5.81
CA PRO B 328 -26.94 -23.07 -5.74
C PRO B 328 -25.56 -22.49 -6.05
N GLU B 329 -25.45 -21.62 -7.04
CA GLU B 329 -24.16 -20.99 -7.33
C GLU B 329 -23.67 -20.16 -6.15
N VAL B 330 -24.59 -19.38 -5.55
CA VAL B 330 -24.19 -18.52 -4.44
C VAL B 330 -23.72 -19.35 -3.27
N ILE B 331 -24.42 -20.45 -2.98
CA ILE B 331 -24.03 -21.32 -1.86
C ILE B 331 -22.69 -21.98 -2.16
N ALA B 332 -22.48 -22.42 -3.40
CA ALA B 332 -21.20 -23.05 -3.75
C ALA B 332 -20.04 -22.08 -3.57
N LEU B 333 -20.18 -20.85 -4.07
CA LEU B 333 -19.12 -19.86 -3.90
C LEU B 333 -18.94 -19.49 -2.43
N LYS B 334 -20.03 -19.41 -1.67
CA LYS B 334 -19.93 -19.08 -0.25
C LYS B 334 -19.14 -20.15 0.50
N LYS B 335 -19.40 -21.43 0.20
CA LYS B 335 -18.64 -22.50 0.80
C LYS B 335 -17.18 -22.46 0.36
N LYS B 336 -16.95 -22.19 -0.93
CA LYS B 336 -15.59 -22.23 -1.47
C LYS B 336 -14.73 -21.13 -0.87
N TYR B 337 -15.27 -19.93 -0.70
CA TYR B 337 -14.48 -18.79 -0.25
C TYR B 337 -14.73 -18.42 1.21
N LYS B 338 -15.46 -19.25 1.95
CA LYS B 338 -15.65 -19.07 3.39
C LYS B 338 -16.27 -17.71 3.72
N ALA B 339 -17.31 -17.34 2.99
CA ALA B 339 -18.04 -16.12 3.27
C ALA B 339 -19.34 -16.46 4.01
N TYR B 340 -20.13 -15.43 4.32
CA TYR B 340 -21.40 -15.62 5.01
C TYR B 340 -22.53 -15.10 4.13
N LEU B 341 -23.72 -15.67 4.31
CA LEU B 341 -24.85 -15.41 3.44
C LEU B 341 -26.02 -14.82 4.22
N TYR B 342 -26.56 -13.71 3.71
CA TYR B 342 -27.76 -13.08 4.22
C TYR B 342 -28.81 -13.19 3.12
N LEU B 343 -29.90 -13.90 3.40
CA LEU B 343 -30.93 -14.18 2.42
C LEU B 343 -32.22 -13.47 2.83
N ASP B 344 -32.63 -12.48 2.04
CA ASP B 344 -33.87 -11.75 2.27
C ASP B 344 -34.99 -12.46 1.52
N GLU B 345 -35.94 -13.00 2.27
CA GLU B 345 -37.02 -13.81 1.71
C GLU B 345 -38.38 -13.14 1.90
N ALA B 346 -38.47 -11.84 1.65
CA ALA B 346 -39.74 -11.16 1.80
C ALA B 346 -40.76 -11.67 0.80
N HIS B 347 -40.33 -11.91 -0.44
CA HIS B 347 -41.27 -12.26 -1.50
C HIS B 347 -41.41 -13.75 -1.70
N SER B 348 -40.41 -14.54 -1.33
CA SER B 348 -40.37 -15.95 -1.63
C SER B 348 -40.78 -16.85 -0.47
N ILE B 349 -41.13 -16.29 0.68
CA ILE B 349 -41.38 -17.13 1.84
C ILE B 349 -42.75 -17.79 1.76
N GLY B 350 -43.68 -17.18 1.04
CA GLY B 350 -44.98 -17.79 0.88
C GLY B 350 -45.29 -18.19 -0.54
N ALA B 351 -44.77 -17.43 -1.50
CA ALA B 351 -45.11 -17.67 -2.90
C ALA B 351 -44.42 -18.91 -3.45
N LEU B 352 -43.15 -19.11 -3.13
CA LEU B 352 -42.33 -20.13 -3.77
C LEU B 352 -42.26 -21.39 -2.92
N GLY B 353 -42.08 -22.52 -3.60
CA GLY B 353 -41.93 -23.80 -2.96
C GLY B 353 -43.18 -24.64 -3.04
N PRO B 354 -43.02 -25.97 -3.08
CA PRO B 354 -44.21 -26.84 -3.11
C PRO B 354 -45.12 -26.69 -1.91
N THR B 355 -44.56 -26.39 -0.74
CA THR B 355 -45.35 -26.15 0.46
C THR B 355 -45.20 -24.74 0.98
N GLY B 356 -44.62 -23.84 0.18
CA GLY B 356 -44.37 -22.49 0.64
C GLY B 356 -43.37 -22.39 1.77
N ARG B 357 -42.34 -23.23 1.77
CA ARG B 357 -41.33 -23.16 2.83
C ARG B 357 -40.29 -22.09 2.52
N GLY B 358 -40.24 -21.61 1.29
CA GLY B 358 -39.28 -20.59 0.93
C GLY B 358 -38.73 -20.84 -0.45
N VAL B 359 -37.55 -20.25 -0.70
CA VAL B 359 -36.86 -20.48 -1.97
C VAL B 359 -35.90 -21.65 -1.85
N VAL B 360 -35.41 -21.92 -0.62
CA VAL B 360 -34.54 -23.06 -0.42
C VAL B 360 -35.29 -24.36 -0.67
N GLU B 361 -36.56 -24.40 -0.31
CA GLU B 361 -37.37 -25.57 -0.66
C GLU B 361 -37.58 -25.65 -2.17
N TYR B 362 -37.75 -24.51 -2.83
CA TYR B 362 -37.94 -24.50 -4.26
C TYR B 362 -36.71 -25.07 -4.98
N PHE B 363 -35.52 -24.69 -4.54
CA PHE B 363 -34.29 -25.21 -5.13
C PHE B 363 -33.85 -26.54 -4.53
N GLY B 364 -34.47 -26.97 -3.43
CA GLY B 364 -34.09 -28.22 -2.80
C GLY B 364 -32.85 -28.15 -1.93
N LEU B 365 -32.37 -26.96 -1.61
CA LEU B 365 -31.16 -26.81 -0.82
C LEU B 365 -31.43 -27.11 0.65
N ASP B 366 -30.36 -27.11 1.43
CA ASP B 366 -30.46 -27.33 2.87
C ASP B 366 -30.54 -25.99 3.60
N PRO B 367 -31.53 -25.80 4.48
CA PRO B 367 -31.64 -24.51 5.18
C PRO B 367 -30.44 -24.20 6.06
N GLU B 368 -29.67 -25.22 6.46
CA GLU B 368 -28.51 -24.95 7.31
C GLU B 368 -27.37 -24.28 6.55
N ASP B 369 -27.45 -24.22 5.22
CA ASP B 369 -26.37 -23.61 4.44
C ASP B 369 -26.40 -22.09 4.56
N VAL B 370 -27.58 -21.50 4.50
CA VAL B 370 -27.71 -20.03 4.56
C VAL B 370 -27.55 -19.59 6.01
N ASP B 371 -26.66 -18.62 6.24
CA ASP B 371 -26.32 -18.21 7.59
C ASP B 371 -27.45 -17.44 8.24
N VAL B 372 -27.92 -16.37 7.60
CA VAL B 372 -29.01 -15.56 8.14
C VAL B 372 -30.17 -15.57 7.16
N MET B 373 -31.37 -15.84 7.66
CA MET B 373 -32.57 -15.86 6.83
C MET B 373 -33.54 -14.80 7.32
N MET B 374 -33.61 -13.67 6.62
CA MET B 374 -34.57 -12.64 6.98
C MET B 374 -35.86 -12.93 6.24
N GLY B 375 -36.98 -12.48 6.79
CA GLY B 375 -38.26 -12.65 6.14
C GLY B 375 -39.26 -11.65 6.66
N THR B 376 -40.40 -11.57 5.97
CA THR B 376 -41.42 -10.59 6.28
C THR B 376 -42.78 -11.26 6.17
N PHE B 377 -43.66 -10.99 7.13
CA PHE B 377 -44.98 -11.60 7.10
C PHE B 377 -45.97 -10.74 6.31
N THR B 378 -45.56 -9.56 5.87
CA THR B 378 -46.48 -8.63 5.23
C THR B 378 -47.03 -9.16 3.92
N1 LLP B 379 -37.57 -6.37 1.66
C2 LLP B 379 -38.19 -6.74 0.49
C2' LLP B 379 -37.44 -7.53 -0.53
C3 LLP B 379 -39.51 -6.38 0.26
O3 LLP B 379 -40.12 -6.77 -0.91
C4 LLP B 379 -40.24 -5.66 1.20
C4' LLP B 379 -41.71 -5.97 1.24
C5 LLP B 379 -39.59 -5.28 2.38
C6 LLP B 379 -38.27 -5.64 2.60
C5' LLP B 379 -40.30 -4.48 3.45
OP4 LLP B 379 -41.34 -5.19 4.08
P LLP B 379 -42.33 -4.40 5.07
OP1 LLP B 379 -43.21 -3.52 4.23
OP2 LLP B 379 -41.51 -3.55 6.01
OP3 LLP B 379 -43.18 -5.35 5.86
N LLP B 379 -46.16 -9.76 3.11
CA LLP B 379 -46.52 -10.14 1.75
CB LLP B 379 -45.26 -10.48 0.94
CG LLP B 379 -44.13 -9.47 1.09
CD LLP B 379 -44.58 -8.08 0.66
CE LLP B 379 -43.40 -7.16 0.41
NZ LLP B 379 -42.36 -7.19 1.47
C LLP B 379 -47.49 -11.32 1.73
O LLP B 379 -48.61 -11.19 1.24
N SER B 380 -47.08 -12.45 2.28
CA SER B 380 -47.84 -13.69 2.12
C SER B 380 -48.82 -13.95 3.27
N PHE B 381 -48.38 -13.74 4.51
CA PHE B 381 -49.19 -14.16 5.65
C PHE B 381 -50.27 -13.15 5.99
N GLY B 382 -50.23 -11.96 5.39
CA GLY B 382 -51.26 -10.98 5.58
C GLY B 382 -51.21 -10.17 6.85
N ALA B 383 -50.09 -10.21 7.59
CA ALA B 383 -49.94 -9.41 8.79
C ALA B 383 -48.55 -8.78 8.81
N SER B 384 -48.47 -7.58 9.37
CA SER B 384 -47.24 -6.80 9.32
C SER B 384 -46.25 -7.32 10.36
N GLY B 385 -45.00 -7.50 9.96
CA GLY B 385 -43.98 -7.98 10.87
C GLY B 385 -42.69 -8.28 10.14
N GLY B 386 -41.77 -8.93 10.84
CA GLY B 386 -40.54 -9.38 10.24
C GLY B 386 -39.88 -10.42 11.12
N TYR B 387 -38.88 -11.10 10.57
CA TYR B 387 -38.22 -12.14 11.35
C TYR B 387 -36.82 -12.41 10.81
N ILE B 388 -35.98 -12.97 11.67
CA ILE B 388 -34.66 -13.47 11.30
C ILE B 388 -34.48 -14.87 11.89
N GLY B 389 -34.09 -15.81 11.05
CA GLY B 389 -33.84 -17.18 11.48
C GLY B 389 -32.42 -17.63 11.25
N GLY B 390 -31.93 -18.48 12.16
CA GLY B 390 -30.58 -19.00 12.06
C GLY B 390 -30.29 -19.91 13.24
N LYS B 391 -28.99 -20.08 13.48
CA LYS B 391 -28.53 -20.94 14.56
C LYS B 391 -28.76 -20.27 15.91
N LYS B 392 -28.68 -21.06 16.98
CA LYS B 392 -29.07 -20.58 18.30
C LYS B 392 -28.11 -19.50 18.79
N GLU B 393 -26.82 -19.63 18.51
CA GLU B 393 -25.87 -18.61 18.95
C GLU B 393 -26.14 -17.27 18.28
N LEU B 394 -26.48 -17.29 16.99
CA LEU B 394 -26.86 -16.07 16.29
C LEU B 394 -28.06 -15.40 16.97
N ILE B 395 -29.07 -16.20 17.30
CA ILE B 395 -30.30 -15.65 17.86
C ILE B 395 -30.06 -15.10 19.26
N ASP B 396 -29.21 -15.77 20.04
CA ASP B 396 -28.89 -15.24 21.36
C ASP B 396 -28.13 -13.93 21.26
N TYR B 397 -27.13 -13.88 20.36
CA TYR B 397 -26.37 -12.64 20.20
C TYR B 397 -27.27 -11.51 19.71
N LEU B 398 -28.25 -11.83 18.86
CA LEU B 398 -29.15 -10.78 18.38
C LEU B 398 -30.14 -10.35 19.45
N ARG B 399 -30.63 -11.30 20.24
CA ARG B 399 -31.50 -10.94 21.37
C ARG B 399 -30.77 -10.02 22.34
N THR B 400 -29.44 -10.15 22.42
CA THR B 400 -28.71 -9.32 23.35
C THR B 400 -28.30 -7.98 22.74
N HIS B 401 -27.89 -7.97 21.47
CA HIS B 401 -27.19 -6.83 20.87
C HIS B 401 -27.87 -6.36 19.58
N SER B 402 -29.18 -6.17 19.61
CA SER B 402 -29.93 -5.66 18.46
C SER B 402 -30.62 -4.36 18.81
N HIS B 403 -30.60 -3.40 17.89
CA HIS B 403 -31.15 -2.08 18.18
C HIS B 403 -32.64 -2.14 18.48
N SER B 404 -33.40 -2.91 17.70
CA SER B 404 -34.84 -2.98 17.93
C SER B 404 -35.16 -3.86 19.13
N ALA B 405 -34.22 -4.71 19.53
CA ALA B 405 -34.42 -5.51 20.73
C ALA B 405 -34.38 -4.65 21.98
N VAL B 406 -33.59 -3.58 21.95
CA VAL B 406 -33.35 -2.77 23.14
C VAL B 406 -34.16 -1.48 23.14
N TYR B 407 -34.40 -0.87 21.97
CA TYR B 407 -34.89 0.50 21.92
C TYR B 407 -36.28 0.63 21.30
N ALA B 408 -36.86 -0.42 20.75
CA ALA B 408 -38.10 -0.29 20.01
C ALA B 408 -39.13 -1.31 20.50
N THR B 409 -40.40 -0.93 20.38
CA THR B 409 -41.50 -1.75 20.88
C THR B 409 -41.64 -3.03 20.08
N SER B 410 -42.07 -4.09 20.75
CA SER B 410 -42.29 -5.37 20.11
C SER B 410 -43.60 -5.37 19.32
N LEU B 411 -43.93 -6.53 18.74
CA LEU B 411 -45.09 -6.65 17.88
C LEU B 411 -46.39 -6.46 18.64
N SER B 412 -47.46 -6.21 17.90
CA SER B 412 -48.79 -6.12 18.50
C SER B 412 -49.31 -7.52 18.81
N PRO B 413 -50.18 -7.67 19.80
CA PRO B 413 -50.68 -9.01 20.16
C PRO B 413 -51.65 -9.57 19.14
N PRO B 414 -52.60 -8.80 18.60
CA PRO B 414 -53.48 -9.39 17.56
C PRO B 414 -52.73 -9.79 16.30
N VAL B 415 -51.70 -9.03 15.93
CA VAL B 415 -50.96 -9.34 14.71
C VAL B 415 -50.22 -10.66 14.83
N VAL B 416 -49.61 -10.92 16.00
CA VAL B 416 -48.89 -12.18 16.16
C VAL B 416 -49.87 -13.35 16.15
N GLU B 417 -51.09 -13.13 16.64
CA GLU B 417 -52.09 -14.20 16.56
C GLU B 417 -52.49 -14.47 15.12
N GLN B 418 -52.65 -13.41 14.33
CA GLN B 418 -52.96 -13.62 12.91
C GLN B 418 -51.85 -14.36 12.20
N ILE B 419 -50.59 -14.00 12.50
CA ILE B 419 -49.45 -14.69 11.91
C ILE B 419 -49.45 -16.15 12.32
N ILE B 420 -49.70 -16.43 13.61
CA ILE B 420 -49.69 -17.81 14.09
C ILE B 420 -50.77 -18.62 13.39
N THR B 421 -51.98 -18.07 13.28
CA THR B 421 -53.07 -18.80 12.65
C THR B 421 -52.79 -19.06 11.17
N SER B 422 -52.31 -18.05 10.45
CA SER B 422 -52.00 -18.23 9.03
C SER B 422 -50.89 -19.24 8.82
N MET B 423 -49.85 -19.18 9.66
CA MET B 423 -48.72 -20.09 9.49
C MET B 423 -49.11 -21.51 9.86
N LYS B 424 -49.98 -21.68 10.87
CA LYS B 424 -50.50 -23.00 11.16
C LYS B 424 -51.36 -23.53 10.02
N CYS B 425 -52.12 -22.65 9.36
CA CYS B 425 -52.90 -23.08 8.21
C CYS B 425 -52.00 -23.56 7.08
N ILE B 426 -50.91 -22.85 6.82
CA ILE B 426 -49.99 -23.27 5.77
C ILE B 426 -49.28 -24.57 6.15
N MET B 427 -48.92 -24.72 7.44
CA MET B 427 -48.25 -25.93 7.89
C MET B 427 -49.09 -27.18 7.65
N GLY B 428 -50.40 -27.08 7.81
CA GLY B 428 -51.26 -28.24 7.84
C GLY B 428 -51.62 -28.73 9.22
N GLN B 429 -51.19 -28.02 10.27
CA GLN B 429 -51.57 -28.42 11.62
C GLN B 429 -53.07 -28.33 11.83
N ASP B 430 -53.74 -27.47 11.07
CA ASP B 430 -55.20 -27.37 11.18
C ASP B 430 -55.87 -28.66 10.75
N GLY B 431 -55.26 -29.40 9.82
CA GLY B 431 -55.81 -30.64 9.32
C GLY B 431 -56.70 -30.49 8.10
N THR B 432 -57.09 -29.27 7.75
CA THR B 432 -57.92 -29.05 6.58
C THR B 432 -57.06 -28.95 5.33
N SER B 433 -57.59 -29.43 4.21
CA SER B 433 -56.84 -29.40 2.95
C SER B 433 -56.60 -27.98 2.47
N LEU B 434 -57.32 -27.00 3.03
CA LEU B 434 -57.05 -25.61 2.74
C LEU B 434 -55.63 -25.25 3.19
N GLY B 435 -54.99 -24.38 2.44
CA GLY B 435 -53.61 -24.01 2.67
C GLY B 435 -52.61 -24.78 1.84
N LYS B 436 -52.96 -25.99 1.43
CA LYS B 436 -52.19 -26.72 0.42
C LYS B 436 -52.74 -26.52 -0.99
N GLU B 437 -54.04 -26.24 -1.11
CA GLU B 437 -54.59 -25.88 -2.41
C GLU B 437 -54.12 -24.50 -2.84
N CYS B 438 -53.78 -23.64 -1.88
CA CYS B 438 -53.39 -22.26 -2.20
C CYS B 438 -52.10 -22.23 -3.01
N VAL B 439 -51.12 -23.07 -2.67
CA VAL B 439 -49.87 -23.07 -3.40
C VAL B 439 -50.06 -23.59 -4.82
N GLN B 440 -50.84 -24.68 -4.98
CA GLN B 440 -51.13 -25.17 -6.31
C GLN B 440 -51.86 -24.14 -7.14
N GLN B 441 -52.84 -23.45 -6.53
CA GLN B 441 -53.60 -22.45 -7.26
C GLN B 441 -52.71 -21.30 -7.69
N LEU B 442 -51.81 -20.85 -6.81
CA LEU B 442 -50.91 -19.77 -7.19
C LEU B 442 -49.98 -20.19 -8.32
N ALA B 443 -49.46 -21.43 -8.26
CA ALA B 443 -48.60 -21.89 -9.34
C ALA B 443 -49.35 -21.95 -10.67
N GLU B 444 -50.57 -22.46 -10.66
CA GLU B 444 -51.36 -22.53 -11.88
C GLU B 444 -51.65 -21.13 -12.42
N ASN B 445 -52.02 -20.20 -11.54
CA ASN B 445 -52.30 -18.84 -11.99
C ASN B 445 -51.07 -18.20 -12.61
N THR B 446 -49.90 -18.40 -11.99
CA THR B 446 -48.69 -17.82 -12.55
C THR B 446 -48.38 -18.39 -13.91
N ARG B 447 -48.46 -19.72 -14.06
CA ARG B 447 -48.19 -20.33 -15.35
C ARG B 447 -49.12 -19.80 -16.43
N TYR B 448 -50.42 -19.80 -16.14
CA TYR B 448 -51.42 -19.35 -17.12
C TYR B 448 -51.19 -17.90 -17.52
N PHE B 449 -51.05 -17.02 -16.53
CA PHE B 449 -50.92 -15.60 -16.81
C PHE B 449 -49.65 -15.31 -17.61
N ARG B 450 -48.52 -15.87 -17.17
CA ARG B 450 -47.27 -15.60 -17.87
C ARG B 450 -47.31 -16.13 -19.30
N ARG B 451 -47.81 -17.35 -19.51
CA ARG B 451 -47.84 -17.90 -20.85
C ARG B 451 -48.77 -17.10 -21.76
N ARG B 452 -49.97 -16.78 -21.29
CA ARG B 452 -50.91 -16.05 -22.14
C ARG B 452 -50.39 -14.66 -22.47
N LEU B 453 -49.78 -13.97 -21.50
CA LEU B 453 -49.22 -12.65 -21.79
C LEU B 453 -48.06 -12.75 -22.77
N LYS B 454 -47.22 -13.78 -22.64
CA LYS B 454 -46.08 -13.90 -23.55
C LYS B 454 -46.52 -14.23 -24.96
N GLU B 455 -47.64 -14.95 -25.10
CA GLU B 455 -48.08 -15.32 -26.44
C GLU B 455 -48.89 -14.23 -27.14
N MET B 456 -49.13 -13.10 -26.47
CA MET B 456 -49.77 -11.96 -27.12
C MET B 456 -48.78 -11.02 -27.79
N GLY B 457 -47.49 -11.18 -27.54
CA GLY B 457 -46.50 -10.30 -28.11
C GLY B 457 -45.93 -9.26 -27.18
N PHE B 458 -46.16 -9.37 -25.87
CA PHE B 458 -45.62 -8.43 -24.91
C PHE B 458 -44.18 -8.80 -24.56
N ILE B 459 -43.51 -7.89 -23.85
CA ILE B 459 -42.20 -8.16 -23.27
C ILE B 459 -42.37 -8.31 -21.76
N ILE B 460 -41.92 -9.45 -21.23
CA ILE B 460 -42.06 -9.77 -19.82
C ILE B 460 -40.70 -10.16 -19.27
N TYR B 461 -40.35 -9.61 -18.11
CA TYR B 461 -39.09 -9.91 -17.45
C TYR B 461 -39.27 -11.00 -16.41
N GLY B 462 -38.19 -11.71 -16.10
CA GLY B 462 -38.14 -12.56 -14.93
C GLY B 462 -38.27 -14.03 -15.27
N ASN B 463 -38.21 -14.84 -14.21
CA ASN B 463 -38.29 -16.28 -14.33
C ASN B 463 -39.70 -16.71 -14.70
N GLU B 464 -39.86 -18.00 -15.03
CA GLU B 464 -41.17 -18.50 -15.42
C GLU B 464 -42.01 -18.88 -14.19
N ASP B 465 -41.38 -18.99 -13.03
CA ASP B 465 -42.08 -19.40 -11.82
C ASP B 465 -42.24 -18.28 -10.80
N SER B 466 -42.06 -17.03 -11.20
CA SER B 466 -42.16 -15.93 -10.26
C SER B 466 -43.52 -15.26 -10.37
N PRO B 467 -44.27 -15.16 -9.27
CA PRO B 467 -45.61 -14.55 -9.36
C PRO B 467 -45.62 -13.11 -9.83
N VAL B 468 -44.59 -12.33 -9.54
CA VAL B 468 -44.56 -10.94 -10.00
C VAL B 468 -44.23 -10.91 -11.48
N VAL B 469 -45.07 -10.21 -12.25
CA VAL B 469 -44.94 -10.17 -13.71
C VAL B 469 -44.72 -8.72 -14.15
N PRO B 470 -43.52 -8.33 -14.55
CA PRO B 470 -43.32 -6.99 -15.09
C PRO B 470 -43.60 -6.94 -16.58
N LEU B 471 -44.38 -5.95 -17.00
CA LEU B 471 -44.72 -5.72 -18.39
C LEU B 471 -44.15 -4.37 -18.78
N MET B 472 -43.40 -4.33 -19.89
CA MET B 472 -42.59 -3.16 -20.21
C MET B 472 -43.34 -2.22 -21.14
N LEU B 473 -43.30 -0.92 -20.82
CA LEU B 473 -43.95 0.13 -21.59
C LEU B 473 -42.95 1.00 -22.34
N TYR B 474 -41.80 1.29 -21.72
CA TYR B 474 -40.64 1.92 -22.34
C TYR B 474 -40.81 3.41 -22.60
N MET B 475 -41.98 3.98 -22.35
CA MET B 475 -42.06 5.40 -22.65
C MET B 475 -42.69 6.16 -21.49
N PRO B 476 -42.34 7.44 -21.31
CA PRO B 476 -42.88 8.18 -20.16
C PRO B 476 -44.38 8.44 -20.25
N ALA B 477 -44.88 8.83 -21.43
CA ALA B 477 -46.31 9.10 -21.55
C ALA B 477 -47.13 7.83 -21.44
N LYS B 478 -46.57 6.71 -21.87
CA LYS B 478 -47.30 5.45 -21.81
C LYS B 478 -47.48 4.97 -20.39
N ILE B 479 -46.65 5.43 -19.46
CA ILE B 479 -46.87 5.12 -18.04
C ILE B 479 -48.23 5.66 -17.59
N GLY B 480 -48.42 6.97 -17.70
CA GLY B 480 -49.69 7.56 -17.31
C GLY B 480 -50.84 7.04 -18.15
N ALA B 481 -50.62 6.86 -19.45
CA ALA B 481 -51.68 6.35 -20.30
C ALA B 481 -52.13 4.96 -19.86
N PHE B 482 -51.18 4.06 -19.61
CA PHE B 482 -51.53 2.71 -19.19
C PHE B 482 -52.26 2.72 -17.86
N GLY B 483 -51.75 3.50 -16.91
CA GLY B 483 -52.42 3.54 -15.61
C GLY B 483 -53.86 4.02 -15.71
N ARG B 484 -54.08 5.12 -16.43
CA ARG B 484 -55.43 5.67 -16.51
C ARG B 484 -56.37 4.78 -17.30
N GLU B 485 -55.89 4.21 -18.41
CA GLU B 485 -56.77 3.36 -19.22
C GLU B 485 -57.06 2.04 -18.50
N MET B 486 -56.13 1.55 -17.68
CA MET B 486 -56.42 0.35 -16.91
C MET B 486 -57.44 0.64 -15.81
N LEU B 487 -57.31 1.77 -15.12
CA LEU B 487 -58.31 2.08 -14.11
C LEU B 487 -59.68 2.33 -14.75
N LYS B 488 -59.70 2.91 -15.94
CA LYS B 488 -60.97 3.15 -16.63
C LYS B 488 -61.67 1.84 -16.96
N ARG B 489 -60.92 0.77 -17.18
CA ARG B 489 -61.48 -0.54 -17.43
C ARG B 489 -61.56 -1.39 -16.17
N ASN B 490 -61.47 -0.77 -14.99
CA ASN B 490 -61.62 -1.45 -13.70
C ASN B 490 -60.56 -2.51 -13.47
N ILE B 491 -59.29 -2.15 -13.61
CA ILE B 491 -58.16 -2.98 -13.19
C ILE B 491 -57.14 -2.06 -12.55
N GLY B 492 -56.59 -2.48 -11.40
CA GLY B 492 -55.61 -1.69 -10.69
C GLY B 492 -54.23 -2.29 -10.81
N VAL B 493 -53.30 -1.51 -11.35
CA VAL B 493 -51.93 -1.95 -11.58
C VAL B 493 -50.98 -0.90 -11.01
N VAL B 494 -49.70 -1.25 -10.98
CA VAL B 494 -48.64 -0.40 -10.44
C VAL B 494 -47.64 -0.11 -11.55
N VAL B 495 -47.47 1.17 -11.89
CA VAL B 495 -46.59 1.60 -12.97
C VAL B 495 -45.39 2.31 -12.35
N VAL B 496 -44.20 2.03 -12.89
CA VAL B 496 -42.93 2.51 -12.35
C VAL B 496 -42.16 3.22 -13.45
N GLY B 497 -41.64 4.40 -13.14
CA GLY B 497 -41.06 5.31 -14.11
C GLY B 497 -39.55 5.41 -14.04
N PHE B 498 -39.02 6.57 -14.47
CA PHE B 498 -37.59 6.67 -14.74
C PHE B 498 -36.74 6.63 -13.47
N PRO B 499 -36.78 7.63 -12.58
CA PRO B 499 -35.73 7.72 -11.56
C PRO B 499 -35.59 6.46 -10.73
N ALA B 500 -36.68 5.70 -10.57
CA ALA B 500 -36.60 4.41 -9.91
C ALA B 500 -35.80 3.40 -10.73
N THR B 501 -35.96 3.42 -12.05
CA THR B 501 -35.45 2.38 -12.92
C THR B 501 -34.37 2.92 -13.85
N PRO B 502 -33.77 2.10 -14.71
CA PRO B 502 -33.05 2.65 -15.85
C PRO B 502 -33.96 3.53 -16.70
N ILE B 503 -33.36 4.35 -17.54
CA ILE B 503 -34.14 5.35 -18.27
C ILE B 503 -35.02 4.70 -19.33
N ILE B 504 -34.49 3.69 -20.02
CA ILE B 504 -35.25 3.07 -21.11
C ILE B 504 -36.32 2.15 -20.56
N GLU B 505 -36.17 1.68 -19.33
CA GLU B 505 -37.00 0.61 -18.78
C GLU B 505 -38.02 1.20 -17.82
N SER B 506 -39.23 1.46 -18.30
CA SER B 506 -40.36 1.87 -17.48
C SER B 506 -41.40 0.76 -17.56
N ARG B 507 -41.91 0.32 -16.42
CA ARG B 507 -42.65 -0.93 -16.41
C ARG B 507 -43.97 -0.81 -15.66
N ALA B 508 -44.69 -1.92 -15.64
CA ALA B 508 -45.93 -2.07 -14.88
C ALA B 508 -45.95 -3.48 -14.31
N ARG B 509 -46.08 -3.59 -12.99
CA ARG B 509 -45.91 -4.85 -12.30
C ARG B 509 -47.26 -5.42 -11.88
N PHE B 510 -47.50 -6.70 -12.19
CA PHE B 510 -48.70 -7.41 -11.78
C PHE B 510 -48.31 -8.40 -10.69
N CYS B 511 -49.04 -8.39 -9.58
CA CYS B 511 -48.82 -9.34 -8.49
C CYS B 511 -49.98 -10.31 -8.45
N LEU B 512 -49.76 -11.54 -8.89
CA LEU B 512 -50.79 -12.55 -8.89
C LEU B 512 -51.04 -13.07 -7.48
N SER B 513 -52.11 -13.83 -7.34
CA SER B 513 -52.55 -14.31 -6.03
C SER B 513 -53.31 -15.63 -6.20
N ALA B 514 -53.44 -16.35 -5.09
CA ALA B 514 -54.24 -17.57 -5.11
C ALA B 514 -55.72 -17.25 -4.93
N ALA B 515 -56.04 -15.99 -4.65
CA ALA B 515 -57.44 -15.59 -4.52
C ALA B 515 -58.05 -15.32 -5.90
N HIS B 516 -57.22 -15.18 -6.92
CA HIS B 516 -57.70 -14.91 -8.27
C HIS B 516 -58.27 -16.16 -8.91
N THR B 517 -59.56 -16.11 -9.27
CA THR B 517 -60.17 -17.20 -10.01
C THR B 517 -59.78 -17.11 -11.48
N LYS B 518 -60.28 -18.06 -12.27
CA LYS B 518 -59.95 -18.08 -13.69
C LYS B 518 -60.72 -17.01 -14.46
N GLU B 519 -61.96 -16.73 -14.05
CA GLU B 519 -62.74 -15.70 -14.72
C GLU B 519 -62.09 -14.33 -14.57
N ILE B 520 -61.58 -14.03 -13.37
CA ILE B 520 -60.90 -12.75 -13.16
C ILE B 520 -59.67 -12.66 -14.04
N LEU B 521 -58.88 -13.73 -14.14
CA LEU B 521 -57.71 -13.72 -14.98
C LEU B 521 -58.06 -13.54 -16.45
N ASP B 522 -59.13 -14.19 -16.90
CA ASP B 522 -59.54 -14.04 -18.30
C ASP B 522 -60.00 -12.61 -18.58
N THR B 523 -60.78 -12.02 -17.69
CA THR B 523 -61.19 -10.63 -17.87
C THR B 523 -59.99 -9.70 -17.92
N ALA B 524 -59.05 -9.89 -17.00
CA ALA B 524 -57.86 -9.05 -16.97
C ALA B 524 -57.05 -9.21 -18.24
N LEU B 525 -56.91 -10.44 -18.73
CA LEU B 525 -56.12 -10.67 -19.94
C LEU B 525 -56.78 -10.04 -21.15
N LYS B 526 -58.11 -10.14 -21.26
CA LYS B 526 -58.79 -9.51 -22.39
C LYS B 526 -58.62 -7.99 -22.36
N GLU B 527 -58.79 -7.38 -21.19
CA GLU B 527 -58.62 -5.93 -21.11
C GLU B 527 -57.18 -5.52 -21.37
N ILE B 528 -56.21 -6.30 -20.88
CA ILE B 528 -54.81 -6.00 -21.14
C ILE B 528 -54.51 -6.08 -22.62
N ASP B 529 -55.06 -7.07 -23.31
CA ASP B 529 -54.85 -7.18 -24.75
C ASP B 529 -55.46 -6.00 -25.49
N GLU B 530 -56.66 -5.57 -25.10
CA GLU B 530 -57.26 -4.43 -25.75
C GLU B 530 -56.44 -3.15 -25.54
N VAL B 531 -55.95 -2.94 -24.32
CA VAL B 531 -55.14 -1.75 -24.07
C VAL B 531 -53.81 -1.84 -24.80
N GLY B 532 -53.24 -3.04 -24.89
CA GLY B 532 -52.02 -3.21 -25.65
C GLY B 532 -52.19 -2.87 -27.12
N ASP B 533 -53.33 -3.26 -27.70
CA ASP B 533 -53.64 -2.83 -29.06
C ASP B 533 -53.79 -1.32 -29.12
N LEU B 534 -54.43 -0.71 -28.12
CA LEU B 534 -54.68 0.73 -28.15
C LEU B 534 -53.39 1.53 -28.09
N LEU B 535 -52.48 1.18 -27.18
CA LEU B 535 -51.26 1.94 -26.96
C LEU B 535 -50.06 1.38 -27.74
N GLN B 536 -50.23 0.28 -28.46
CA GLN B 536 -49.13 -0.38 -29.18
C GLN B 536 -48.00 -0.73 -28.22
N LEU B 537 -48.30 -1.60 -27.27
CA LEU B 537 -47.32 -2.02 -26.27
C LEU B 537 -46.69 -3.36 -26.56
N LYS B 538 -46.98 -3.96 -27.71
CA LYS B 538 -46.42 -5.27 -28.05
C LYS B 538 -45.10 -5.08 -28.78
N TYR B 539 -43.99 -5.11 -28.04
CA TYR B 539 -42.68 -4.85 -28.62
C TYR B 539 -41.84 -6.12 -28.72
N SER B 540 -42.48 -7.29 -28.83
CA SER B 540 -41.75 -8.56 -28.83
C SER B 540 -41.50 -9.00 -30.27
N ARG B 541 -40.24 -9.27 -30.59
CA ARG B 541 -39.89 -9.69 -31.93
C ARG B 541 -40.28 -11.14 -32.18
N HIS B 542 -40.10 -12.01 -31.17
CA HIS B 542 -40.34 -13.44 -31.38
C HIS B 542 -41.81 -13.74 -31.63
N ARG B 543 -42.70 -13.19 -30.81
CA ARG B 543 -44.11 -13.54 -30.88
C ARG B 543 -44.94 -12.27 -30.98
N LEU B 544 -46.13 -12.40 -31.55
CA LEU B 544 -47.07 -11.29 -31.64
C LEU B 544 -48.47 -11.80 -31.92
N ARG C 8 -64.64 5.57 -40.64
CA ARG C 8 -63.45 4.73 -40.55
C ARG C 8 -62.18 5.57 -40.67
N ALA C 9 -62.14 6.44 -41.67
CA ALA C 9 -60.97 7.28 -41.87
C ALA C 9 -60.77 8.25 -40.71
N TRP C 10 -61.86 8.85 -40.22
CA TRP C 10 -61.75 9.80 -39.13
C TRP C 10 -61.24 9.13 -37.86
N LYS C 11 -61.73 7.92 -37.58
CA LYS C 11 -61.24 7.16 -36.44
C LYS C 11 -59.76 6.85 -36.56
N GLN C 12 -59.32 6.50 -37.77
CA GLN C 12 -57.90 6.25 -38.00
C GLN C 12 -57.06 7.50 -37.77
N MET C 13 -57.56 8.66 -38.22
CA MET C 13 -56.84 9.89 -38.00
C MET C 13 -56.76 10.24 -36.51
N SER C 14 -57.86 10.01 -35.79
CA SER C 14 -57.84 10.24 -34.34
C SER C 14 -56.83 9.33 -33.66
N TRP C 15 -56.78 8.05 -34.06
CA TRP C 15 -55.82 7.14 -33.47
C TRP C 15 -54.38 7.55 -33.78
N PHE C 16 -54.14 8.03 -35.01
CA PHE C 16 -52.79 8.44 -35.37
C PHE C 16 -52.38 9.69 -34.61
N TYR C 17 -53.30 10.61 -34.38
CA TYR C 17 -53.00 11.75 -33.52
C TYR C 17 -52.70 11.29 -32.10
N TYR C 18 -53.45 10.30 -31.61
CA TYR C 18 -53.18 9.75 -30.28
C TYR C 18 -51.78 9.18 -30.20
N GLN C 19 -51.37 8.44 -31.23
CA GLN C 19 -50.02 7.85 -31.24
C GLN C 19 -48.96 8.94 -31.31
N TYR C 20 -49.21 10.00 -32.08
CA TYR C 20 -48.27 11.11 -32.11
C TYR C 20 -48.12 11.74 -30.73
N LEU C 21 -49.24 11.92 -30.02
CA LEU C 21 -49.18 12.46 -28.67
C LEU C 21 -48.37 11.55 -27.75
N LEU C 22 -48.63 10.25 -27.80
CA LEU C 22 -47.92 9.34 -26.89
C LEU C 22 -46.42 9.30 -27.20
N VAL C 23 -46.05 9.31 -28.49
CA VAL C 23 -44.64 9.22 -28.85
C VAL C 23 -43.90 10.51 -28.49
N THR C 24 -44.49 11.67 -28.80
CA THR C 24 -43.82 12.94 -28.55
C THR C 24 -43.97 13.44 -27.12
N ALA C 25 -44.54 12.64 -26.24
CA ALA C 25 -44.74 12.98 -24.83
C ALA C 25 -45.58 14.23 -24.63
N LEU C 26 -46.31 14.66 -25.66
CA LEU C 26 -47.23 15.77 -25.50
C LEU C 26 -48.47 15.38 -24.71
N TYR C 27 -48.65 14.09 -24.43
CA TYR C 27 -49.85 13.62 -23.75
C TYR C 27 -49.96 14.23 -22.36
N MET C 28 -48.84 14.36 -21.65
CA MET C 28 -48.88 14.85 -20.28
C MET C 28 -48.77 16.37 -20.21
N LEU C 29 -48.47 17.04 -21.32
CA LEU C 29 -48.29 18.49 -21.29
C LEU C 29 -49.64 19.21 -21.32
N GLU C 30 -49.66 20.41 -20.76
CA GLU C 30 -50.86 21.22 -20.72
C GLU C 30 -51.21 21.70 -22.12
N PRO C 31 -52.47 22.05 -22.37
CA PRO C 31 -52.89 22.38 -23.74
C PRO C 31 -52.09 23.48 -24.40
N TRP C 32 -51.70 24.53 -23.67
CA TRP C 32 -50.99 25.62 -24.31
C TRP C 32 -49.55 25.22 -24.64
N GLU C 33 -48.98 24.28 -23.88
CA GLU C 33 -47.68 23.73 -24.26
C GLU C 33 -47.78 22.92 -25.53
N ARG C 34 -48.87 22.16 -25.68
CA ARG C 34 -49.12 21.48 -26.95
C ARG C 34 -49.23 22.48 -28.09
N THR C 35 -49.92 23.61 -27.86
CA THR C 35 -50.05 24.64 -28.88
C THR C 35 -48.69 25.19 -29.27
N VAL C 36 -47.83 25.46 -28.30
CA VAL C 36 -46.49 25.98 -28.59
C VAL C 36 -45.71 24.98 -29.44
N PHE C 37 -45.69 23.71 -29.02
CA PHE C 37 -44.92 22.72 -29.74
C PHE C 37 -45.45 22.53 -31.16
N ASN C 38 -46.77 22.47 -31.31
CA ASN C 38 -47.35 22.29 -32.64
C ASN C 38 -47.07 23.48 -33.55
N SER C 39 -47.15 24.69 -33.00
CA SER C 39 -46.86 25.87 -33.82
C SER C 39 -45.42 25.88 -34.29
N MET C 40 -44.49 25.56 -33.38
CA MET C 40 -43.09 25.49 -33.78
C MET C 40 -42.87 24.43 -34.87
N LEU C 41 -43.50 23.27 -34.71
CA LEU C 41 -43.33 22.19 -35.68
C LEU C 41 -43.88 22.58 -37.05
N VAL C 42 -45.08 23.15 -37.09
CA VAL C 42 -45.68 23.49 -38.37
C VAL C 42 -44.91 24.62 -39.04
N SER C 43 -44.41 25.58 -38.24
CA SER C 43 -43.59 26.64 -38.82
C SER C 43 -42.32 26.06 -39.45
N ILE C 44 -41.66 25.15 -38.75
CA ILE C 44 -40.43 24.57 -39.27
C ILE C 44 -40.72 23.79 -40.55
N VAL C 45 -41.78 23.00 -40.57
CA VAL C 45 -42.09 22.19 -41.75
C VAL C 45 -42.42 23.08 -42.94
N GLY C 46 -43.26 24.10 -42.73
CA GLY C 46 -43.62 24.98 -43.82
C GLY C 46 -42.44 25.74 -44.38
N MET C 47 -41.60 26.29 -43.50
CA MET C 47 -40.41 27.02 -43.96
C MET C 47 -39.44 26.09 -44.68
N ALA C 48 -39.32 24.85 -44.20
CA ALA C 48 -38.47 23.88 -44.89
C ALA C 48 -38.98 23.56 -46.29
N LEU C 49 -40.30 23.38 -46.43
CA LEU C 49 -40.85 23.14 -47.76
C LEU C 49 -40.69 24.34 -48.69
N TYR C 50 -40.88 25.55 -48.17
CA TYR C 50 -40.67 26.75 -48.97
C TYR C 50 -39.22 26.85 -49.45
N THR C 51 -38.26 26.60 -48.55
CA THR C 51 -36.86 26.62 -48.95
C THR C 51 -36.55 25.52 -49.96
N GLY C 52 -37.13 24.34 -49.77
CA GLY C 52 -36.91 23.26 -50.72
C GLY C 52 -37.43 23.59 -52.10
N TYR C 53 -38.61 24.23 -52.17
CA TYR C 53 -39.14 24.64 -53.46
C TYR C 53 -38.27 25.71 -54.11
N VAL C 54 -37.83 26.70 -53.34
CA VAL C 54 -37.10 27.82 -53.93
C VAL C 54 -35.75 27.36 -54.47
N PHE C 55 -34.98 26.62 -53.68
CA PHE C 55 -33.61 26.27 -54.04
C PHE C 55 -33.46 24.87 -54.61
N MET C 56 -33.90 23.85 -53.88
CA MET C 56 -33.73 22.48 -54.33
C MET C 56 -34.55 22.25 -55.60
N PRO C 57 -34.00 21.52 -56.58
CA PRO C 57 -34.76 21.23 -57.80
C PRO C 57 -36.00 20.42 -57.49
N GLN C 58 -37.06 20.65 -58.26
CA GLN C 58 -38.32 19.95 -58.04
C GLN C 58 -38.31 18.58 -58.69
N HIS C 59 -37.27 17.79 -58.41
CA HIS C 59 -37.26 16.39 -58.84
C HIS C 59 -38.12 15.55 -57.92
N ILE C 60 -38.10 15.86 -56.61
CA ILE C 60 -38.97 15.15 -55.67
C ILE C 60 -40.43 15.47 -55.95
N MET C 61 -40.70 16.66 -56.51
CA MET C 61 -42.07 17.01 -56.90
C MET C 61 -42.58 16.08 -57.97
N ALA C 62 -41.75 15.76 -58.97
CA ALA C 62 -42.15 14.83 -60.02
C ALA C 62 -42.38 13.43 -59.45
N ILE C 63 -41.54 13.01 -58.50
CA ILE C 63 -41.72 11.70 -57.88
C ILE C 63 -43.03 11.66 -57.12
N LEU C 64 -43.34 12.73 -56.38
CA LEU C 64 -44.60 12.79 -55.64
C LEU C 64 -45.80 12.78 -56.58
N HIS C 65 -45.71 13.51 -57.70
CA HIS C 65 -46.79 13.52 -58.68
C HIS C 65 -46.99 12.14 -59.29
N TYR C 66 -45.89 11.44 -59.60
CA TYR C 66 -45.98 10.09 -60.15
C TYR C 66 -46.60 9.13 -59.14
N PHE C 67 -46.21 9.26 -57.87
CA PHE C 67 -46.81 8.42 -56.82
C PHE C 67 -48.29 8.69 -56.69
N GLU C 68 -48.70 9.96 -56.75
CA GLU C 68 -50.11 10.29 -56.70
C GLU C 68 -50.86 9.76 -57.92
N ILE C 69 -50.25 9.84 -59.09
CA ILE C 69 -50.86 9.35 -60.32
C ILE C 69 -50.87 7.83 -60.33
N MET D 1 -41.26 8.71 -9.62
CA MET D 1 -40.83 7.67 -8.69
C MET D 1 -39.64 8.01 -7.82
N ASN D 2 -39.54 7.27 -6.73
CA ASN D 2 -38.43 7.42 -5.79
C ASN D 2 -37.18 6.74 -6.33
N VAL D 3 -36.03 7.31 -6.01
CA VAL D 3 -34.78 6.69 -6.40
C VAL D 3 -34.53 5.47 -5.53
N GLY D 4 -34.27 4.34 -6.17
CA GLY D 4 -34.02 3.10 -5.46
C GLY D 4 -35.20 2.15 -5.41
N THR D 5 -36.32 2.47 -6.05
CA THR D 5 -37.46 1.56 -6.05
C THR D 5 -37.17 0.30 -6.83
N ALA D 6 -36.50 0.42 -7.98
CA ALA D 6 -36.21 -0.72 -8.82
C ALA D 6 -34.73 -0.88 -9.17
N HIS D 7 -33.83 -0.18 -8.48
CA HIS D 7 -32.40 -0.32 -8.74
C HIS D 7 -31.65 0.24 -7.54
N SER D 8 -30.62 -0.47 -7.09
CA SER D 8 -29.94 -0.11 -5.85
C SER D 8 -29.03 1.10 -6.00
N GLU D 9 -28.75 1.54 -7.23
CA GLU D 9 -27.77 2.60 -7.43
C GLU D 9 -28.25 3.91 -6.83
N VAL D 10 -27.37 4.56 -6.06
CA VAL D 10 -27.74 5.79 -5.37
C VAL D 10 -27.88 6.95 -6.36
N ASN D 11 -27.12 6.92 -7.44
CA ASN D 11 -27.12 8.01 -8.42
C ASN D 11 -27.36 7.45 -9.81
N PRO D 12 -28.61 7.39 -10.27
CA PRO D 12 -28.86 6.91 -11.64
C PRO D 12 -28.22 7.77 -12.70
N ASN D 13 -28.05 9.08 -12.43
CA ASN D 13 -27.55 10.01 -13.43
C ASN D 13 -26.26 9.52 -14.06
N THR D 14 -25.36 8.93 -13.27
CA THR D 14 -24.04 8.56 -13.76
C THR D 14 -24.13 7.59 -14.93
N ARG D 15 -25.23 6.84 -15.05
CA ARG D 15 -25.34 5.84 -16.10
C ARG D 15 -26.18 6.30 -17.29
N VAL D 16 -26.73 7.51 -17.27
CA VAL D 16 -27.66 7.89 -18.33
C VAL D 16 -26.96 7.94 -19.68
N MET D 17 -25.64 8.10 -19.70
CA MET D 17 -24.90 8.17 -20.96
C MET D 17 -24.44 6.82 -21.45
N ASN D 18 -24.64 5.73 -20.68
CA ASN D 18 -24.25 4.40 -21.11
C ASN D 18 -25.46 3.57 -21.56
N SER D 19 -26.62 4.18 -21.70
CA SER D 19 -27.83 3.42 -21.99
C SER D 19 -27.89 3.04 -23.47
N ARG D 20 -28.82 2.15 -23.78
CA ARG D 20 -28.95 1.62 -25.13
C ARG D 20 -29.68 2.61 -26.03
N GLY D 21 -28.95 3.18 -26.99
CA GLY D 21 -29.53 4.09 -27.95
C GLY D 21 -29.29 5.56 -27.68
N ILE D 22 -28.48 5.89 -26.67
CA ILE D 22 -28.23 7.29 -26.36
C ILE D 22 -27.30 7.91 -27.39
N TRP D 23 -26.31 7.14 -27.87
CA TRP D 23 -25.37 7.66 -28.86
C TRP D 23 -26.07 7.97 -30.18
N LEU D 24 -26.89 7.04 -30.65
CA LEU D 24 -27.61 7.25 -31.90
C LEU D 24 -28.58 8.42 -31.78
N SER D 25 -29.24 8.56 -30.63
CA SER D 25 -30.14 9.69 -30.42
C SER D 25 -29.37 11.01 -30.43
N TYR D 26 -28.19 11.04 -29.81
CA TYR D 26 -27.37 12.25 -29.82
C TYR D 26 -26.97 12.63 -31.23
N VAL D 27 -26.52 11.65 -32.02
CA VAL D 27 -26.10 11.92 -33.39
C VAL D 27 -27.30 12.38 -34.23
N LEU D 28 -28.46 11.75 -34.03
CA LEU D 28 -29.65 12.17 -34.78
C LEU D 28 -30.11 13.56 -34.36
N ALA D 29 -29.90 13.92 -33.09
CA ALA D 29 -30.22 15.27 -32.66
C ALA D 29 -29.33 16.28 -33.36
N ILE D 30 -28.04 16.00 -33.47
CA ILE D 30 -27.14 16.88 -34.21
C ILE D 30 -27.59 16.99 -35.66
N GLY D 31 -27.95 15.86 -36.27
CA GLY D 31 -28.40 15.87 -37.65
C GLY D 31 -29.67 16.68 -37.85
N LEU D 32 -30.62 16.54 -36.93
CA LEU D 32 -31.87 17.31 -37.02
C LEU D 32 -31.61 18.79 -36.85
N LEU D 33 -30.71 19.16 -35.93
CA LEU D 33 -30.34 20.56 -35.78
C LEU D 33 -29.73 21.09 -37.07
N HIS D 34 -28.87 20.32 -37.70
CA HIS D 34 -28.28 20.76 -38.97
C HIS D 34 -29.33 20.92 -40.05
N ILE D 35 -30.29 20.00 -40.12
CA ILE D 35 -31.35 20.11 -41.12
C ILE D 35 -32.17 21.36 -40.88
N VAL D 36 -32.51 21.64 -39.62
CA VAL D 36 -33.29 22.84 -39.30
C VAL D 36 -32.53 24.09 -39.70
N LEU D 37 -31.22 24.12 -39.42
CA LEU D 37 -30.43 25.30 -39.77
C LEU D 37 -30.32 25.46 -41.28
N LEU D 38 -30.13 24.37 -42.02
CA LEU D 38 -30.12 24.44 -43.47
C LEU D 38 -31.45 24.93 -44.01
N SER D 39 -32.54 24.66 -43.28
CA SER D 39 -33.87 25.04 -43.75
C SER D 39 -34.03 26.54 -43.93
N ILE D 40 -33.25 27.36 -43.23
CA ILE D 40 -33.41 28.82 -43.32
C ILE D 40 -33.06 29.27 -44.73
N PRO D 41 -33.92 30.07 -45.39
CA PRO D 41 -33.69 30.33 -46.82
C PRO D 41 -32.59 31.34 -47.10
N PHE D 42 -32.45 32.39 -46.30
CA PHE D 42 -31.56 33.49 -46.62
C PHE D 42 -30.16 33.32 -46.05
N VAL D 43 -29.84 32.19 -45.44
CA VAL D 43 -28.56 32.00 -44.76
C VAL D 43 -27.68 31.10 -45.61
N SER D 44 -26.44 31.54 -45.83
CA SER D 44 -25.49 30.80 -46.65
C SER D 44 -25.01 29.54 -45.93
N VAL D 45 -24.50 28.60 -46.72
CA VAL D 45 -24.11 27.30 -46.17
C VAL D 45 -22.97 27.39 -45.17
N PRO D 46 -21.87 28.11 -45.44
CA PRO D 46 -20.83 28.24 -44.39
C PRO D 46 -21.36 28.79 -43.09
N VAL D 47 -22.25 29.78 -43.15
CA VAL D 47 -22.85 30.32 -41.95
C VAL D 47 -23.69 29.24 -41.26
N VAL D 48 -24.38 28.41 -42.04
CA VAL D 48 -25.16 27.31 -41.46
C VAL D 48 -24.25 26.36 -40.69
N TRP D 49 -23.12 26.00 -41.29
CA TRP D 49 -22.23 25.05 -40.63
C TRP D 49 -21.60 25.64 -39.38
N THR D 50 -21.19 26.91 -39.43
CA THR D 50 -20.58 27.50 -38.24
C THR D 50 -21.62 27.72 -37.15
N LEU D 51 -22.87 28.01 -37.53
CA LEU D 51 -23.94 28.10 -36.55
C LEU D 51 -24.21 26.76 -35.90
N THR D 52 -24.22 25.69 -36.71
CA THR D 52 -24.38 24.35 -36.15
C THR D 52 -23.29 24.05 -35.14
N ASN D 53 -22.04 24.31 -35.50
CA ASN D 53 -20.93 24.02 -34.59
C ASN D 53 -21.06 24.82 -33.30
N LEU D 54 -21.32 26.13 -33.41
CA LEU D 54 -21.38 26.99 -32.24
C LEU D 54 -22.55 26.61 -31.33
N ILE D 55 -23.72 26.37 -31.91
CA ILE D 55 -24.90 26.03 -31.11
C ILE D 55 -24.71 24.69 -30.41
N HIS D 56 -24.22 23.69 -31.14
CA HIS D 56 -23.99 22.39 -30.53
C HIS D 56 -22.99 22.49 -29.40
N ASN D 57 -21.90 23.23 -29.61
CA ASN D 57 -20.86 23.33 -28.59
C ASN D 57 -21.37 24.09 -27.37
N MET D 58 -22.15 25.15 -27.58
CA MET D 58 -22.69 25.90 -26.45
C MET D 58 -23.65 25.06 -25.64
N GLY D 59 -24.55 24.34 -26.31
CA GLY D 59 -25.47 23.47 -25.60
C GLY D 59 -24.76 22.38 -24.83
N MET D 60 -23.75 21.77 -25.45
CA MET D 60 -22.99 20.72 -24.78
C MET D 60 -22.26 21.27 -23.56
N TYR D 61 -21.67 22.46 -23.69
CA TYR D 61 -20.99 23.07 -22.54
C TYR D 61 -21.97 23.34 -21.41
N ILE D 62 -23.15 23.88 -21.73
CA ILE D 62 -24.13 24.20 -20.70
C ILE D 62 -24.58 22.94 -19.99
N PHE D 63 -24.87 21.88 -20.75
CA PHE D 63 -25.45 20.69 -20.14
C PHE D 63 -24.42 19.85 -19.40
N LEU D 64 -23.18 19.81 -19.89
CA LEU D 64 -22.20 18.92 -19.28
C LEU D 64 -21.31 19.60 -18.26
N HIS D 65 -20.95 20.87 -18.45
CA HIS D 65 -19.96 21.52 -17.59
C HIS D 65 -20.49 22.70 -16.79
N THR D 66 -21.78 23.01 -16.87
CA THR D 66 -22.34 24.11 -16.11
C THR D 66 -23.36 23.66 -15.06
N VAL D 67 -24.39 22.94 -15.49
CA VAL D 67 -25.39 22.46 -14.54
C VAL D 67 -24.77 21.41 -13.64
N LYS D 68 -24.80 21.66 -12.33
CA LYS D 68 -24.19 20.77 -11.35
C LYS D 68 -25.24 20.25 -10.39
N GLY D 69 -25.05 19.01 -9.96
CA GLY D 69 -26.00 18.35 -9.10
C GLY D 69 -26.78 17.28 -9.82
N THR D 70 -27.98 17.00 -9.29
CA THR D 70 -28.89 16.04 -9.88
C THR D 70 -30.30 16.62 -9.93
N PRO D 71 -31.09 16.26 -10.95
CA PRO D 71 -32.47 16.76 -11.01
C PRO D 71 -33.43 16.05 -10.06
N PHE D 72 -33.00 14.97 -9.42
CA PHE D 72 -33.84 14.19 -8.53
C PHE D 72 -33.12 14.01 -7.20
N GLU D 73 -33.88 13.86 -6.13
CA GLU D 73 -33.27 13.65 -4.83
C GLU D 73 -32.62 12.27 -4.78
N THR D 74 -31.38 12.23 -4.31
CA THR D 74 -30.56 11.03 -4.30
C THR D 74 -30.27 10.60 -2.88
N PRO D 75 -30.26 9.28 -2.62
CA PRO D 75 -30.15 8.78 -1.25
C PRO D 75 -28.73 8.64 -0.71
N ASP D 76 -27.72 9.18 -1.38
CA ASP D 76 -26.38 9.25 -0.82
C ASP D 76 -26.14 10.57 -0.08
N GLN D 77 -27.20 11.33 0.16
CA GLN D 77 -27.16 12.55 0.98
C GLN D 77 -26.31 13.64 0.34
N GLY D 78 -26.63 13.95 -0.92
CA GLY D 78 -26.04 15.11 -1.57
C GLY D 78 -24.54 15.06 -1.74
N LYS D 79 -24.00 13.89 -2.08
CA LYS D 79 -22.56 13.79 -2.32
C LYS D 79 -22.16 14.57 -3.56
N ALA D 80 -23.01 14.58 -4.59
CA ALA D 80 -22.74 15.26 -5.84
C ALA D 80 -23.52 16.56 -6.00
N ARG D 81 -23.70 17.31 -4.91
CA ARG D 81 -24.45 18.56 -4.99
C ARG D 81 -23.62 19.67 -5.61
N LEU D 82 -22.32 19.43 -5.79
CA LEU D 82 -21.43 20.43 -6.37
C LEU D 82 -20.79 19.97 -7.67
N LEU D 83 -20.79 18.67 -7.95
CA LEU D 83 -20.17 18.16 -9.16
C LEU D 83 -21.05 18.41 -10.38
N THR D 84 -20.42 18.70 -11.51
CA THR D 84 -21.13 18.80 -12.78
C THR D 84 -21.30 17.43 -13.40
N HIS D 85 -22.05 17.38 -14.51
CA HIS D 85 -22.40 16.09 -15.10
C HIS D 85 -21.18 15.36 -15.62
N TRP D 86 -20.24 16.09 -16.21
CA TRP D 86 -19.02 15.45 -16.73
C TRP D 86 -18.23 14.79 -15.61
N GLU D 87 -18.20 15.44 -14.44
CA GLU D 87 -17.48 14.86 -13.30
C GLU D 87 -18.27 13.71 -12.67
N GLN D 88 -19.59 13.75 -12.80
CA GLN D 88 -20.42 12.67 -12.24
C GLN D 88 -20.35 11.42 -13.10
N MET D 89 -20.11 11.58 -14.40
CA MET D 89 -20.18 10.45 -15.32
C MET D 89 -19.27 9.32 -14.87
N ASP D 90 -19.83 8.11 -14.82
CA ASP D 90 -19.10 6.89 -14.53
C ASP D 90 -18.39 6.94 -13.17
N TYR D 91 -18.90 7.73 -12.24
CA TYR D 91 -18.36 7.83 -10.88
C TYR D 91 -16.90 8.26 -10.89
N GLY D 92 -16.54 9.15 -11.82
CA GLY D 92 -15.22 9.73 -11.86
C GLY D 92 -14.17 8.93 -12.59
N VAL D 93 -14.51 7.76 -13.13
CA VAL D 93 -13.56 7.02 -13.94
C VAL D 93 -13.22 7.86 -15.17
N GLN D 94 -11.93 8.06 -15.41
CA GLN D 94 -11.51 9.18 -16.26
C GLN D 94 -11.62 8.85 -17.75
N PHE D 95 -11.31 7.62 -18.15
CA PHE D 95 -11.40 7.22 -19.54
C PHE D 95 -12.42 6.10 -19.67
N THR D 96 -13.41 6.30 -20.53
CA THR D 96 -14.47 5.33 -20.75
C THR D 96 -15.04 5.58 -22.14
N ALA D 97 -15.68 4.57 -22.70
CA ALA D 97 -16.21 4.68 -24.07
C ALA D 97 -17.10 5.91 -24.21
N SER D 98 -17.94 6.19 -23.21
CA SER D 98 -18.81 7.36 -23.29
C SER D 98 -18.02 8.65 -23.32
N ARG D 99 -17.02 8.77 -22.45
CA ARG D 99 -16.20 9.98 -22.41
C ARG D 99 -15.37 10.12 -23.68
N LYS D 100 -14.86 9.00 -24.20
CA LYS D 100 -14.13 9.06 -25.46
C LYS D 100 -15.03 9.54 -26.59
N PHE D 101 -16.25 9.02 -26.67
CA PHE D 101 -17.17 9.45 -27.71
C PHE D 101 -17.51 10.93 -27.58
N LEU D 102 -17.77 11.38 -26.35
CA LEU D 102 -18.13 12.77 -26.14
C LEU D 102 -16.98 13.72 -26.41
N THR D 103 -15.74 13.27 -26.22
CA THR D 103 -14.61 14.12 -26.58
C THR D 103 -14.36 14.10 -28.09
N ILE D 104 -14.55 12.96 -28.74
CA ILE D 104 -14.23 12.84 -30.15
C ILE D 104 -15.22 13.61 -31.01
N THR D 105 -16.52 13.51 -30.71
CA THR D 105 -17.52 14.08 -31.61
C THR D 105 -17.32 15.56 -31.94
N PRO D 106 -17.01 16.45 -30.99
CA PRO D 106 -16.77 17.85 -31.38
C PRO D 106 -15.61 18.02 -32.35
N ILE D 107 -14.59 17.17 -32.28
CA ILE D 107 -13.46 17.31 -33.19
C ILE D 107 -13.85 16.93 -34.62
N VAL D 108 -14.62 15.85 -34.78
CA VAL D 108 -15.10 15.48 -36.10
C VAL D 108 -16.01 16.57 -36.65
N LEU D 109 -16.90 17.09 -35.81
CA LEU D 109 -17.73 18.22 -36.23
C LEU D 109 -16.88 19.42 -36.63
N TYR D 110 -15.77 19.66 -35.92
CA TYR D 110 -14.88 20.76 -36.26
C TYR D 110 -14.22 20.56 -37.61
N PHE D 111 -13.75 19.34 -37.90
CA PHE D 111 -13.19 19.06 -39.22
C PHE D 111 -14.21 19.33 -40.31
N LEU D 112 -15.43 18.81 -40.13
CA LEU D 112 -16.45 18.99 -41.16
C LEU D 112 -16.80 20.45 -41.37
N THR D 113 -16.98 21.20 -40.28
CA THR D 113 -17.39 22.59 -40.41
C THR D 113 -16.23 23.47 -40.86
N SER D 114 -14.99 23.00 -40.68
CA SER D 114 -13.86 23.73 -41.23
C SER D 114 -13.77 23.52 -42.74
N PHE D 115 -13.96 22.28 -43.20
CA PHE D 115 -13.88 22.02 -44.62
C PHE D 115 -15.03 22.70 -45.38
N TYR D 116 -16.24 22.64 -44.82
CA TYR D 116 -17.39 23.15 -45.57
C TYR D 116 -17.45 24.68 -45.54
N THR D 117 -16.62 25.32 -44.70
CA THR D 117 -16.51 26.77 -44.75
C THR D 117 -15.29 27.24 -45.54
N LYS D 118 -14.74 26.38 -46.40
CA LYS D 118 -13.61 26.69 -47.28
C LYS D 118 -12.49 27.44 -46.55
N TYR D 119 -12.27 27.06 -45.29
CA TYR D 119 -11.11 27.53 -44.51
C TYR D 119 -11.04 29.05 -44.41
N ASP D 120 -12.19 29.68 -44.26
CA ASP D 120 -12.21 31.13 -44.04
C ASP D 120 -11.72 31.45 -42.65
N GLN D 121 -10.94 32.53 -42.53
CA GLN D 121 -10.31 32.87 -41.25
C GLN D 121 -11.32 33.36 -40.23
N ILE D 122 -12.28 34.18 -40.68
CA ILE D 122 -13.30 34.70 -39.76
C ILE D 122 -14.07 33.56 -39.12
N HIS D 123 -14.42 32.56 -39.91
CA HIS D 123 -15.05 31.37 -39.33
C HIS D 123 -14.06 30.55 -38.52
N PHE D 124 -12.79 30.55 -38.92
CA PHE D 124 -11.79 29.73 -38.25
C PHE D 124 -11.61 30.14 -36.80
N VAL D 125 -11.54 31.44 -36.54
CA VAL D 125 -11.29 31.89 -35.16
C VAL D 125 -12.45 31.48 -34.27
N LEU D 126 -13.69 31.66 -34.73
CA LEU D 126 -14.85 31.27 -33.94
C LEU D 126 -14.88 29.77 -33.70
N ASN D 127 -14.64 28.99 -34.75
CA ASN D 127 -14.70 27.54 -34.59
C ASN D 127 -13.63 27.03 -33.63
N THR D 128 -12.41 27.58 -33.73
CA THR D 128 -11.35 27.13 -32.84
C THR D 128 -11.63 27.56 -31.40
N VAL D 129 -12.14 28.77 -31.20
CA VAL D 129 -12.47 29.22 -29.85
C VAL D 129 -13.53 28.32 -29.24
N SER D 130 -14.58 28.00 -30.00
CA SER D 130 -15.65 27.16 -29.47
C SER D 130 -15.16 25.74 -29.19
N LEU D 131 -14.38 25.16 -30.11
CA LEU D 131 -13.85 23.82 -29.89
C LEU D 131 -12.95 23.78 -28.67
N MET D 132 -12.15 24.83 -28.45
CA MET D 132 -11.31 24.87 -27.26
C MET D 132 -12.15 25.01 -26.00
N SER D 133 -13.21 25.83 -26.06
CA SER D 133 -14.07 25.99 -24.89
C SER D 133 -14.71 24.68 -24.50
N VAL D 134 -14.99 23.81 -25.47
CA VAL D 134 -15.53 22.50 -25.16
C VAL D 134 -14.42 21.56 -24.67
N LEU D 135 -13.28 21.55 -25.35
CA LEU D 135 -12.27 20.52 -25.13
C LEU D 135 -11.46 20.75 -23.86
N ILE D 136 -11.33 22.00 -23.43
CA ILE D 136 -10.53 22.29 -22.24
C ILE D 136 -11.07 21.60 -20.99
N PRO D 137 -12.37 21.69 -20.66
CA PRO D 137 -12.85 20.97 -19.48
C PRO D 137 -12.74 19.46 -19.57
N LYS D 138 -12.66 18.90 -20.77
CA LYS D 138 -12.60 17.45 -20.91
C LYS D 138 -11.30 16.87 -20.36
N LEU D 139 -10.31 17.70 -20.10
CA LEU D 139 -9.03 17.21 -19.65
C LEU D 139 -9.14 16.66 -18.22
N PRO D 140 -8.49 15.53 -17.93
CA PRO D 140 -8.54 15.01 -16.55
C PRO D 140 -7.94 15.95 -15.52
N GLN D 141 -7.04 16.84 -15.95
CA GLN D 141 -6.43 17.79 -15.00
C GLN D 141 -7.48 18.74 -14.44
N LEU D 142 -8.40 19.20 -15.28
CA LEU D 142 -9.45 20.13 -14.85
C LEU D 142 -10.66 19.36 -14.30
N HIS D 143 -10.37 18.51 -13.32
CA HIS D 143 -11.40 17.75 -12.62
C HIS D 143 -11.62 18.38 -11.24
N GLY D 144 -12.79 18.97 -11.05
CA GLY D 144 -13.11 19.57 -9.77
C GLY D 144 -12.37 20.86 -9.49
N VAL D 145 -11.87 21.54 -10.52
CA VAL D 145 -11.20 22.82 -10.37
C VAL D 145 -12.04 23.90 -11.03
N ARG D 146 -12.14 25.05 -10.37
CA ARG D 146 -12.86 26.20 -10.89
C ARG D 146 -11.89 27.37 -10.99
N ILE D 147 -11.84 28.00 -12.17
CA ILE D 147 -10.92 29.11 -12.38
C ILE D 147 -11.53 30.37 -11.76
N PHE D 148 -10.75 31.04 -10.91
CA PHE D 148 -11.15 32.30 -10.27
C PHE D 148 -12.45 32.15 -9.48
N GLY D 149 -12.77 30.93 -9.09
CA GLY D 149 -13.93 30.70 -8.23
C GLY D 149 -15.25 31.08 -8.85
N ILE D 150 -15.44 30.79 -10.13
CA ILE D 150 -16.75 30.89 -10.78
C ILE D 150 -17.35 29.50 -10.84
N ASN D 151 -18.64 29.40 -10.53
CA ASN D 151 -19.40 28.15 -10.50
C ASN D 151 -18.92 27.18 -9.42
N LYS D 152 -18.27 27.69 -8.37
CA LYS D 152 -17.91 26.82 -7.26
C LYS D 152 -19.13 26.39 -6.47
N TYR D 153 -20.07 27.31 -6.23
CA TYR D 153 -21.26 27.01 -5.44
C TYR D 153 -22.52 27.32 -6.23
N LEU E 10 -11.61 12.67 -52.62
CA LEU E 10 -10.36 12.11 -53.10
C LEU E 10 -9.46 13.19 -53.69
N VAL E 11 -9.44 13.27 -55.02
CA VAL E 11 -8.62 14.27 -55.69
C VAL E 11 -9.09 15.68 -55.35
N GLU E 12 -10.41 15.90 -55.40
CA GLU E 12 -10.96 17.21 -55.05
C GLU E 12 -10.67 17.56 -53.60
N MET E 13 -10.80 16.59 -52.70
CA MET E 13 -10.48 16.82 -51.30
C MET E 13 -9.00 17.15 -51.12
N VAL E 14 -8.13 16.45 -51.86
CA VAL E 14 -6.69 16.72 -51.79
C VAL E 14 -6.39 18.14 -52.25
N GLN E 15 -7.01 18.56 -53.36
CA GLN E 15 -6.80 19.92 -53.85
C GLN E 15 -7.31 20.96 -52.86
N ALA E 16 -8.49 20.73 -52.28
CA ALA E 16 -9.03 21.66 -51.30
C ALA E 16 -8.12 21.76 -50.07
N LEU E 17 -7.60 20.63 -49.61
CA LEU E 17 -6.66 20.66 -48.50
C LEU E 17 -5.38 21.40 -48.87
N TYR E 18 -4.91 21.21 -50.10
CA TYR E 18 -3.73 21.95 -50.56
C TYR E 18 -4.00 23.44 -50.64
N GLU E 19 -5.27 23.84 -50.80
CA GLU E 19 -5.60 25.25 -50.83
C GLU E 19 -5.78 25.85 -49.45
N ALA E 20 -5.67 25.04 -48.39
CA ALA E 20 -5.86 25.53 -47.04
C ALA E 20 -4.57 26.11 -46.48
N PRO E 21 -4.65 27.03 -45.52
CA PRO E 21 -3.44 27.56 -44.89
C PRO E 21 -2.70 26.49 -44.11
N ALA E 22 -1.39 26.70 -43.96
CA ALA E 22 -0.53 25.69 -43.35
C ALA E 22 -0.83 25.51 -41.87
N TYR E 23 -1.05 26.62 -41.14
CA TYR E 23 -1.31 26.51 -39.72
C TYR E 23 -2.61 25.75 -39.46
N HIS E 24 -3.59 25.92 -40.34
CA HIS E 24 -4.84 25.17 -40.23
C HIS E 24 -4.56 23.67 -40.29
N LEU E 25 -3.73 23.24 -41.23
CA LEU E 25 -3.44 21.82 -41.39
C LEU E 25 -2.58 21.31 -40.25
N ILE E 26 -1.70 22.16 -39.70
CA ILE E 26 -0.94 21.75 -38.52
C ILE E 26 -1.86 21.52 -37.33
N LEU E 27 -2.83 22.42 -37.14
CA LEU E 27 -3.80 22.25 -36.08
C LEU E 27 -4.59 20.95 -36.28
N GLU E 28 -5.03 20.68 -37.51
CA GLU E 28 -5.77 19.46 -37.77
C GLU E 28 -4.91 18.23 -37.51
N GLY E 29 -3.63 18.28 -37.86
CA GLY E 29 -2.76 17.15 -37.61
C GLY E 29 -2.56 16.88 -36.13
N ILE E 30 -2.35 17.93 -35.34
CA ILE E 30 -2.19 17.71 -33.90
C ILE E 30 -3.50 17.22 -33.29
N LEU E 31 -4.65 17.67 -33.82
CA LEU E 31 -5.92 17.14 -33.34
C LEU E 31 -6.07 15.66 -33.67
N ILE E 32 -5.63 15.25 -34.86
CA ILE E 32 -5.67 13.82 -35.20
C ILE E 32 -4.77 13.03 -34.25
N LEU E 33 -3.60 13.55 -33.93
CA LEU E 33 -2.74 12.87 -32.97
C LEU E 33 -3.41 12.76 -31.60
N TRP E 34 -4.11 13.82 -31.19
CA TRP E 34 -4.84 13.77 -29.93
C TRP E 34 -5.93 12.70 -29.96
N ILE E 35 -6.63 12.58 -31.08
CA ILE E 35 -7.65 11.54 -31.21
C ILE E 35 -7.02 10.15 -31.11
N ILE E 36 -5.88 9.95 -31.77
CA ILE E 36 -5.20 8.66 -31.70
C ILE E 36 -4.81 8.35 -30.26
N ARG E 37 -4.28 9.34 -29.54
CA ARG E 37 -3.93 9.15 -28.14
C ARG E 37 -5.14 8.79 -27.30
N LEU E 38 -6.28 9.42 -27.58
CA LEU E 38 -7.51 9.10 -26.86
C LEU E 38 -7.95 7.66 -27.13
N LEU E 39 -7.93 7.24 -28.39
CA LEU E 39 -8.33 5.88 -28.72
C LEU E 39 -7.44 4.85 -28.06
N PHE E 40 -6.13 5.08 -28.07
CA PHE E 40 -5.20 4.09 -27.55
C PHE E 40 -4.85 4.29 -26.08
N SER E 41 -5.57 5.18 -25.38
CA SER E 41 -5.39 5.35 -23.94
C SER E 41 -6.20 4.27 -23.23
N LYS E 42 -5.69 3.03 -23.32
CA LYS E 42 -6.43 1.87 -22.84
C LYS E 42 -6.66 1.93 -21.34
N THR E 43 -5.67 2.41 -20.58
CA THR E 43 -5.76 2.41 -19.13
C THR E 43 -6.87 3.34 -18.66
N TYR E 44 -7.71 2.84 -17.75
CA TYR E 44 -8.80 3.62 -17.16
C TYR E 44 -8.37 4.01 -15.76
N LYS E 45 -7.70 5.16 -15.64
CA LYS E 45 -7.26 5.64 -14.34
C LYS E 45 -8.44 5.90 -13.43
N LEU E 46 -8.34 5.43 -12.19
CA LEU E 46 -9.46 5.53 -11.27
C LEU E 46 -9.66 6.96 -10.78
N GLN E 47 -8.61 7.76 -10.79
CA GLN E 47 -8.65 9.15 -10.35
C GLN E 47 -9.16 9.25 -8.90
N GLU E 48 -8.36 8.68 -7.99
CA GLU E 48 -8.67 8.71 -6.57
C GLU E 48 -7.39 8.88 -5.77
N ARG E 49 -7.51 9.55 -4.63
CA ARG E 49 -6.41 9.80 -3.73
C ARG E 49 -6.76 9.28 -2.34
N SER E 50 -5.84 8.52 -1.74
CA SER E 50 -6.04 7.94 -0.41
C SER E 50 -4.78 8.15 0.41
N ASP E 51 -4.94 8.67 1.62
CA ASP E 51 -3.82 8.90 2.53
C ASP E 51 -4.09 8.17 3.84
N LEU E 52 -3.06 7.54 4.39
CA LEU E 52 -3.21 6.76 5.62
C LEU E 52 -3.49 7.68 6.81
N THR E 53 -4.30 7.20 7.73
CA THR E 53 -4.58 7.94 8.96
C THR E 53 -3.50 7.67 10.00
N VAL E 54 -3.14 8.73 10.73
CA VAL E 54 -2.03 8.64 11.68
C VAL E 54 -2.31 7.57 12.74
N LYS E 55 -3.55 7.52 13.25
CA LYS E 55 -3.89 6.50 14.23
C LYS E 55 -3.83 5.11 13.63
N GLU E 56 -4.23 4.97 12.37
CA GLU E 56 -4.11 3.69 11.69
C GLU E 56 -2.64 3.26 11.57
N LYS E 57 -1.76 4.20 11.24
CA LYS E 57 -0.34 3.88 11.16
C LYS E 57 0.19 3.47 12.52
N GLU E 58 -0.20 4.17 13.58
CA GLU E 58 0.29 3.83 14.92
C GLU E 58 -0.21 2.45 15.35
N GLU E 59 -1.46 2.13 15.02
CA GLU E 59 -1.98 0.80 15.33
C GLU E 59 -1.23 -0.28 14.56
N LEU E 60 -0.93 -0.01 13.28
CA LEU E 60 -0.17 -0.98 12.50
C LEU E 60 1.22 -1.19 13.09
N ILE E 61 1.86 -0.11 13.53
CA ILE E 61 3.17 -0.23 14.16
C ILE E 61 3.07 -1.04 15.45
N GLU E 62 2.04 -0.78 16.25
CA GLU E 62 1.89 -1.48 17.53
C GLU E 62 1.63 -2.96 17.31
N GLU E 63 0.83 -3.32 16.31
CA GLU E 63 0.45 -4.72 16.13
C GLU E 63 1.65 -5.59 15.76
N TRP E 64 2.55 -5.08 14.93
CA TRP E 64 3.61 -5.90 14.36
C TRP E 64 4.52 -6.46 15.46
N GLN E 65 4.78 -7.76 15.38
CA GLN E 65 5.63 -8.46 16.35
C GLN E 65 6.67 -9.26 15.57
N PRO E 66 7.96 -8.97 15.73
CA PRO E 66 8.98 -9.65 14.92
C PRO E 66 9.39 -10.98 15.51
N GLU E 67 9.98 -11.81 14.66
CA GLU E 67 10.50 -13.09 15.09
C GLU E 67 11.73 -12.89 15.98
N PRO E 68 12.07 -13.89 16.79
CA PRO E 68 13.29 -13.78 17.60
C PRO E 68 14.52 -13.75 16.70
N LEU E 69 15.58 -13.11 17.21
CA LEU E 69 16.80 -12.97 16.42
C LEU E 69 17.39 -14.33 16.06
N VAL E 70 17.44 -15.25 17.03
CA VAL E 70 17.98 -16.59 16.83
C VAL E 70 16.89 -17.60 17.18
N PRO E 71 16.58 -18.54 16.28
CA PRO E 71 15.56 -19.54 16.62
C PRO E 71 16.02 -20.41 17.77
N PRO E 72 15.09 -20.87 18.61
CA PRO E 72 15.48 -21.82 19.67
C PRO E 72 16.08 -23.08 19.08
N VAL E 73 17.18 -23.53 19.68
CA VAL E 73 17.95 -24.66 19.19
C VAL E 73 17.94 -25.74 20.26
N PRO E 74 17.72 -27.00 19.91
CA PRO E 74 17.76 -28.07 20.92
C PRO E 74 19.14 -28.22 21.52
N LYS E 75 19.19 -28.62 22.79
CA LYS E 75 20.46 -28.78 23.49
C LYS E 75 21.22 -30.01 23.02
N ASP E 76 20.55 -30.96 22.38
CA ASP E 76 21.17 -32.19 21.91
C ASP E 76 21.98 -32.01 20.63
N HIS E 77 22.23 -30.79 20.19
CA HIS E 77 22.97 -30.60 18.94
C HIS E 77 24.43 -31.00 19.15
N PRO E 78 24.94 -31.97 18.38
CA PRO E 78 26.33 -32.41 18.59
C PRO E 78 27.36 -31.31 18.37
N ALA E 79 27.08 -30.38 17.46
CA ALA E 79 28.04 -29.33 17.16
C ALA E 79 28.22 -28.37 18.33
N LEU E 80 27.28 -28.40 19.28
CA LEU E 80 27.37 -27.50 20.43
C LEU E 80 28.49 -27.91 21.37
N ASN E 81 28.82 -29.20 21.41
CA ASN E 81 29.92 -29.66 22.24
C ASN E 81 31.24 -29.59 21.47
N TYR E 82 32.25 -29.03 22.11
CA TYR E 82 33.53 -28.72 21.49
C TYR E 82 34.62 -29.55 22.15
N ASN E 83 35.46 -30.19 21.34
CA ASN E 83 36.64 -30.84 21.89
C ASN E 83 37.64 -29.79 22.37
N ILE E 84 38.11 -29.94 23.60
CA ILE E 84 39.04 -29.01 24.21
C ILE E 84 40.41 -29.65 24.25
N VAL E 85 41.35 -29.08 23.51
CA VAL E 85 42.70 -29.62 23.38
C VAL E 85 43.62 -28.84 24.30
N SER E 86 44.34 -29.55 25.18
CA SER E 86 45.28 -28.94 26.10
C SER E 86 46.69 -29.04 25.51
N GLY E 87 47.31 -27.89 25.26
CA GLY E 87 48.60 -27.86 24.62
C GLY E 87 48.47 -27.84 23.11
N PRO E 88 49.59 -27.94 22.41
CA PRO E 88 49.55 -27.90 20.94
C PRO E 88 48.83 -29.10 20.38
N PRO E 89 48.12 -28.95 19.26
CA PRO E 89 47.49 -30.11 18.63
C PRO E 89 48.46 -30.92 17.79
N SER E 90 49.64 -31.20 18.34
CA SER E 90 50.66 -31.93 17.62
C SER E 90 50.42 -33.42 17.74
N HIS E 91 51.41 -34.20 17.31
CA HIS E 91 51.38 -35.64 17.51
C HIS E 91 51.44 -35.95 19.00
N LYS E 92 50.72 -36.99 19.42
CA LYS E 92 50.60 -37.35 20.83
C LYS E 92 49.96 -36.22 21.65
N THR E 93 48.86 -35.68 21.15
CA THR E 93 48.21 -34.56 21.81
C THR E 93 47.26 -35.05 22.90
N VAL E 94 46.79 -34.11 23.71
CA VAL E 94 45.86 -34.37 24.81
C VAL E 94 44.51 -33.78 24.43
N VAL E 95 43.51 -34.64 24.27
CA VAL E 95 42.16 -34.21 23.91
C VAL E 95 41.20 -34.63 25.01
N ASN E 96 40.43 -33.67 25.51
CA ASN E 96 39.44 -33.93 26.56
C ASN E 96 40.08 -34.57 27.80
N GLY E 97 41.33 -34.21 28.06
CA GLY E 97 42.04 -34.76 29.19
C GLY E 97 42.56 -36.18 28.99
N LYS E 98 42.42 -36.73 27.79
CA LYS E 98 42.84 -38.10 27.50
C LYS E 98 43.95 -38.07 26.45
N GLU E 99 45.06 -38.74 26.75
CA GLU E 99 46.18 -38.81 25.81
C GLU E 99 45.78 -39.59 24.56
N CYS E 100 46.10 -39.04 23.39
CA CYS E 100 45.64 -39.63 22.14
C CYS E 100 46.67 -39.38 21.05
N ILE E 101 46.57 -40.17 19.98
CA ILE E 101 47.42 -39.99 18.80
C ILE E 101 46.63 -39.24 17.74
N ASN E 102 47.24 -38.23 17.14
CA ASN E 102 46.52 -37.24 16.35
C ASN E 102 46.25 -37.78 14.94
N PHE E 103 45.01 -38.17 14.68
CA PHE E 103 44.55 -38.54 13.35
C PHE E 103 43.49 -37.58 12.81
N ALA E 104 43.43 -36.35 13.32
CA ALA E 104 42.34 -35.45 12.99
C ALA E 104 42.79 -34.08 12.50
N SER E 105 44.07 -33.75 12.62
CA SER E 105 44.56 -32.43 12.26
C SER E 105 45.27 -32.46 10.92
N PHE E 106 44.94 -31.50 10.06
CA PHE E 106 45.56 -31.37 8.74
C PHE E 106 46.99 -30.85 8.91
N ASN E 107 47.86 -31.73 9.38
CA ASN E 107 49.28 -31.44 9.50
C ASN E 107 50.03 -32.59 8.82
N PHE E 108 50.21 -32.49 7.51
CA PHE E 108 50.73 -33.62 6.75
C PHE E 108 52.23 -33.78 6.96
N LEU E 109 52.98 -32.70 6.78
CA LEU E 109 54.44 -32.79 6.78
C LEU E 109 55.06 -32.68 8.17
N GLY E 110 54.26 -32.46 9.20
CA GLY E 110 54.81 -32.31 10.54
C GLY E 110 55.68 -31.08 10.70
N LEU E 111 55.33 -30.00 10.01
CA LEU E 111 56.07 -28.74 10.11
C LEU E 111 55.52 -27.81 11.17
N LEU E 112 54.50 -28.24 11.92
CA LEU E 112 53.90 -27.37 12.92
C LEU E 112 54.86 -27.08 14.07
N ASP E 113 55.65 -28.07 14.47
CA ASP E 113 56.49 -27.96 15.66
C ASP E 113 57.98 -28.10 15.38
N ASN E 114 58.42 -27.88 14.15
CA ASN E 114 59.83 -27.93 13.86
C ASN E 114 60.55 -26.81 14.59
N PRO E 115 61.70 -27.08 15.24
CA PRO E 115 62.43 -26.00 15.91
C PRO E 115 62.87 -24.88 14.97
N ARG E 116 63.17 -25.21 13.70
CA ARG E 116 63.59 -24.19 12.75
C ARG E 116 62.47 -23.19 12.48
N VAL E 117 61.26 -23.69 12.29
CA VAL E 117 60.11 -22.82 12.04
C VAL E 117 59.86 -21.92 13.24
N LYS E 118 59.92 -22.48 14.45
CA LYS E 118 59.70 -21.68 15.65
C LYS E 118 60.78 -20.62 15.81
N ALA E 119 62.04 -20.97 15.52
CA ALA E 119 63.12 -20.00 15.64
C ALA E 119 62.95 -18.86 14.64
N ALA E 120 62.57 -19.18 13.40
CA ALA E 120 62.35 -18.14 12.41
C ALA E 120 61.19 -17.23 12.80
N ALA E 121 60.10 -17.83 13.28
CA ALA E 121 58.97 -17.03 13.73
C ALA E 121 59.35 -16.13 14.90
N LEU E 122 60.13 -16.66 15.84
CA LEU E 122 60.57 -15.86 16.98
C LEU E 122 61.47 -14.71 16.54
N ALA E 123 62.35 -14.96 15.57
CA ALA E 123 63.18 -13.87 15.05
C ALA E 123 62.32 -12.78 14.41
N SER E 124 61.35 -13.17 13.59
CA SER E 124 60.50 -12.16 12.96
C SER E 124 59.64 -11.44 13.99
N LEU E 125 59.25 -12.12 15.07
CA LEU E 125 58.50 -11.48 16.13
C LEU E 125 59.34 -10.47 16.87
N LYS E 126 60.61 -10.81 17.15
CA LYS E 126 61.50 -9.88 17.82
C LYS E 126 61.90 -8.73 16.89
N LYS E 127 61.68 -8.89 15.58
CA LYS E 127 61.98 -7.79 14.68
C LYS E 127 60.78 -6.85 14.50
N TYR E 128 59.59 -7.40 14.26
CA TYR E 128 58.43 -6.60 13.87
C TYR E 128 57.32 -6.53 14.89
N GLY E 129 57.04 -7.60 15.63
CA GLY E 129 55.88 -7.63 16.49
C GLY E 129 54.82 -8.60 16.01
N VAL E 130 53.58 -8.34 16.44
CA VAL E 130 52.50 -9.28 16.16
C VAL E 130 51.53 -8.73 15.13
N GLY E 131 51.29 -7.41 15.13
CA GLY E 131 50.26 -6.80 14.30
C GLY E 131 50.86 -5.98 13.17
N THR E 132 50.10 -5.88 12.08
CA THR E 132 50.55 -5.10 10.93
C THR E 132 49.94 -3.70 10.94
N CYS E 133 48.74 -3.55 11.50
CA CYS E 133 48.07 -2.29 11.78
C CYS E 133 47.58 -1.57 10.54
N GLY E 134 47.22 -2.28 9.47
CA GLY E 134 46.62 -1.63 8.33
C GLY E 134 46.58 -2.49 7.08
N PRO E 135 45.80 -2.07 6.10
CA PRO E 135 45.73 -2.83 4.85
C PRO E 135 47.03 -2.74 4.07
N ARG E 136 47.08 -3.46 2.96
CA ARG E 136 48.30 -3.47 2.15
C ARG E 136 48.50 -2.14 1.45
N GLY E 137 47.46 -1.31 1.38
CA GLY E 137 47.60 -0.02 0.73
C GLY E 137 48.17 1.05 1.65
N PHE E 138 47.80 1.03 2.92
CA PHE E 138 48.18 2.07 3.87
C PHE E 138 49.19 1.50 4.86
N TYR E 139 50.47 1.51 4.49
CA TYR E 139 51.57 1.16 5.40
C TYR E 139 51.33 -0.19 6.07
N GLY E 140 50.85 -1.16 5.30
CA GLY E 140 50.69 -2.50 5.80
C GLY E 140 51.58 -3.48 5.08
N THR E 141 52.30 -2.99 4.08
CA THR E 141 53.21 -3.85 3.33
C THR E 141 54.57 -3.89 4.01
N PHE E 142 55.02 -5.09 4.33
CA PHE E 142 56.32 -5.30 4.94
C PHE E 142 57.24 -5.93 3.91
N ASP E 143 58.52 -6.04 4.26
CA ASP E 143 59.46 -6.70 3.35
C ASP E 143 59.25 -8.21 3.37
N VAL E 144 58.79 -8.75 4.51
CA VAL E 144 58.54 -10.19 4.60
C VAL E 144 57.42 -10.60 3.67
N HIS E 145 56.42 -9.74 3.49
CA HIS E 145 55.32 -10.06 2.59
C HIS E 145 55.80 -10.20 1.16
N LEU E 146 56.57 -9.22 0.68
CA LEU E 146 57.10 -9.29 -0.68
C LEU E 146 58.05 -10.48 -0.83
N ASP E 147 58.88 -10.73 0.17
CA ASP E 147 59.79 -11.87 0.12
C ASP E 147 59.02 -13.18 0.02
N LEU E 148 57.94 -13.33 0.80
CA LEU E 148 57.15 -14.55 0.74
C LEU E 148 56.45 -14.70 -0.60
N GLU E 149 55.95 -13.59 -1.16
CA GLU E 149 55.32 -13.67 -2.47
C GLU E 149 56.32 -14.13 -3.54
N ASP E 150 57.53 -13.59 -3.50
CA ASP E 150 58.56 -14.01 -4.43
C ASP E 150 58.92 -15.48 -4.23
N ARG E 151 59.02 -15.91 -2.97
CA ARG E 151 59.35 -17.31 -2.69
C ARG E 151 58.27 -18.25 -3.23
N LEU E 152 57.00 -17.90 -3.04
CA LEU E 152 55.93 -18.74 -3.57
C LEU E 152 55.97 -18.80 -5.08
N ALA E 153 56.18 -17.65 -5.73
CA ALA E 153 56.23 -17.61 -7.19
C ALA E 153 57.39 -18.46 -7.72
N LYS E 154 58.55 -18.39 -7.06
CA LYS E 154 59.68 -19.22 -7.47
C LYS E 154 59.41 -20.70 -7.21
N PHE E 155 58.79 -21.03 -6.09
CA PHE E 155 58.55 -22.43 -5.75
C PHE E 155 57.59 -23.09 -6.73
N MET E 156 56.53 -22.39 -7.12
CA MET E 156 55.55 -22.98 -8.02
C MET E 156 55.86 -22.73 -9.49
N LYS E 157 57.04 -22.19 -9.80
CA LYS E 157 57.48 -21.96 -11.18
C LYS E 157 56.47 -21.11 -11.96
N THR E 158 56.05 -20.01 -11.35
CA THR E 158 55.01 -19.16 -11.90
C THR E 158 55.44 -17.70 -11.74
N GLU E 159 54.88 -16.83 -12.57
CA GLU E 159 55.33 -15.44 -12.62
C GLU E 159 55.04 -14.69 -11.32
N GLU E 160 53.81 -14.78 -10.83
CA GLU E 160 53.44 -13.96 -9.68
C GLU E 160 52.51 -14.72 -8.74
N ALA E 161 52.53 -14.32 -7.47
CA ALA E 161 51.65 -14.83 -6.44
C ALA E 161 51.16 -13.70 -5.57
N ILE E 162 49.99 -13.87 -4.97
CA ILE E 162 49.35 -12.87 -4.12
C ILE E 162 48.91 -13.55 -2.84
N ILE E 163 49.04 -12.83 -1.72
CA ILE E 163 48.87 -13.39 -0.38
C ILE E 163 47.65 -12.79 0.29
N TYR E 164 46.77 -13.64 0.82
CA TYR E 164 45.67 -13.25 1.66
C TYR E 164 45.94 -13.72 3.08
N SER E 165 45.28 -13.08 4.04
CA SER E 165 45.57 -13.34 5.44
C SER E 165 44.62 -14.35 6.06
N TYR E 166 43.79 -14.99 5.23
CA TYR E 166 42.80 -15.94 5.71
C TYR E 166 42.46 -16.91 4.58
N GLY E 167 42.42 -18.20 4.90
CA GLY E 167 42.33 -19.21 3.86
C GLY E 167 41.02 -19.19 3.09
N PHE E 168 39.90 -19.03 3.80
CA PHE E 168 38.60 -18.97 3.15
C PHE E 168 38.51 -17.78 2.20
N ALA E 169 38.91 -16.60 2.67
CA ALA E 169 38.78 -15.39 1.89
C ALA E 169 39.59 -15.45 0.61
N THR E 170 40.64 -16.28 0.57
CA THR E 170 41.48 -16.37 -0.62
C THR E 170 40.63 -16.68 -1.85
N ILE E 171 40.04 -17.86 -1.90
CA ILE E 171 39.23 -18.22 -3.05
C ILE E 171 37.91 -17.47 -3.05
N ALA E 172 37.34 -17.21 -1.86
CA ALA E 172 36.04 -16.55 -1.81
C ALA E 172 36.11 -15.13 -2.34
N SER E 173 37.31 -14.56 -2.46
CA SER E 173 37.50 -13.24 -3.05
C SER E 173 38.21 -13.29 -4.38
N ALA E 174 38.89 -14.39 -4.70
CA ALA E 174 39.51 -14.54 -6.01
C ALA E 174 38.48 -14.85 -7.09
N ILE E 175 37.47 -15.68 -6.80
CA ILE E 175 36.47 -16.00 -7.81
C ILE E 175 35.63 -14.80 -8.21
N PRO E 176 35.06 -14.00 -7.29
CA PRO E 176 34.22 -12.88 -7.74
C PRO E 176 34.98 -11.80 -8.49
N ALA E 177 36.31 -11.75 -8.38
CA ALA E 177 37.06 -10.70 -9.04
C ALA E 177 36.97 -10.81 -10.55
N TYR E 178 36.99 -12.04 -11.08
CA TYR E 178 37.00 -12.26 -12.52
C TYR E 178 35.62 -12.55 -13.09
N SER E 179 34.81 -13.33 -12.39
CA SER E 179 33.49 -13.72 -12.86
C SER E 179 32.47 -12.67 -12.41
N LYS E 180 31.76 -12.10 -13.37
CA LYS E 180 30.78 -11.06 -13.09
C LYS E 180 29.40 -11.53 -13.51
N ARG E 181 28.43 -10.63 -13.43
CA ARG E 181 27.06 -10.97 -13.80
C ARG E 181 26.96 -11.16 -15.31
N GLY E 182 26.36 -12.27 -15.73
CA GLY E 182 26.19 -12.57 -17.12
C GLY E 182 27.19 -13.56 -17.68
N ASP E 183 28.06 -14.14 -16.86
CA ASP E 183 29.02 -15.12 -17.31
C ASP E 183 28.53 -16.54 -17.02
N ILE E 184 29.33 -17.51 -17.46
CA ILE E 184 28.99 -18.92 -17.33
C ILE E 184 30.11 -19.60 -16.56
N VAL E 185 29.76 -20.28 -15.47
CA VAL E 185 30.73 -20.97 -14.62
C VAL E 185 30.30 -22.42 -14.47
N PHE E 186 31.17 -23.33 -14.91
CA PHE E 186 30.93 -24.77 -14.75
C PHE E 186 31.75 -25.25 -13.56
N VAL E 187 31.07 -25.63 -12.48
CA VAL E 187 31.72 -26.00 -11.23
C VAL E 187 31.37 -27.44 -10.92
N ASP E 188 32.35 -28.18 -10.38
CA ASP E 188 32.11 -29.56 -9.98
C ASP E 188 31.07 -29.62 -8.88
N ARG E 189 30.34 -30.73 -8.81
CA ARG E 189 29.26 -30.83 -7.83
C ARG E 189 29.79 -30.89 -6.41
N ALA E 190 30.88 -31.63 -6.19
CA ALA E 190 31.41 -31.82 -4.85
C ALA E 190 32.55 -30.83 -4.59
N ALA E 191 32.18 -29.55 -4.61
CA ALA E 191 33.12 -28.46 -4.37
C ALA E 191 32.95 -27.94 -2.95
N CYS E 192 34.07 -27.58 -2.34
CA CYS E 192 34.08 -27.15 -0.95
C CYS E 192 33.23 -25.89 -0.75
N PHE E 193 33.03 -25.54 0.52
CA PHE E 193 32.13 -24.43 0.82
C PHE E 193 32.71 -23.09 0.38
N ALA E 194 34.03 -22.95 0.45
CA ALA E 194 34.64 -21.68 0.06
C ALA E 194 34.36 -21.37 -1.41
N ILE E 195 34.46 -22.37 -2.28
CA ILE E 195 34.14 -22.18 -3.68
C ILE E 195 32.68 -21.78 -3.85
N GLN E 196 31.78 -22.38 -3.07
CA GLN E 196 30.37 -22.06 -3.18
C GLN E 196 30.10 -20.62 -2.78
N LYS E 197 30.74 -20.15 -1.71
CA LYS E 197 30.57 -18.75 -1.31
C LYS E 197 31.18 -17.81 -2.34
N GLY E 198 32.32 -18.18 -2.94
CA GLY E 198 32.86 -17.38 -4.02
C GLY E 198 31.92 -17.28 -5.19
N LEU E 199 31.28 -18.38 -5.55
CA LEU E 199 30.35 -18.39 -6.68
C LEU E 199 29.08 -17.62 -6.35
N GLN E 200 28.68 -17.62 -5.08
CA GLN E 200 27.49 -16.86 -4.69
C GLN E 200 27.76 -15.37 -4.68
N ALA E 201 28.96 -14.96 -4.25
CA ALA E 201 29.28 -13.55 -4.20
C ALA E 201 29.25 -12.93 -5.59
N SER E 202 29.81 -13.62 -6.58
CA SER E 202 29.61 -13.23 -7.96
C SER E 202 28.22 -13.61 -8.41
N ARG E 203 27.69 -12.89 -9.39
CA ARG E 203 26.31 -13.08 -9.82
C ARG E 203 26.21 -13.89 -11.11
N SER E 204 27.26 -14.60 -11.49
CA SER E 204 27.26 -15.34 -12.75
C SER E 204 26.34 -16.56 -12.67
N ASP E 205 26.07 -17.14 -13.83
CA ASP E 205 25.22 -18.32 -13.90
C ASP E 205 26.04 -19.57 -13.64
N ILE E 206 25.62 -20.37 -12.67
CA ILE E 206 26.37 -21.53 -12.19
C ILE E 206 25.69 -22.78 -12.72
N LYS E 207 26.48 -23.64 -13.36
CA LYS E 207 25.99 -24.90 -13.93
C LYS E 207 26.77 -26.05 -13.33
N LEU E 208 26.20 -26.72 -12.35
CA LEU E 208 26.82 -27.86 -11.70
C LEU E 208 26.87 -29.05 -12.66
N PHE E 209 27.85 -29.93 -12.46
CA PHE E 209 27.94 -31.16 -13.23
C PHE E 209 28.42 -32.30 -12.35
N LYS E 210 28.20 -33.52 -12.84
CA LYS E 210 28.44 -34.71 -12.06
C LYS E 210 29.89 -34.79 -11.61
N HIS E 211 30.11 -35.43 -10.46
CA HIS E 211 31.44 -35.51 -9.88
C HIS E 211 32.36 -36.34 -10.77
N ASN E 212 33.41 -35.70 -11.29
CA ASN E 212 34.44 -36.35 -12.09
C ASN E 212 33.84 -37.11 -13.28
N ASP E 213 32.87 -36.49 -13.94
CA ASP E 213 32.19 -37.08 -15.08
C ASP E 213 32.38 -36.14 -16.27
N MET E 214 33.42 -36.39 -17.07
CA MET E 214 33.74 -35.48 -18.15
C MET E 214 32.70 -35.53 -19.26
N ALA E 215 31.92 -36.60 -19.34
CA ALA E 215 30.81 -36.63 -20.27
C ALA E 215 29.78 -35.56 -19.94
N ASP E 216 29.54 -35.32 -18.65
CA ASP E 216 28.58 -34.29 -18.26
C ASP E 216 29.10 -32.89 -18.57
N LEU E 217 30.41 -32.67 -18.38
CA LEU E 217 31.00 -31.39 -18.77
C LEU E 217 30.92 -31.18 -20.27
N GLU E 218 31.22 -32.23 -21.04
CA GLU E 218 31.04 -32.15 -22.49
C GLU E 218 29.61 -31.81 -22.85
N ARG E 219 28.64 -32.45 -22.19
CA ARG E 219 27.24 -32.20 -22.48
C ARG E 219 26.88 -30.74 -22.23
N LEU E 220 27.23 -30.23 -21.06
CA LEU E 220 26.90 -28.84 -20.72
C LEU E 220 27.58 -27.86 -21.67
N LEU E 221 28.85 -28.13 -22.02
CA LEU E 221 29.53 -27.28 -22.99
C LEU E 221 28.86 -27.33 -24.35
N LYS E 222 28.32 -28.48 -24.74
CA LYS E 222 27.61 -28.57 -26.01
C LYS E 222 26.34 -27.73 -26.01
N GLU E 223 25.54 -27.81 -24.93
CA GLU E 223 24.36 -26.95 -24.89
C GLU E 223 24.75 -25.48 -24.89
N GLN E 224 25.84 -25.14 -24.21
CA GLN E 224 26.29 -23.75 -24.23
C GLN E 224 26.71 -23.31 -25.63
N GLU E 225 27.36 -24.20 -26.38
CA GLU E 225 27.72 -23.88 -27.76
C GLU E 225 26.49 -23.68 -28.63
N ILE E 226 25.45 -24.49 -28.39
CA ILE E 226 24.20 -24.30 -29.13
C ILE E 226 23.60 -22.92 -28.81
N GLU E 227 23.55 -22.56 -27.54
CA GLU E 227 23.02 -21.24 -27.17
C GLU E 227 23.87 -20.12 -27.74
N ASP E 228 25.18 -20.35 -27.87
CA ASP E 228 26.04 -19.37 -28.54
C ASP E 228 25.67 -19.24 -30.01
N GLN E 229 25.43 -20.36 -30.68
CA GLN E 229 25.02 -20.33 -32.08
C GLN E 229 23.71 -19.59 -32.27
N LYS E 230 22.82 -19.66 -31.27
CA LYS E 230 21.56 -18.94 -31.37
C LYS E 230 21.78 -17.43 -31.47
N ASN E 231 22.71 -16.89 -30.68
CA ASN E 231 22.98 -15.45 -30.66
C ASN E 231 24.48 -15.23 -30.57
N PRO E 232 25.13 -14.77 -31.63
CA PRO E 232 26.61 -14.71 -31.62
C PRO E 232 27.17 -13.53 -30.84
N ARG E 233 26.46 -12.39 -30.77
CA ARG E 233 27.01 -11.24 -30.07
C ARG E 233 27.09 -11.50 -28.56
N LYS E 234 26.01 -12.02 -27.98
CA LYS E 234 26.05 -12.42 -26.58
C LYS E 234 27.13 -13.46 -26.34
N ALA E 235 27.34 -14.34 -27.33
CA ALA E 235 28.43 -15.31 -27.24
C ALA E 235 29.78 -14.64 -27.35
N ARG E 236 29.82 -13.40 -27.85
CA ARG E 236 31.10 -12.70 -27.95
C ARG E 236 31.39 -11.89 -26.71
N VAL E 237 30.37 -11.44 -25.99
CA VAL E 237 30.57 -10.66 -24.77
C VAL E 237 30.40 -11.48 -23.51
N THR E 238 30.60 -12.80 -23.58
CA THR E 238 30.46 -13.69 -22.44
C THR E 238 31.75 -14.47 -22.23
N ARG E 239 32.20 -14.57 -20.98
CA ARG E 239 33.36 -15.36 -20.62
C ARG E 239 32.93 -16.60 -19.85
N ARG E 240 33.61 -17.71 -20.09
CA ARG E 240 33.23 -19.00 -19.53
C ARG E 240 34.37 -19.53 -18.67
N PHE E 241 34.01 -20.04 -17.48
CA PHE E 241 34.99 -20.53 -16.53
C PHE E 241 34.67 -21.98 -16.14
N ILE E 242 35.69 -22.67 -15.66
CA ILE E 242 35.58 -24.03 -15.15
C ILE E 242 36.34 -24.06 -13.82
N VAL E 243 35.61 -24.22 -12.72
CA VAL E 243 36.19 -24.15 -11.38
C VAL E 243 36.28 -25.57 -10.85
N VAL E 244 37.52 -26.03 -10.60
CA VAL E 244 37.73 -27.38 -10.10
C VAL E 244 38.74 -27.34 -8.96
N GLU E 245 38.72 -28.40 -8.15
CA GLU E 245 39.65 -28.55 -7.04
C GLU E 245 40.55 -29.75 -7.31
N GLY E 246 41.85 -29.59 -7.06
CA GLY E 246 42.79 -30.62 -7.44
C GLY E 246 42.58 -31.92 -6.68
N LEU E 247 42.50 -31.84 -5.35
CA LEU E 247 42.22 -33.00 -4.51
C LEU E 247 41.07 -32.63 -3.59
N TYR E 248 39.90 -33.20 -3.86
CA TYR E 248 38.69 -32.78 -3.17
C TYR E 248 38.76 -33.15 -1.70
N MET E 249 38.09 -32.36 -0.86
CA MET E 249 38.09 -32.64 0.57
C MET E 249 36.83 -33.38 1.00
N ASN E 250 35.70 -33.09 0.35
CA ASN E 250 34.46 -33.77 0.68
C ASN E 250 34.53 -35.25 0.32
N THR E 251 35.20 -35.58 -0.78
CA THR E 251 35.25 -36.95 -1.26
C THR E 251 36.63 -37.58 -1.23
N GLY E 252 37.69 -36.78 -1.20
CA GLY E 252 39.04 -37.32 -1.19
C GLY E 252 39.45 -38.00 -2.49
N THR E 253 39.03 -37.45 -3.63
CA THR E 253 39.36 -37.97 -4.93
C THR E 253 40.01 -36.88 -5.78
N ILE E 254 40.81 -37.30 -6.77
CA ILE E 254 41.54 -36.36 -7.61
C ILE E 254 40.75 -36.14 -8.90
N CYS E 255 41.03 -35.02 -9.59
CA CYS E 255 40.32 -34.63 -10.80
C CYS E 255 41.15 -34.92 -12.05
N PRO E 256 40.50 -35.24 -13.17
CA PRO E 256 41.21 -35.53 -14.45
C PRO E 256 41.63 -34.29 -15.22
N LEU E 257 42.80 -33.75 -14.88
CA LEU E 257 43.29 -32.55 -15.54
C LEU E 257 43.51 -32.69 -17.05
N PRO E 258 44.07 -33.77 -17.59
CA PRO E 258 44.30 -33.79 -19.05
C PRO E 258 43.03 -33.58 -19.86
N GLU E 259 41.93 -34.20 -19.43
CA GLU E 259 40.67 -34.02 -20.14
C GLU E 259 40.13 -32.61 -19.93
N LEU E 260 40.36 -32.02 -18.75
CA LEU E 260 39.96 -30.64 -18.52
C LEU E 260 40.71 -29.69 -19.44
N VAL E 261 42.01 -29.93 -19.63
CA VAL E 261 42.79 -29.07 -20.51
C VAL E 261 42.33 -29.22 -21.95
N LYS E 262 42.06 -30.46 -22.39
CA LYS E 262 41.53 -30.65 -23.73
C LYS E 262 40.21 -29.92 -23.92
N LEU E 263 39.32 -30.02 -22.93
CA LEU E 263 38.03 -29.34 -23.02
C LEU E 263 38.20 -27.83 -23.02
N LYS E 264 39.16 -27.32 -22.25
CA LYS E 264 39.44 -25.89 -22.26
C LYS E 264 39.84 -25.41 -23.65
N TYR E 265 40.81 -26.09 -24.26
CA TYR E 265 41.29 -25.64 -25.56
C TYR E 265 40.28 -25.94 -26.67
N LYS E 266 39.34 -26.84 -26.42
CA LYS E 266 38.36 -27.18 -27.45
C LYS E 266 37.15 -26.27 -27.40
N TYR E 267 36.74 -25.83 -26.22
CA TYR E 267 35.50 -25.08 -26.05
C TYR E 267 35.72 -23.65 -25.55
N LYS E 268 36.97 -23.21 -25.45
CA LYS E 268 37.30 -21.81 -25.15
C LYS E 268 36.74 -21.37 -23.79
N ALA E 269 37.08 -22.10 -22.74
CA ALA E 269 36.64 -21.78 -21.38
C ALA E 269 37.82 -21.90 -20.43
N ARG E 270 38.04 -20.85 -19.64
CA ARG E 270 39.20 -20.79 -18.77
C ARG E 270 39.04 -21.72 -17.57
N ILE E 271 40.14 -21.95 -16.86
CA ILE E 271 40.17 -22.92 -15.77
C ILE E 271 40.70 -22.25 -14.51
N PHE E 272 39.98 -22.39 -13.41
CA PHE E 272 40.43 -22.02 -12.08
C PHE E 272 40.60 -23.30 -11.27
N LEU E 273 41.76 -23.45 -10.63
CA LEU E 273 42.08 -24.66 -9.89
C LEU E 273 42.36 -24.30 -8.44
N GLU E 274 41.78 -25.07 -7.53
CA GLU E 274 42.08 -24.94 -6.11
C GLU E 274 42.87 -26.15 -5.65
N GLU E 275 43.99 -25.91 -4.97
CA GLU E 275 44.89 -26.96 -4.52
C GLU E 275 45.15 -26.87 -3.03
N SER E 276 44.10 -26.74 -2.23
CA SER E 276 44.27 -26.65 -0.78
C SER E 276 44.91 -27.92 -0.22
N LEU E 277 44.34 -29.07 -0.54
CA LEU E 277 44.86 -30.33 0.02
C LEU E 277 46.05 -30.84 -0.77
N SER E 278 46.11 -30.58 -2.07
CA SER E 278 47.13 -31.17 -2.93
C SER E 278 48.37 -30.32 -3.06
N PHE E 279 48.46 -29.19 -2.35
CA PHE E 279 49.59 -28.28 -2.55
C PHE E 279 50.89 -28.91 -2.09
N GLY E 280 50.97 -29.28 -0.81
CA GLY E 280 52.20 -29.80 -0.25
C GLY E 280 52.30 -31.30 -0.10
N VAL E 281 51.47 -32.06 -0.81
CA VAL E 281 51.47 -33.51 -0.65
C VAL E 281 51.67 -34.26 -1.95
N LEU E 282 51.32 -33.68 -3.09
CA LEU E 282 51.29 -34.40 -4.36
C LEU E 282 52.43 -33.94 -5.26
N GLY E 283 52.95 -34.87 -6.04
CA GLY E 283 54.06 -34.58 -6.92
C GLY E 283 55.40 -34.94 -6.30
N GLU E 284 56.40 -35.12 -7.16
CA GLU E 284 57.74 -35.46 -6.68
C GLU E 284 58.31 -34.34 -5.83
N HIS E 285 58.15 -33.08 -6.27
CA HIS E 285 58.64 -31.93 -5.54
C HIS E 285 57.54 -31.19 -4.79
N GLY E 286 56.35 -31.79 -4.70
CA GLY E 286 55.26 -31.18 -3.95
C GLY E 286 54.74 -29.89 -4.54
N ARG E 287 54.59 -29.84 -5.85
CA ARG E 287 54.03 -28.65 -6.50
C ARG E 287 52.56 -28.80 -6.84
N GLY E 288 51.93 -29.89 -6.46
CA GLY E 288 50.50 -30.06 -6.61
C GLY E 288 50.14 -31.11 -7.64
N VAL E 289 48.91 -30.98 -8.15
CA VAL E 289 48.41 -31.93 -9.14
C VAL E 289 49.03 -31.69 -10.50
N THR E 290 49.44 -30.44 -10.79
CA THR E 290 50.05 -30.14 -12.07
C THR E 290 51.33 -30.93 -12.27
N GLU E 291 52.12 -31.09 -11.21
CA GLU E 291 53.33 -31.90 -11.32
C GLU E 291 53.00 -33.39 -11.35
N HIS E 292 51.97 -33.82 -10.63
CA HIS E 292 51.65 -35.24 -10.59
C HIS E 292 51.18 -35.74 -11.94
N TYR E 293 50.35 -34.97 -12.64
CA TYR E 293 50.01 -35.27 -14.02
C TYR E 293 51.01 -34.78 -15.03
N GLY E 294 51.95 -33.91 -14.65
CA GLY E 294 52.88 -33.36 -15.61
C GLY E 294 52.32 -32.26 -16.47
N ILE E 295 51.09 -31.82 -16.23
CA ILE E 295 50.47 -30.76 -17.03
C ILE E 295 51.27 -29.48 -16.88
N ASN E 296 51.42 -28.74 -17.98
CA ASN E 296 52.18 -27.50 -17.95
C ASN E 296 51.49 -26.48 -17.07
N ILE E 297 52.29 -25.72 -16.32
CA ILE E 297 51.74 -24.75 -15.37
C ILE E 297 51.02 -23.62 -16.09
N ASP E 298 51.33 -23.40 -17.37
CA ASP E 298 50.76 -22.26 -18.09
C ASP E 298 49.31 -22.51 -18.48
N ASP E 299 48.90 -23.76 -18.61
CA ASP E 299 47.52 -24.05 -19.01
C ASP E 299 46.52 -23.58 -17.97
N ILE E 300 46.85 -23.76 -16.69
CA ILE E 300 45.96 -23.35 -15.60
C ILE E 300 46.11 -21.85 -15.38
N ASP E 301 45.01 -21.12 -15.48
CA ASP E 301 45.07 -19.67 -15.37
C ASP E 301 45.36 -19.23 -13.94
N LEU E 302 44.65 -19.79 -12.97
CA LEU E 302 44.79 -19.38 -11.57
C LEU E 302 44.83 -20.60 -10.69
N ILE E 303 45.79 -20.66 -9.78
CA ILE E 303 45.94 -21.75 -8.83
C ILE E 303 45.85 -21.17 -7.42
N SER E 304 44.85 -21.59 -6.67
CA SER E 304 44.59 -21.07 -5.33
C SER E 304 44.90 -22.14 -4.31
N ALA E 305 45.40 -21.72 -3.15
CA ALA E 305 45.66 -22.63 -2.06
C ALA E 305 45.68 -21.85 -0.75
N ASN E 306 45.77 -22.57 0.36
CA ASN E 306 45.95 -21.96 1.65
C ASN E 306 47.16 -22.55 2.35
N MET E 307 47.82 -21.73 3.17
CA MET E 307 49.06 -22.12 3.83
C MET E 307 48.81 -22.77 5.18
N GLU E 308 47.59 -23.20 5.46
CA GLU E 308 47.25 -23.70 6.79
C GLU E 308 47.40 -25.22 6.88
N ASN E 309 47.05 -25.94 5.82
CA ASN E 309 47.06 -27.39 5.87
C ASN E 309 48.48 -27.94 5.86
N ALA E 310 49.28 -27.57 4.87
CA ALA E 310 50.62 -28.12 4.71
C ALA E 310 51.70 -27.26 5.36
N LEU E 311 51.70 -25.96 5.10
CA LEU E 311 52.72 -25.08 5.65
C LEU E 311 52.50 -24.77 7.12
N ALA E 312 51.31 -25.03 7.64
CA ALA E 312 51.00 -24.88 9.06
C ALA E 312 51.19 -23.43 9.54
N SER E 313 50.54 -22.49 8.85
CA SER E 313 50.45 -21.10 9.28
C SER E 313 49.18 -20.50 8.69
N ILE E 314 48.69 -19.43 9.29
CA ILE E 314 47.43 -18.85 8.84
C ILE E 314 47.65 -18.08 7.54
N GLY E 315 46.70 -18.19 6.63
CA GLY E 315 46.74 -17.43 5.40
C GLY E 315 46.46 -18.24 4.14
N GLY E 316 46.47 -17.57 2.99
CA GLY E 316 46.27 -18.26 1.72
C GLY E 316 46.98 -17.51 0.62
N PHE E 317 46.99 -18.09 -0.57
CA PHE E 317 47.64 -17.46 -1.70
C PHE E 317 47.00 -17.89 -3.01
N CYS E 318 47.26 -17.11 -4.05
CA CYS E 318 46.85 -17.39 -5.41
C CYS E 318 48.00 -17.08 -6.34
N CYS E 319 48.32 -18.01 -7.24
CA CYS E 319 49.46 -17.87 -8.12
C CYS E 319 49.03 -17.99 -9.58
N GLY E 320 49.70 -17.23 -10.44
CA GLY E 320 49.40 -17.20 -11.86
C GLY E 320 50.30 -16.21 -12.56
N ARG E 321 49.98 -15.96 -13.83
CA ARG E 321 50.69 -14.94 -14.58
C ARG E 321 50.30 -13.55 -14.08
N SER E 322 51.18 -12.58 -14.35
CA SER E 322 50.92 -11.22 -13.89
C SER E 322 49.63 -10.67 -14.48
N PHE E 323 49.28 -11.09 -15.69
CA PHE E 323 48.09 -10.58 -16.36
C PHE E 323 46.83 -10.86 -15.54
N VAL E 324 46.79 -12.01 -14.85
CA VAL E 324 45.60 -12.34 -14.08
C VAL E 324 45.78 -11.95 -12.61
N ILE E 325 47.02 -11.98 -12.12
CA ILE E 325 47.25 -11.73 -10.70
C ILE E 325 47.11 -10.24 -10.37
N ASP E 326 47.57 -9.36 -11.27
CA ASP E 326 47.59 -7.94 -10.92
C ASP E 326 46.18 -7.36 -10.79
N HIS E 327 45.16 -8.10 -11.20
CA HIS E 327 43.80 -7.62 -11.06
C HIS E 327 43.30 -7.76 -9.62
N GLN E 328 43.75 -8.80 -8.92
CA GLN E 328 43.25 -9.04 -7.57
C GLN E 328 43.73 -7.97 -6.60
N ARG E 329 44.90 -7.37 -6.87
CA ARG E 329 45.42 -6.35 -5.97
C ARG E 329 44.50 -5.14 -5.90
N LEU E 330 43.72 -4.93 -6.95
CA LEU E 330 42.78 -3.81 -6.99
C LEU E 330 41.33 -4.25 -7.01
N SER E 331 41.06 -5.55 -7.00
CA SER E 331 39.68 -6.03 -6.98
C SER E 331 39.38 -7.06 -5.91
N GLY E 332 40.39 -7.74 -5.36
CA GLY E 332 40.15 -8.67 -4.29
C GLY E 332 39.65 -7.95 -3.05
N GLN E 333 38.48 -8.31 -2.55
CA GLN E 333 37.92 -7.60 -1.40
C GLN E 333 38.60 -8.03 -0.11
N GLY E 334 39.02 -9.29 -0.01
CA GLY E 334 39.76 -9.71 1.16
C GLY E 334 41.16 -9.13 1.19
N TYR E 335 41.61 -8.59 0.06
CA TYR E 335 42.95 -8.00 -0.01
C TYR E 335 42.89 -6.49 0.20
N CYS E 336 41.95 -5.82 -0.47
CA CYS E 336 41.89 -4.37 -0.40
C CYS E 336 41.44 -3.87 0.97
N PHE E 337 40.47 -4.54 1.57
CA PHE E 337 39.74 -3.98 2.70
C PHE E 337 40.02 -4.70 4.02
N SER E 338 41.21 -5.28 4.19
CA SER E 338 41.54 -5.94 5.44
C SER E 338 43.03 -5.84 5.73
N ALA E 339 43.36 -6.02 7.00
CA ALA E 339 44.74 -5.92 7.43
C ALA E 339 45.56 -7.09 6.90
N SER E 340 46.84 -6.81 6.65
CA SER E 340 47.72 -7.81 6.08
C SER E 340 48.11 -8.87 7.10
N LEU E 341 48.74 -9.93 6.61
CA LEU E 341 49.10 -11.05 7.45
C LEU E 341 50.20 -10.66 8.43
N PRO E 342 50.10 -11.06 9.70
CA PRO E 342 51.14 -10.73 10.67
C PRO E 342 52.49 -11.28 10.24
N PRO E 343 53.58 -10.56 10.54
CA PRO E 343 54.90 -10.95 10.01
C PRO E 343 55.37 -12.32 10.44
N LEU E 344 55.09 -12.73 11.68
CA LEU E 344 55.66 -13.99 12.17
C LEU E 344 55.05 -15.19 11.45
N LEU E 345 53.77 -15.12 11.10
CA LEU E 345 53.16 -16.18 10.31
C LEU E 345 53.80 -16.26 8.92
N ALA E 346 54.09 -15.12 8.31
CA ALA E 346 54.77 -15.11 7.02
C ALA E 346 56.16 -15.72 7.13
N ALA E 347 56.88 -15.41 8.21
CA ALA E 347 58.22 -15.98 8.38
C ALA E 347 58.14 -17.50 8.57
N ALA E 348 57.13 -17.97 9.32
CA ALA E 348 56.94 -19.41 9.46
C ALA E 348 56.67 -20.05 8.12
N ALA E 349 55.86 -19.41 7.27
CA ALA E 349 55.60 -19.94 5.94
C ALA E 349 56.87 -19.99 5.10
N ILE E 350 57.71 -18.95 5.19
CA ILE E 350 58.96 -18.93 4.43
C ILE E 350 59.87 -20.08 4.87
N GLU E 351 59.98 -20.29 6.18
CA GLU E 351 60.83 -21.37 6.66
C GLU E 351 60.28 -22.72 6.25
N ALA E 352 58.95 -22.88 6.24
CA ALA E 352 58.36 -24.12 5.77
C ALA E 352 58.69 -24.36 4.31
N LEU E 353 58.64 -23.29 3.49
CA LEU E 353 59.01 -23.43 2.08
C LEU E 353 60.47 -23.85 1.94
N ASN E 354 61.36 -23.25 2.74
CA ASN E 354 62.77 -23.64 2.68
C ASN E 354 62.95 -25.11 3.03
N ILE E 355 62.29 -25.57 4.09
CA ILE E 355 62.40 -26.97 4.49
C ILE E 355 61.88 -27.88 3.39
N MET E 356 60.75 -27.52 2.78
CA MET E 356 60.18 -28.32 1.71
C MET E 356 61.12 -28.38 0.50
N GLU E 357 61.79 -27.27 0.19
CA GLU E 357 62.68 -27.25 -0.97
C GLU E 357 63.96 -28.03 -0.70
N GLU E 358 64.43 -28.06 0.55
CA GLU E 358 65.69 -28.73 0.84
C GLU E 358 65.58 -30.25 0.66
N ASN E 359 64.55 -30.86 1.25
CA ASN E 359 64.42 -32.32 1.24
C ASN E 359 63.07 -32.73 0.69
N PRO E 360 62.99 -33.23 -0.55
CA PRO E 360 61.71 -33.68 -1.11
C PRO E 360 61.36 -35.14 -0.82
N GLY E 361 62.03 -35.81 0.11
CA GLY E 361 61.69 -37.19 0.40
C GLY E 361 60.46 -37.32 1.28
N ILE E 362 60.08 -36.25 1.96
CA ILE E 362 58.94 -36.29 2.87
C ILE E 362 57.66 -36.58 2.09
N PHE E 363 57.56 -36.08 0.86
CA PHE E 363 56.39 -36.36 0.05
C PHE E 363 56.29 -37.86 -0.27
N ALA E 364 57.41 -38.49 -0.59
CA ALA E 364 57.40 -39.93 -0.84
C ALA E 364 57.03 -40.70 0.43
N VAL E 365 57.55 -40.26 1.58
CA VAL E 365 57.19 -40.92 2.84
C VAL E 365 55.69 -40.83 3.08
N LEU E 366 55.12 -39.65 2.87
CA LEU E 366 53.69 -39.48 3.07
C LEU E 366 52.88 -40.33 2.11
N LYS E 367 53.32 -40.41 0.85
CA LYS E 367 52.62 -41.24 -0.13
C LYS E 367 52.63 -42.70 0.29
N GLU E 368 53.78 -43.19 0.73
CA GLU E 368 53.86 -44.58 1.17
C GLU E 368 52.97 -44.84 2.37
N LYS E 369 52.97 -43.94 3.36
CA LYS E 369 52.12 -44.12 4.53
C LYS E 369 50.65 -44.09 4.17
N CYS E 370 50.26 -43.18 3.27
CA CYS E 370 48.86 -43.12 2.84
C CYS E 370 48.43 -44.40 2.17
N GLY E 371 49.27 -44.93 1.27
CA GLY E 371 48.95 -46.19 0.63
C GLY E 371 48.83 -47.33 1.64
N GLN E 372 49.74 -47.37 2.61
CA GLN E 372 49.74 -48.45 3.59
C GLN E 372 48.47 -48.42 4.44
N ILE E 373 48.10 -47.24 4.94
CA ILE E 373 46.91 -47.16 5.78
C ILE E 373 45.65 -47.40 4.97
N HIS E 374 45.60 -46.93 3.72
CA HIS E 374 44.43 -47.20 2.90
C HIS E 374 44.27 -48.69 2.64
N LYS E 375 45.38 -49.38 2.39
CA LYS E 375 45.32 -50.82 2.20
C LYS E 375 44.87 -51.53 3.47
N ALA E 376 45.40 -51.10 4.62
CA ALA E 376 45.08 -51.77 5.87
C ALA E 376 43.62 -51.57 6.27
N LEU E 377 43.07 -50.37 6.04
CA LEU E 377 41.74 -50.05 6.53
C LEU E 377 40.68 -50.93 5.89
N GLN E 378 40.90 -51.34 4.64
CA GLN E 378 39.89 -52.10 3.91
C GLN E 378 39.61 -53.43 4.59
N GLY E 379 38.33 -53.76 4.72
CA GLY E 379 37.89 -54.95 5.44
C GLY E 379 36.96 -54.67 6.61
N ILE E 380 36.59 -53.41 6.85
CA ILE E 380 35.66 -53.11 7.92
C ILE E 380 34.29 -53.68 7.57
N SER E 381 33.61 -54.25 8.57
CA SER E 381 32.32 -54.88 8.31
C SER E 381 31.28 -53.87 7.87
N GLY E 382 31.24 -52.70 8.50
CA GLY E 382 30.18 -51.75 8.23
C GLY E 382 30.60 -50.43 7.62
N LEU E 383 31.90 -50.24 7.40
CA LEU E 383 32.43 -48.96 6.94
C LEU E 383 33.14 -49.15 5.61
N LYS E 384 32.93 -48.20 4.70
CA LYS E 384 33.58 -48.16 3.40
C LYS E 384 34.53 -46.97 3.33
N VAL E 385 35.71 -47.20 2.78
CA VAL E 385 36.75 -46.18 2.69
C VAL E 385 36.57 -45.38 1.41
N VAL E 386 36.01 -44.17 1.53
CA VAL E 386 35.77 -43.32 0.38
C VAL E 386 36.95 -42.39 0.16
N GLY E 387 37.93 -42.83 -0.62
CA GLY E 387 39.07 -42.00 -0.92
C GLY E 387 40.02 -42.72 -1.85
N GLU E 388 40.94 -41.95 -2.43
CA GLU E 388 41.92 -42.54 -3.32
C GLU E 388 43.19 -42.89 -2.57
N SER E 389 43.96 -43.83 -3.13
CA SER E 389 45.11 -44.37 -2.42
C SER E 389 46.20 -43.34 -2.19
N LEU E 390 46.18 -42.26 -2.97
CA LEU E 390 47.24 -41.25 -2.86
C LEU E 390 46.80 -40.09 -1.97
N SER E 391 45.53 -40.06 -1.58
CA SER E 391 45.02 -38.94 -0.79
C SER E 391 45.52 -39.03 0.66
N PRO E 392 45.91 -37.92 1.27
CA PRO E 392 46.31 -37.97 2.69
C PRO E 392 45.14 -37.94 3.66
N ALA E 393 44.02 -37.32 3.30
CA ALA E 393 42.84 -37.27 4.14
C ALA E 393 41.68 -37.91 3.39
N PHE E 394 41.12 -38.98 3.96
CA PHE E 394 40.00 -39.67 3.33
C PHE E 394 38.89 -39.91 4.36
N HIS E 395 37.80 -40.50 3.89
CA HIS E 395 36.59 -40.65 4.66
C HIS E 395 36.27 -42.12 4.89
N LEU E 396 35.56 -42.38 5.98
CA LEU E 396 34.96 -43.69 6.25
C LEU E 396 33.47 -43.46 6.42
N GLN E 397 32.67 -44.07 5.55
CA GLN E 397 31.23 -43.88 5.56
C GLN E 397 30.51 -45.19 5.85
N LEU E 398 29.21 -45.07 6.13
CA LEU E 398 28.42 -46.22 6.55
C LEU E 398 27.85 -46.94 5.33
N GLU E 399 28.19 -48.23 5.18
CA GLU E 399 27.49 -49.06 4.23
C GLU E 399 26.02 -49.19 4.59
N GLU E 400 25.74 -49.53 5.84
CA GLU E 400 24.38 -49.64 6.35
C GLU E 400 23.89 -48.25 6.73
N SER E 401 22.91 -47.74 5.99
CA SER E 401 22.38 -46.41 6.21
C SER E 401 21.08 -46.50 6.99
N THR E 402 21.03 -45.83 8.13
CA THR E 402 19.79 -45.67 8.86
C THR E 402 18.88 -44.73 8.09
N GLY E 403 17.58 -44.79 8.40
CA GLY E 403 16.61 -44.02 7.63
C GLY E 403 16.92 -42.53 7.59
N SER E 404 17.38 -41.98 8.70
CA SER E 404 17.65 -40.54 8.80
C SER E 404 19.13 -40.28 9.03
N ARG E 405 19.52 -39.00 8.96
CA ARG E 405 20.91 -38.61 9.12
C ARG E 405 21.34 -38.62 10.58
N GLU E 406 20.42 -38.31 11.50
CA GLU E 406 20.78 -38.11 12.89
C GLU E 406 21.34 -39.40 13.51
N GLN E 407 20.74 -40.54 13.20
CA GLN E 407 21.25 -41.78 13.77
C GLN E 407 22.58 -42.18 13.16
N ASP E 408 22.80 -41.86 11.88
CA ASP E 408 24.12 -42.10 11.30
C ASP E 408 25.18 -41.26 12.00
N VAL E 409 24.88 -39.98 12.24
CA VAL E 409 25.81 -39.12 12.95
C VAL E 409 26.06 -39.66 14.35
N ARG E 410 25.01 -40.10 15.04
CA ARG E 410 25.18 -40.62 16.39
C ARG E 410 26.05 -41.87 16.39
N LEU E 411 25.82 -42.78 15.44
CA LEU E 411 26.61 -44.02 15.37
C LEU E 411 28.08 -43.71 15.13
N LEU E 412 28.38 -42.87 14.14
CA LEU E 412 29.76 -42.48 13.93
C LEU E 412 30.32 -41.80 15.17
N GLN E 413 29.45 -41.16 15.96
CA GLN E 413 29.92 -40.47 17.15
C GLN E 413 30.35 -41.45 18.24
N GLU E 414 29.58 -42.53 18.50
CA GLU E 414 30.10 -43.45 19.52
C GLU E 414 31.32 -44.20 18.98
N ILE E 415 31.39 -44.41 17.67
CA ILE E 415 32.63 -44.98 17.12
C ILE E 415 33.81 -44.08 17.45
N VAL E 416 33.65 -42.77 17.24
CA VAL E 416 34.73 -41.82 17.51
C VAL E 416 35.08 -41.81 18.99
N ASP E 417 34.07 -41.79 19.85
CA ASP E 417 34.31 -41.74 21.29
C ASP E 417 35.06 -42.98 21.77
N GLN E 418 34.62 -44.16 21.33
CA GLN E 418 35.25 -45.39 21.75
C GLN E 418 36.67 -45.49 21.22
N CYS E 419 36.91 -44.93 20.02
CA CYS E 419 38.29 -44.84 19.53
C CYS E 419 39.12 -43.91 20.41
N MET E 420 38.53 -42.80 20.86
CA MET E 420 39.25 -41.87 21.71
C MET E 420 39.65 -42.52 23.04
N ASN E 421 38.75 -43.31 23.62
CA ASN E 421 39.10 -44.00 24.86
C ASN E 421 40.21 -45.03 24.64
N ARG E 422 40.44 -45.44 23.40
CA ARG E 422 41.48 -46.41 23.07
C ARG E 422 42.76 -45.74 22.56
N SER E 423 42.95 -44.46 22.86
CA SER E 423 44.16 -43.70 22.52
C SER E 423 44.32 -43.45 21.03
N ILE E 424 43.23 -43.21 20.31
CA ILE E 424 43.27 -42.78 18.91
C ILE E 424 42.33 -41.60 18.76
N ALA E 425 42.85 -40.48 18.27
CA ALA E 425 42.08 -39.24 18.16
C ALA E 425 41.52 -39.12 16.75
N LEU E 426 40.22 -39.35 16.60
CA LEU E 426 39.54 -39.22 15.33
C LEU E 426 38.49 -38.13 15.42
N THR E 427 38.14 -37.57 14.27
CA THR E 427 37.16 -36.51 14.20
C THR E 427 36.13 -36.82 13.13
N GLN E 428 34.99 -36.14 13.19
CA GLN E 428 33.92 -36.35 12.23
C GLN E 428 33.80 -35.14 11.31
N ALA E 429 33.41 -35.38 10.06
CA ALA E 429 33.26 -34.29 9.11
C ALA E 429 32.09 -33.40 9.51
N ARG E 430 32.30 -32.09 9.43
CA ARG E 430 31.31 -31.11 9.86
C ARG E 430 30.83 -30.29 8.68
N TYR E 431 29.52 -30.11 8.58
CA TYR E 431 28.91 -29.37 7.47
C TYR E 431 27.78 -28.50 8.01
N LEU E 432 27.36 -27.54 7.20
CA LEU E 432 26.11 -26.84 7.42
C LEU E 432 25.03 -27.53 6.58
N GLU E 433 24.07 -28.15 7.27
CA GLU E 433 23.07 -28.95 6.57
C GLU E 433 22.18 -28.07 5.68
N LYS E 434 21.82 -26.88 6.17
CA LYS E 434 20.89 -26.04 5.43
C LYS E 434 21.56 -25.35 4.26
N GLU E 435 22.83 -24.97 4.41
CA GLU E 435 23.46 -24.08 3.43
C GLU E 435 24.10 -24.86 2.28
N GLU E 436 24.59 -26.06 2.54
CA GLU E 436 25.34 -26.80 1.52
C GLU E 436 24.46 -27.09 0.31
N LYS E 437 25.04 -26.93 -0.88
CA LYS E 437 24.31 -27.21 -2.12
C LYS E 437 24.08 -28.71 -2.29
N CYS E 438 25.13 -29.51 -2.09
CA CYS E 438 25.03 -30.96 -2.16
C CYS E 438 25.66 -31.53 -0.90
N LEU E 439 24.82 -31.86 0.08
CA LEU E 439 25.30 -32.25 1.39
C LEU E 439 25.87 -33.66 1.33
N PRO E 440 27.15 -33.85 1.67
CA PRO E 440 27.71 -35.20 1.62
C PRO E 440 27.17 -36.06 2.76
N PRO E 441 27.33 -37.37 2.68
CA PRO E 441 26.90 -38.22 3.78
C PRO E 441 27.77 -38.01 5.00
N PRO E 442 27.25 -38.29 6.20
CA PRO E 442 28.11 -38.26 7.39
C PRO E 442 29.25 -39.27 7.27
N SER E 443 30.41 -38.88 7.80
CA SER E 443 31.60 -39.70 7.63
C SER E 443 32.60 -39.40 8.73
N ILE E 444 33.56 -40.31 8.88
CA ILE E 444 34.65 -40.16 9.84
C ILE E 444 35.90 -39.83 9.04
N ARG E 445 36.59 -38.76 9.41
CA ARG E 445 37.74 -38.30 8.66
C ARG E 445 39.02 -38.92 9.20
N VAL E 446 39.87 -39.43 8.31
CA VAL E 446 41.16 -39.99 8.68
C VAL E 446 42.24 -39.23 7.93
N VAL E 447 43.26 -38.78 8.66
CA VAL E 447 44.35 -37.96 8.13
C VAL E 447 45.65 -38.70 8.36
N VAL E 448 46.56 -38.62 7.39
CA VAL E 448 47.85 -39.31 7.44
C VAL E 448 48.96 -38.28 7.47
N THR E 449 49.96 -38.52 8.32
CA THR E 449 51.05 -37.59 8.55
C THR E 449 52.37 -38.34 8.49
N VAL E 450 53.41 -37.66 8.00
CA VAL E 450 54.72 -38.30 7.89
C VAL E 450 55.27 -38.64 9.27
N GLU E 451 54.73 -38.01 10.31
CA GLU E 451 55.22 -38.27 11.67
C GLU E 451 54.79 -39.64 12.17
N GLN E 452 53.58 -40.07 11.81
CA GLN E 452 53.05 -41.32 12.33
C GLN E 452 53.88 -42.51 11.87
N THR E 453 54.23 -43.38 12.80
CA THR E 453 55.02 -44.56 12.46
C THR E 453 54.14 -45.64 11.85
N GLU E 454 54.79 -46.66 11.28
CA GLU E 454 54.04 -47.76 10.68
C GLU E 454 53.28 -48.56 11.73
N GLU E 455 53.91 -48.79 12.88
CA GLU E 455 53.25 -49.53 13.96
C GLU E 455 52.02 -48.79 14.45
N GLU E 456 52.11 -47.47 14.58
CA GLU E 456 50.96 -46.69 14.99
C GLU E 456 49.84 -46.77 13.96
N LEU E 457 50.19 -46.74 12.67
CA LEU E 457 49.17 -46.85 11.62
C LEU E 457 48.47 -48.21 11.69
N GLU E 458 49.23 -49.29 11.85
CA GLU E 458 48.62 -50.61 11.93
C GLU E 458 47.76 -50.76 13.18
N ARG E 459 48.24 -50.22 14.31
CA ARG E 459 47.45 -50.28 15.53
C ARG E 459 46.17 -49.48 15.39
N ALA E 460 46.23 -48.32 14.74
CA ALA E 460 45.02 -47.54 14.49
C ALA E 460 44.05 -48.31 13.60
N ALA E 461 44.56 -48.98 12.58
CA ALA E 461 43.69 -49.78 11.72
C ALA E 461 43.00 -50.88 12.51
N SER E 462 43.76 -51.61 13.34
CA SER E 462 43.17 -52.68 14.14
C SER E 462 42.15 -52.13 15.13
N THR E 463 42.46 -51.00 15.76
CA THR E 463 41.55 -50.41 16.73
C THR E 463 40.25 -49.99 16.07
N ILE E 464 40.33 -49.32 14.92
CA ILE E 464 39.12 -48.90 14.22
C ILE E 464 38.32 -50.12 13.80
N LYS E 465 38.99 -51.17 13.31
CA LYS E 465 38.28 -52.37 12.90
C LYS E 465 37.53 -52.98 14.07
N GLU E 466 38.22 -53.21 15.19
CA GLU E 466 37.58 -53.85 16.34
C GLU E 466 36.43 -53.00 16.88
N VAL E 467 36.64 -51.69 17.00
CA VAL E 467 35.60 -50.82 17.54
C VAL E 467 34.39 -50.78 16.62
N ALA E 468 34.61 -50.69 15.30
CA ALA E 468 33.50 -50.64 14.36
C ALA E 468 32.71 -51.94 14.38
N GLN E 469 33.40 -53.08 14.41
CA GLN E 469 32.70 -54.36 14.44
C GLN E 469 31.96 -54.55 15.75
N ALA E 470 32.52 -54.05 16.85
CA ALA E 470 31.83 -54.14 18.14
C ALA E 470 30.57 -53.29 18.15
N VAL E 471 30.67 -52.04 17.68
CA VAL E 471 29.52 -51.13 17.73
C VAL E 471 28.44 -51.60 16.78
N LEU E 472 28.80 -52.01 15.57
CA LEU E 472 27.79 -52.39 14.58
C LEU E 472 27.25 -53.78 14.86
N LEU E 473 27.81 -54.49 15.84
CA LEU E 473 27.30 -55.78 16.25
C LEU E 473 26.08 -55.61 17.16
N GLY F 53 16.33 10.30 23.03
CA GLY F 53 17.76 10.17 23.27
C GLY F 53 18.38 11.42 23.87
N LEU F 54 19.02 11.24 25.03
CA LEU F 54 19.60 12.35 25.78
C LEU F 54 21.11 12.22 25.79
N TYR F 55 21.80 13.34 25.59
CA TYR F 55 23.25 13.39 25.58
C TYR F 55 23.74 13.95 26.91
N LYS F 56 24.43 13.12 27.69
CA LYS F 56 24.98 13.58 28.96
C LYS F 56 26.02 14.67 28.75
N ARG F 57 26.86 14.51 27.73
CA ARG F 57 27.88 15.47 27.36
C ARG F 57 27.54 16.06 25.99
N PRO F 58 28.02 17.27 25.69
CA PRO F 58 27.69 17.90 24.41
C PRO F 58 28.21 17.09 23.23
N PHE F 59 27.47 17.14 22.14
CA PHE F 59 27.77 16.37 20.93
C PHE F 59 28.00 17.34 19.77
N ASN F 60 29.27 17.52 19.40
CA ASN F 60 29.68 18.54 18.43
C ASN F 60 30.31 17.87 17.22
N GLU F 61 29.90 18.31 16.03
CA GLU F 61 30.49 17.84 14.78
C GLU F 61 30.30 18.90 13.71
N ALA F 62 31.32 19.11 12.88
CA ALA F 62 31.31 20.16 11.87
C ALA F 62 31.69 19.58 10.52
N PHE F 63 30.79 19.74 9.53
CA PHE F 63 31.04 19.35 8.14
C PHE F 63 30.87 20.59 7.28
N GLU F 64 31.94 21.37 7.13
CA GLU F 64 31.85 22.61 6.37
C GLU F 64 31.68 22.33 4.89
N GLU F 65 30.86 23.15 4.23
CA GLU F 65 30.59 22.97 2.81
C GLU F 65 31.76 23.47 1.96
N THR F 66 31.86 22.90 0.76
CA THR F 66 32.94 23.26 -0.15
C THR F 66 32.72 24.67 -0.70
N PRO F 67 33.76 25.50 -0.74
CA PRO F 67 33.66 26.76 -1.48
C PRO F 67 33.38 26.50 -2.95
N MET F 68 32.52 27.34 -3.54
CA MET F 68 32.04 27.07 -4.89
C MET F 68 33.18 27.14 -5.91
N LEU F 69 34.08 28.11 -5.77
CA LEU F 69 35.20 28.23 -6.69
C LEU F 69 36.03 26.96 -6.70
N VAL F 70 36.22 26.36 -5.53
CA VAL F 70 37.00 25.12 -5.45
C VAL F 70 36.28 23.99 -6.16
N ALA F 71 34.95 23.95 -6.06
CA ALA F 71 34.20 22.93 -6.78
C ALA F 71 34.35 23.08 -8.29
N VAL F 72 34.25 24.33 -8.78
CA VAL F 72 34.38 24.55 -10.22
C VAL F 72 35.77 24.15 -10.71
N LEU F 73 36.80 24.52 -9.95
CA LEU F 73 38.16 24.14 -10.36
C LEU F 73 38.38 22.63 -10.28
N THR F 74 37.76 21.97 -9.31
CA THR F 74 37.80 20.51 -9.25
C THR F 74 37.24 19.90 -10.53
N TYR F 75 36.09 20.40 -10.98
CA TYR F 75 35.49 19.86 -12.19
C TYR F 75 36.34 20.15 -13.41
N VAL F 76 36.98 21.32 -13.44
CA VAL F 76 37.90 21.62 -14.54
C VAL F 76 39.03 20.60 -14.60
N GLY F 77 39.63 20.30 -13.44
CA GLY F 77 40.70 19.32 -13.41
C GLY F 77 40.26 17.93 -13.82
N TYR F 78 39.10 17.50 -13.35
CA TYR F 78 38.63 16.16 -13.74
C TYR F 78 38.31 16.09 -15.22
N GLY F 79 37.76 17.17 -15.79
CA GLY F 79 37.51 17.17 -17.22
C GLY F 79 38.80 17.09 -18.04
N VAL F 80 39.83 17.84 -17.62
CA VAL F 80 41.12 17.76 -18.31
C VAL F 80 41.66 16.35 -18.25
N LEU F 81 41.61 15.73 -17.06
CA LEU F 81 42.11 14.37 -16.92
C LEU F 81 41.33 13.39 -17.81
N THR F 82 40.01 13.56 -17.89
CA THR F 82 39.20 12.67 -18.72
C THR F 82 39.57 12.80 -20.20
N LEU F 83 39.72 14.04 -20.68
CA LEU F 83 40.06 14.24 -22.08
C LEU F 83 41.42 13.64 -22.42
N PHE F 84 42.42 13.88 -21.55
CA PHE F 84 43.74 13.35 -21.86
C PHE F 84 43.78 11.82 -21.71
N GLY F 85 42.95 11.26 -20.83
CA GLY F 85 42.83 9.83 -20.76
C GLY F 85 42.24 9.23 -22.02
N TYR F 86 41.22 9.88 -22.58
CA TYR F 86 40.67 9.42 -23.85
C TYR F 86 41.71 9.48 -24.96
N LEU F 87 42.48 10.57 -25.01
CA LEU F 87 43.53 10.67 -26.03
C LEU F 87 44.58 9.57 -25.86
N ARG F 88 44.99 9.30 -24.61
CA ARG F 88 45.98 8.26 -24.37
C ARG F 88 45.44 6.89 -24.75
N ASP F 89 44.16 6.63 -24.49
CA ASP F 89 43.57 5.38 -24.93
C ASP F 89 43.59 5.26 -26.45
N PHE F 90 43.27 6.36 -27.15
CA PHE F 90 43.33 6.33 -28.61
C PHE F 90 44.73 6.01 -29.11
N LEU F 91 45.75 6.66 -28.54
CA LEU F 91 47.12 6.40 -28.96
C LEU F 91 47.52 4.95 -28.66
N ARG F 92 47.13 4.43 -27.50
CA ARG F 92 47.49 3.06 -27.15
C ARG F 92 46.79 2.05 -28.05
N TYR F 93 45.61 2.41 -28.57
CA TYR F 93 44.88 1.45 -29.39
C TYR F 93 45.56 1.22 -30.74
N TRP F 94 45.95 2.29 -31.43
CA TRP F 94 46.55 2.18 -32.74
C TRP F 94 48.05 1.89 -32.70
N ARG F 95 48.57 1.47 -31.55
CA ARG F 95 49.97 1.08 -31.37
C ARG F 95 50.94 2.21 -31.69
N ILE F 96 50.48 3.46 -31.73
CA ILE F 96 51.38 4.59 -31.98
C ILE F 96 52.36 4.75 -30.83
N GLU F 97 51.90 4.49 -29.60
CA GLU F 97 52.72 4.56 -28.41
C GLU F 97 52.80 3.17 -27.79
N LYS F 98 54.01 2.75 -27.42
CA LYS F 98 54.19 1.44 -26.83
C LYS F 98 53.44 1.34 -25.50
N CYS F 99 52.70 0.25 -25.34
CA CYS F 99 51.88 0.03 -24.15
C CYS F 99 52.67 -0.80 -23.14
N HIS F 100 52.73 -0.32 -21.90
CA HIS F 100 53.50 -0.98 -20.86
C HIS F 100 52.63 -1.90 -20.01
N HIS F 101 51.91 -2.81 -20.66
CA HIS F 101 50.98 -3.70 -19.96
C HIS F 101 51.14 -5.12 -20.47
N ALA F 102 50.73 -6.08 -19.65
CA ALA F 102 50.77 -7.48 -20.04
C ALA F 102 49.56 -7.83 -20.88
N THR F 103 49.71 -8.88 -21.69
CA THR F 103 48.66 -9.33 -22.59
C THR F 103 48.49 -10.84 -22.48
N GLU F 104 47.32 -11.32 -22.88
CA GLU F 104 47.02 -12.73 -22.81
C GLU F 104 47.93 -13.52 -23.73
N ARG F 105 48.26 -14.74 -23.31
CA ARG F 105 49.23 -15.54 -24.04
C ARG F 105 48.70 -15.89 -25.43
N GLU F 106 49.64 -16.28 -26.31
CA GLU F 106 49.31 -16.49 -27.70
C GLU F 106 48.30 -17.62 -27.89
N GLU F 107 48.43 -18.69 -27.11
CA GLU F 107 47.54 -19.83 -27.29
C GLU F 107 46.12 -19.51 -26.84
N GLN F 108 45.93 -18.39 -26.15
CA GLN F 108 44.63 -18.00 -25.65
C GLN F 108 44.10 -16.72 -26.31
N LYS F 109 44.66 -16.34 -27.45
CA LYS F 109 44.20 -15.13 -28.12
C LYS F 109 42.77 -15.27 -28.62
N ASP F 110 42.33 -16.51 -28.87
CA ASP F 110 41.00 -16.72 -29.42
C ASP F 110 39.93 -16.60 -28.33
N PHE F 111 40.33 -16.73 -27.06
CA PHE F 111 39.37 -16.65 -25.97
C PHE F 111 38.77 -15.25 -25.90
N VAL F 112 37.56 -15.17 -25.36
CA VAL F 112 36.96 -13.87 -25.07
C VAL F 112 37.86 -13.11 -24.11
N SER F 113 37.96 -11.80 -24.31
CA SER F 113 38.84 -10.97 -23.50
C SER F 113 38.47 -11.08 -22.02
N LEU F 114 39.48 -11.28 -21.18
CA LEU F 114 39.23 -11.56 -19.77
C LEU F 114 38.62 -10.35 -19.07
N TYR F 115 39.12 -9.15 -19.36
CA TYR F 115 38.62 -7.94 -18.73
C TYR F 115 37.97 -7.04 -19.78
N GLN F 116 37.17 -6.09 -19.30
CA GLN F 116 36.72 -5.00 -20.13
C GLN F 116 37.63 -3.80 -19.93
N ASP F 117 38.12 -3.23 -21.03
CA ASP F 117 39.11 -2.17 -20.92
C ASP F 117 38.55 -0.94 -20.23
N PHE F 118 37.29 -0.60 -20.54
CA PHE F 118 36.68 0.65 -19.99
C PHE F 118 36.61 0.61 -18.46
N GLU F 119 36.53 -0.59 -17.88
CA GLU F 119 36.51 -0.73 -16.39
C GLU F 119 37.84 -0.23 -15.82
N ASN F 120 38.95 -0.43 -16.53
CA ASN F 120 40.29 -0.05 -16.02
C ASN F 120 40.62 1.40 -16.37
N PHE F 121 39.70 2.13 -17.00
CA PHE F 121 39.96 3.53 -17.41
C PHE F 121 40.55 4.34 -16.26
N TYR F 122 39.87 4.42 -15.11
CA TYR F 122 40.37 5.26 -14.03
C TYR F 122 41.61 4.67 -13.39
N THR F 123 41.88 3.39 -13.61
CA THR F 123 43.12 2.82 -13.12
C THR F 123 44.31 3.26 -13.97
N ARG F 124 44.12 3.30 -15.29
CA ARG F 124 45.24 3.60 -16.18
C ARG F 124 45.56 5.09 -16.20
N ASN F 125 44.54 5.94 -16.06
CA ASN F 125 44.71 7.36 -16.36
C ASN F 125 44.86 8.22 -15.12
N LEU F 126 44.08 7.95 -14.07
CA LEU F 126 44.20 8.74 -12.84
C LEU F 126 45.02 8.04 -11.76
N TYR F 127 44.70 6.78 -11.46
CA TYR F 127 45.39 6.08 -10.39
C TYR F 127 46.86 5.87 -10.70
N MET F 128 47.17 5.51 -11.95
CA MET F 128 48.54 5.14 -12.28
C MET F 128 49.48 6.35 -12.22
N ARG F 129 48.95 7.56 -12.39
CA ARG F 129 49.81 8.74 -12.36
C ARG F 129 50.32 9.04 -10.95
N ILE F 130 49.53 8.70 -9.93
CA ILE F 130 49.88 8.95 -8.54
C ILE F 130 49.94 7.64 -7.73
N ARG F 131 50.34 6.55 -8.38
CA ARG F 131 50.40 5.26 -7.71
C ARG F 131 51.45 5.22 -6.63
N ASP F 132 52.42 6.13 -6.67
CA ASP F 132 53.57 6.04 -5.76
C ASP F 132 53.18 6.35 -4.33
N ASN F 133 52.03 6.99 -4.13
CA ASN F 133 51.59 7.33 -2.77
C ASN F 133 51.27 6.08 -1.96
N TRP F 134 50.66 5.09 -2.58
CA TRP F 134 50.16 3.93 -1.86
C TRP F 134 51.11 2.75 -1.97
N ASN F 135 50.86 1.74 -1.13
CA ASN F 135 51.64 0.50 -1.10
C ASN F 135 53.11 0.75 -0.77
N ARG F 136 53.36 1.68 0.15
CA ARG F 136 54.73 1.98 0.53
C ARG F 136 55.25 0.89 1.46
N PRO F 137 56.31 0.18 1.09
CA PRO F 137 56.79 -0.92 1.95
C PRO F 137 57.56 -0.37 3.14
N ILE F 138 57.14 -0.77 4.34
CA ILE F 138 57.82 -0.39 5.56
C ILE F 138 58.61 -1.60 6.05
N CYS F 139 59.73 -1.35 6.71
CA CYS F 139 60.62 -2.40 7.17
C CYS F 139 60.94 -2.29 8.65
N SER F 140 59.97 -1.84 9.46
CA SER F 140 60.16 -1.72 10.89
C SER F 140 58.81 -1.86 11.58
N VAL F 141 58.83 -1.84 12.91
CA VAL F 141 57.57 -1.91 13.66
C VAL F 141 56.77 -0.65 13.41
N PRO F 142 55.46 -0.73 13.18
CA PRO F 142 54.67 0.47 12.84
C PRO F 142 54.35 1.32 14.06
N GLY F 143 55.38 1.87 14.68
CA GLY F 143 55.23 2.72 15.85
C GLY F 143 54.96 4.15 15.46
N ALA F 144 55.36 5.06 16.36
CA ALA F 144 55.27 6.48 16.06
C ALA F 144 56.22 6.85 14.93
N ARG F 145 57.36 6.18 14.86
CA ARG F 145 58.33 6.36 13.79
C ARG F 145 58.49 5.04 13.04
N VAL F 146 58.34 5.09 11.72
CA VAL F 146 58.42 3.89 10.89
C VAL F 146 59.44 4.13 9.79
N ASP F 147 60.07 3.04 9.37
CA ASP F 147 61.10 3.08 8.33
C ASP F 147 60.51 2.62 7.02
N ILE F 148 60.60 3.47 6.00
CA ILE F 148 60.03 3.20 4.68
C ILE F 148 61.16 2.96 3.70
N MET F 149 61.07 1.86 2.95
CA MET F 149 62.05 1.58 1.91
C MET F 149 61.78 2.50 0.71
N GLU F 150 62.84 3.17 0.24
CA GLU F 150 62.67 4.10 -0.87
C GLU F 150 62.60 3.35 -2.20
N ARG F 151 61.65 3.78 -3.04
CA ARG F 151 61.48 3.21 -4.36
C ARG F 151 61.31 4.34 -5.37
N GLN F 152 61.82 4.12 -6.57
CA GLN F 152 61.78 5.14 -7.62
C GLN F 152 61.37 4.49 -8.94
N SER F 153 60.74 5.27 -9.79
CA SER F 153 60.24 4.81 -11.08
C SER F 153 60.72 5.74 -12.18
N HIS F 154 61.19 5.16 -13.28
CA HIS F 154 61.66 5.93 -14.43
C HIS F 154 60.75 5.79 -15.64
N ASP F 155 59.58 5.19 -15.49
CA ASP F 155 58.60 5.08 -16.57
C ASP F 155 57.21 5.50 -16.10
N TYR F 156 57.17 6.51 -15.23
CA TYR F 156 55.92 7.11 -14.76
C TYR F 156 55.03 6.09 -14.04
N ASN F 157 55.57 5.50 -12.97
CA ASN F 157 54.87 4.67 -11.99
C ASN F 157 54.38 3.33 -12.54
N TRP F 158 54.78 2.93 -13.74
CA TRP F 158 54.35 1.62 -14.23
C TRP F 158 55.15 0.50 -13.59
N SER F 159 56.40 0.77 -13.23
CA SER F 159 57.24 -0.20 -12.54
C SER F 159 58.14 0.53 -11.55
N PHE F 160 58.40 -0.12 -10.42
CA PHE F 160 59.17 0.47 -9.33
C PHE F 160 60.42 -0.34 -9.09
N LYS F 161 61.54 0.34 -8.87
CA LYS F 161 62.82 -0.28 -8.53
C LYS F 161 63.28 0.24 -7.19
N TYR F 162 63.64 -0.67 -6.29
CA TYR F 162 63.91 -0.30 -4.91
C TYR F 162 65.33 0.22 -4.77
N THR F 163 65.47 1.52 -4.56
CA THR F 163 66.76 2.11 -4.26
C THR F 163 67.25 1.62 -2.90
N GLY F 164 68.58 1.46 -2.78
CA GLY F 164 69.15 0.94 -1.55
C GLY F 164 68.91 1.83 -0.34
N ASN F 165 68.61 3.11 -0.58
CA ASN F 165 68.37 4.04 0.52
C ASN F 165 67.13 3.62 1.30
N ILE F 166 67.17 3.80 2.62
CA ILE F 166 66.07 3.48 3.51
C ILE F 166 65.77 4.70 4.34
N ILE F 167 64.59 5.31 4.12
CA ILE F 167 64.19 6.46 4.91
C ILE F 167 63.91 6.02 6.33
N LYS F 168 64.38 6.79 7.30
CA LYS F 168 64.23 6.45 8.71
C LYS F 168 63.60 7.60 9.46
N GLY F 169 62.97 7.27 10.59
CA GLY F 169 62.36 8.29 11.42
C GLY F 169 61.22 9.02 10.77
N VAL F 170 60.34 8.30 10.08
CA VAL F 170 59.17 8.91 9.46
C VAL F 170 58.04 8.93 10.47
N ILE F 171 57.49 10.12 10.74
CA ILE F 171 56.33 10.21 11.61
C ILE F 171 55.18 9.46 10.95
N ASN F 172 54.51 8.62 11.72
CA ASN F 172 53.56 7.66 11.18
C ASN F 172 52.14 8.11 11.53
N MET F 173 51.41 8.53 10.51
CA MET F 173 50.00 8.88 10.66
C MET F 173 49.06 7.94 9.93
N GLY F 174 49.59 6.89 9.28
CA GLY F 174 48.72 6.00 8.54
C GLY F 174 48.41 4.72 9.29
N SER F 175 49.30 4.32 10.20
CA SER F 175 49.08 3.10 10.96
C SER F 175 47.90 3.27 11.91
N TYR F 176 47.24 2.15 12.21
CA TYR F 176 45.98 2.15 12.93
C TYR F 176 46.12 1.93 14.43
N ASN F 177 47.34 1.99 14.98
CA ASN F 177 47.45 1.84 16.42
C ASN F 177 46.91 3.09 17.11
N TYR F 178 46.09 2.89 18.13
CA TYR F 178 45.46 3.99 18.85
C TYR F 178 45.94 4.12 20.29
N LEU F 179 46.42 3.03 20.88
CA LEU F 179 46.98 3.04 22.22
C LEU F 179 48.45 2.67 22.23
N GLY F 180 49.07 2.55 21.06
CA GLY F 180 50.49 2.31 20.96
C GLY F 180 50.93 0.96 21.49
N PHE F 181 50.17 -0.08 21.22
CA PHE F 181 50.54 -1.42 21.63
C PHE F 181 51.39 -2.14 20.60
N ALA F 182 51.64 -1.53 19.45
CA ALA F 182 52.49 -2.11 18.41
C ALA F 182 53.94 -1.79 18.76
N ARG F 183 54.45 -2.48 19.77
CA ARG F 183 55.81 -2.25 20.27
C ARG F 183 56.66 -3.47 20.01
N ASN F 184 57.92 -3.22 19.66
CA ASN F 184 58.85 -4.32 19.43
C ASN F 184 59.12 -5.09 20.71
N THR F 185 59.33 -4.39 21.82
CA THR F 185 59.69 -5.01 23.10
C THR F 185 58.68 -4.62 24.16
N GLY F 186 58.28 -5.58 24.97
CA GLY F 186 57.35 -5.32 26.05
C GLY F 186 56.98 -6.62 26.73
N SER F 187 56.05 -6.51 27.68
CA SER F 187 55.53 -7.71 28.34
C SER F 187 54.70 -8.55 27.37
N CYS F 188 53.93 -7.89 26.50
CA CYS F 188 53.11 -8.60 25.53
C CYS F 188 53.96 -9.43 24.59
N GLN F 189 55.08 -8.88 24.13
CA GLN F 189 55.95 -9.63 23.23
C GLN F 189 56.58 -10.83 23.93
N GLU F 190 56.94 -10.69 25.21
CA GLU F 190 57.51 -11.82 25.94
C GLU F 190 56.49 -12.92 26.14
N ALA F 191 55.26 -12.56 26.51
CA ALA F 191 54.21 -13.57 26.66
C ALA F 191 53.92 -14.25 25.33
N ALA F 192 53.86 -13.47 24.25
CA ALA F 192 53.63 -14.04 22.94
C ALA F 192 54.76 -14.98 22.53
N ALA F 193 56.00 -14.63 22.89
CA ALA F 193 57.12 -15.51 22.58
C ALA F 193 57.02 -16.82 23.33
N LYS F 194 56.64 -16.77 24.62
CA LYS F 194 56.47 -18.00 25.38
C LYS F 194 55.39 -18.88 24.77
N VAL F 195 54.25 -18.29 24.42
CA VAL F 195 53.16 -19.08 23.86
C VAL F 195 53.54 -19.63 22.49
N LEU F 196 54.27 -18.85 21.70
CA LEU F 196 54.75 -19.36 20.42
C LEU F 196 55.70 -20.54 20.62
N GLU F 197 56.58 -20.45 21.62
CA GLU F 197 57.53 -21.52 21.87
C GLU F 197 56.83 -22.81 22.29
N GLU F 198 55.83 -22.71 23.17
CA GLU F 198 55.25 -23.95 23.70
C GLU F 198 54.13 -24.47 22.80
N TYR F 199 53.48 -23.59 22.04
CA TYR F 199 52.34 -24.02 21.23
C TYR F 199 52.71 -24.18 19.77
N GLY F 200 53.41 -23.20 19.19
CA GLY F 200 53.63 -23.16 17.77
C GLY F 200 52.68 -22.20 17.07
N ALA F 201 53.15 -21.65 15.96
CA ALA F 201 52.41 -20.61 15.23
C ALA F 201 51.43 -21.29 14.28
N GLY F 202 50.14 -21.01 14.47
CA GLY F 202 49.12 -21.53 13.59
C GLY F 202 48.64 -22.90 13.98
N VAL F 203 47.32 -23.06 13.95
CA VAL F 203 46.66 -24.34 14.22
C VAL F 203 46.14 -24.87 12.89
N CYS F 204 46.10 -26.20 12.76
CA CYS F 204 45.86 -26.82 11.48
C CYS F 204 44.50 -27.50 11.37
N SER F 205 43.48 -27.00 12.06
CA SER F 205 42.15 -27.58 11.95
C SER F 205 41.10 -26.55 12.32
N THR F 206 39.85 -26.99 12.37
CA THR F 206 38.72 -26.12 12.58
C THR F 206 38.22 -26.24 14.03
N ARG F 207 37.48 -25.23 14.48
CA ARG F 207 37.02 -25.20 15.87
C ARG F 207 36.11 -26.37 16.19
N GLN F 208 35.17 -26.68 15.29
CA GLN F 208 34.26 -27.79 15.55
C GLN F 208 35.01 -29.12 15.63
N GLU F 209 36.00 -29.29 14.77
CA GLU F 209 36.89 -30.45 14.83
C GLU F 209 37.95 -30.24 15.90
N ILE F 210 39.02 -31.03 15.87
CA ILE F 210 40.06 -30.98 16.90
C ILE F 210 40.74 -29.62 17.00
N GLY F 211 40.48 -28.70 16.06
CA GLY F 211 41.25 -27.46 16.04
C GLY F 211 40.94 -26.53 17.19
N ASN F 212 39.85 -26.80 17.92
CA ASN F 212 39.53 -26.00 19.10
C ASN F 212 40.62 -26.15 20.16
N LEU F 213 40.85 -25.08 20.93
CA LEU F 213 41.98 -25.01 21.82
C LEU F 213 41.58 -24.26 23.08
N ASP F 214 42.33 -24.47 24.16
CA ASP F 214 41.97 -23.89 25.44
C ASP F 214 42.19 -22.38 25.45
N LYS F 215 43.25 -21.91 24.77
CA LYS F 215 43.52 -20.47 24.71
C LYS F 215 42.33 -19.71 24.13
N HIS F 216 41.63 -20.32 23.17
CA HIS F 216 40.49 -19.67 22.56
C HIS F 216 39.35 -19.51 23.57
N GLU F 217 39.12 -20.52 24.41
CA GLU F 217 38.11 -20.40 25.46
C GLU F 217 38.50 -19.31 26.45
N GLU F 218 39.77 -19.25 26.83
CA GLU F 218 40.22 -18.21 27.74
C GLU F 218 40.01 -16.83 27.15
N LEU F 219 40.35 -16.66 25.87
CA LEU F 219 40.15 -15.38 25.21
C LEU F 219 38.68 -15.02 25.14
N GLU F 220 37.81 -16.00 24.87
CA GLU F 220 36.39 -15.70 24.78
C GLU F 220 35.83 -15.23 26.11
N GLU F 221 36.20 -15.90 27.21
CA GLU F 221 35.69 -15.46 28.50
C GLU F 221 36.27 -14.09 28.88
N LEU F 222 37.54 -13.84 28.55
CA LEU F 222 38.11 -12.53 28.82
C LEU F 222 37.39 -11.43 28.06
N VAL F 223 37.08 -11.67 26.79
CA VAL F 223 36.35 -10.68 25.99
C VAL F 223 34.96 -10.46 26.57
N ALA F 224 34.30 -11.54 26.99
CA ALA F 224 32.97 -11.41 27.58
C ALA F 224 33.00 -10.55 28.83
N ARG F 225 34.02 -10.72 29.67
CA ARG F 225 34.16 -9.87 30.83
C ARG F 225 34.48 -8.43 30.45
N PHE F 226 35.33 -8.25 29.43
CA PHE F 226 35.75 -6.91 29.02
C PHE F 226 34.57 -6.08 28.54
N LEU F 227 33.78 -6.62 27.61
CA LEU F 227 32.67 -5.85 27.06
C LEU F 227 31.59 -5.60 28.10
N GLY F 228 31.32 -6.58 28.94
CA GLY F 228 30.18 -6.53 29.85
C GLY F 228 28.99 -7.35 29.39
N VAL F 229 29.08 -8.00 28.24
CA VAL F 229 27.99 -8.85 27.75
C VAL F 229 28.16 -10.26 28.32
N GLU F 230 27.10 -11.06 28.18
CA GLU F 230 27.10 -12.40 28.77
C GLU F 230 28.14 -13.30 28.12
N ALA F 231 28.23 -13.28 26.79
CA ALA F 231 29.16 -14.18 26.10
C ALA F 231 29.70 -13.52 24.85
N ALA F 232 30.79 -14.09 24.33
CA ALA F 232 31.41 -13.59 23.12
C ALA F 232 32.17 -14.71 22.43
N MET F 233 32.37 -14.54 21.12
CA MET F 233 33.10 -15.49 20.29
C MET F 233 34.17 -14.76 19.50
N ALA F 234 35.26 -15.45 19.21
CA ALA F 234 36.42 -14.87 18.55
C ALA F 234 36.66 -15.53 17.21
N TYR F 235 37.00 -14.72 16.20
CA TYR F 235 37.29 -15.17 14.85
C TYR F 235 38.65 -14.67 14.41
N GLY F 236 39.16 -15.26 13.33
CA GLY F 236 40.53 -14.98 12.92
C GLY F 236 40.65 -13.82 11.93
N MET F 237 39.54 -13.13 11.66
CA MET F 237 39.52 -12.02 10.74
C MET F 237 38.24 -11.22 10.90
N GLY F 238 38.36 -9.90 11.04
CA GLY F 238 37.18 -9.07 11.20
C GLY F 238 36.31 -9.04 9.95
N PHE F 239 36.95 -8.93 8.78
CA PHE F 239 36.23 -9.10 7.53
C PHE F 239 35.48 -10.42 7.51
N ALA F 240 36.15 -11.49 7.93
CA ALA F 240 35.49 -12.79 8.03
C ALA F 240 34.37 -12.76 9.05
N THR F 241 34.59 -12.09 10.19
CA THR F 241 33.53 -11.94 11.18
C THR F 241 32.25 -11.43 10.55
N ASN F 242 32.32 -10.27 9.90
CA ASN F 242 31.11 -9.69 9.30
C ASN F 242 30.56 -10.60 8.20
N SER F 243 31.39 -10.97 7.23
CA SER F 243 30.91 -11.66 6.04
C SER F 243 30.37 -13.04 6.37
N MET F 244 30.78 -13.60 7.50
CA MET F 244 30.46 -14.97 7.83
C MET F 244 29.47 -15.08 8.98
N ASN F 245 29.15 -13.97 9.63
CA ASN F 245 28.13 -14.00 10.67
C ASN F 245 26.87 -13.24 10.33
N ILE F 246 26.93 -12.23 9.44
CA ILE F 246 25.69 -11.58 9.01
C ILE F 246 24.75 -12.54 8.28
N PRO F 247 25.21 -13.41 7.37
CA PRO F 247 24.25 -14.32 6.72
C PRO F 247 23.56 -15.27 7.66
N ALA F 248 24.13 -15.56 8.83
CA ALA F 248 23.51 -16.50 9.75
C ALA F 248 22.32 -15.87 10.46
N LEU F 249 22.42 -14.59 10.81
CA LEU F 249 21.36 -13.95 11.59
C LEU F 249 20.10 -13.74 10.76
N VAL F 250 20.23 -13.20 9.56
CA VAL F 250 19.08 -12.87 8.73
C VAL F 250 19.13 -13.69 7.45
N GLY F 251 17.95 -13.92 6.87
CA GLY F 251 17.84 -14.67 5.65
C GLY F 251 16.85 -14.04 4.69
N LYS F 252 16.25 -14.83 3.81
CA LYS F 252 15.26 -14.30 2.89
C LYS F 252 13.99 -13.92 3.63
N GLY F 253 13.46 -12.75 3.32
CA GLY F 253 12.27 -12.26 3.98
C GLY F 253 12.49 -11.28 5.10
N CYS F 254 13.74 -10.97 5.43
CA CYS F 254 14.06 -9.98 6.45
C CYS F 254 14.56 -8.71 5.78
N LEU F 255 14.61 -7.62 6.55
CA LEU F 255 15.08 -6.33 6.06
C LEU F 255 16.36 -5.95 6.78
N ILE F 256 17.28 -5.32 6.04
CA ILE F 256 18.54 -4.83 6.59
C ILE F 256 18.64 -3.35 6.28
N LEU F 257 18.60 -2.52 7.30
CA LEU F 257 18.74 -1.08 7.15
C LEU F 257 20.21 -0.71 7.33
N SER F 258 20.89 -0.43 6.22
CA SER F 258 22.32 -0.20 6.22
C SER F 258 22.60 1.29 6.16
N ASP F 259 23.66 1.72 6.84
CA ASP F 259 24.07 3.11 6.79
C ASP F 259 24.63 3.45 5.41
N GLU F 260 24.78 4.74 5.15
CA GLU F 260 25.27 5.21 3.86
C GLU F 260 26.79 5.14 3.74
N LEU F 261 27.51 5.01 4.86
CA LEU F 261 28.97 4.99 4.85
C LEU F 261 29.54 3.70 5.43
N ASN F 262 28.86 2.58 5.23
CA ASN F 262 29.27 1.35 5.88
C ASN F 262 30.49 0.74 5.23
N HIS F 263 31.22 -0.07 6.00
CA HIS F 263 32.41 -0.74 5.52
C HIS F 263 32.04 -1.81 4.49
N ALA F 264 33.04 -2.22 3.69
CA ALA F 264 32.78 -3.20 2.65
C ALA F 264 32.44 -4.56 3.21
N SER F 265 32.96 -4.90 4.40
CA SER F 265 32.63 -6.20 4.99
C SER F 265 31.16 -6.30 5.34
N LEU F 266 30.59 -5.25 5.91
CA LEU F 266 29.17 -5.25 6.25
C LEU F 266 28.31 -5.35 5.00
N VAL F 267 28.67 -4.61 3.96
CA VAL F 267 27.92 -4.66 2.71
C VAL F 267 27.98 -6.04 2.08
N LEU F 268 29.17 -6.64 2.06
CA LEU F 268 29.29 -7.99 1.50
C LEU F 268 28.50 -9.00 2.31
N GLY F 269 28.54 -8.89 3.64
CA GLY F 269 27.77 -9.80 4.47
C GLY F 269 26.29 -9.66 4.23
N ALA F 270 25.82 -8.42 4.09
CA ALA F 270 24.40 -8.20 3.78
C ALA F 270 24.04 -8.77 2.42
N ARG F 271 24.93 -8.63 1.44
CA ARG F 271 24.64 -9.11 0.09
C ARG F 271 24.61 -10.63 0.04
N LEU F 272 25.47 -11.30 0.82
CA LEU F 272 25.49 -12.76 0.80
C LEU F 272 24.19 -13.34 1.34
N SER F 273 23.61 -12.71 2.36
CA SER F 273 22.29 -13.11 2.82
C SER F 273 21.23 -12.61 1.84
N GLY F 274 20.08 -13.27 1.84
CA GLY F 274 19.04 -12.91 0.90
C GLY F 274 18.14 -11.77 1.32
N ALA F 275 18.42 -11.12 2.44
CA ALA F 275 17.54 -10.10 2.96
C ALA F 275 17.55 -8.85 2.07
N THR F 276 16.42 -8.17 2.02
CA THR F 276 16.32 -6.90 1.31
C THR F 276 17.13 -5.83 2.03
N ILE F 277 17.82 -4.99 1.26
CA ILE F 277 18.73 -3.99 1.80
C ILE F 277 18.20 -2.61 1.42
N ARG F 278 18.01 -1.75 2.43
CA ARG F 278 17.64 -0.37 2.23
C ARG F 278 18.67 0.52 2.93
N ILE F 279 19.04 1.62 2.29
CA ILE F 279 20.12 2.47 2.74
C ILE F 279 19.55 3.81 3.17
N PHE F 280 19.89 4.24 4.39
CA PHE F 280 19.47 5.54 4.89
C PHE F 280 20.66 6.49 4.96
N LYS F 281 20.36 7.79 4.98
CA LYS F 281 21.39 8.80 4.92
C LYS F 281 22.25 8.78 6.17
N HIS F 282 23.48 9.25 6.04
CA HIS F 282 24.46 9.14 7.11
C HIS F 282 24.08 10.00 8.29
N ASN F 283 23.73 9.36 9.40
CA ASN F 283 23.40 10.03 10.66
C ASN F 283 22.26 11.03 10.49
N ASN F 284 21.27 10.67 9.69
CA ASN F 284 20.02 11.43 9.59
C ASN F 284 18.95 10.58 10.26
N MET F 285 18.68 10.86 11.53
CA MET F 285 17.69 10.09 12.26
C MET F 285 16.30 10.25 11.67
N GLN F 286 16.04 11.37 10.99
CA GLN F 286 14.78 11.52 10.28
C GLN F 286 14.63 10.46 9.20
N SER F 287 15.70 10.21 8.45
CA SER F 287 15.64 9.19 7.40
C SER F 287 15.50 7.80 7.99
N LEU F 288 16.19 7.52 9.08
CA LEU F 288 16.04 6.22 9.73
C LEU F 288 14.62 6.01 10.21
N GLU F 289 14.01 7.03 10.81
CA GLU F 289 12.61 6.95 11.22
C GLU F 289 11.70 6.71 10.02
N LYS F 290 11.96 7.43 8.92
CA LYS F 290 11.09 7.31 7.76
C LYS F 290 11.14 5.90 7.18
N LEU F 291 12.34 5.36 6.98
CA LEU F 291 12.45 3.99 6.48
C LEU F 291 11.86 2.98 7.44
N LEU F 292 12.07 3.15 8.75
CA LEU F 292 11.50 2.18 9.69
C LEU F 292 9.97 2.21 9.64
N LYS F 293 9.38 3.40 9.64
CA LYS F 293 7.92 3.52 9.59
C LYS F 293 7.37 2.92 8.30
N ASP F 294 7.99 3.24 7.16
CA ASP F 294 7.51 2.71 5.89
C ASP F 294 7.63 1.20 5.85
N ALA F 295 8.74 0.65 6.36
CA ALA F 295 8.92 -0.79 6.36
C ALA F 295 7.87 -1.48 7.21
N ILE F 296 7.55 -0.89 8.37
CA ILE F 296 6.57 -1.53 9.25
C ILE F 296 5.17 -1.45 8.65
N VAL F 297 4.79 -0.30 8.09
CA VAL F 297 3.40 -0.11 7.72
C VAL F 297 3.10 -0.69 6.34
N TYR F 298 4.11 -0.78 5.47
CA TYR F 298 3.88 -1.25 4.10
C TYR F 298 4.15 -2.74 3.91
N GLY F 299 4.94 -3.37 4.76
CA GLY F 299 5.23 -4.78 4.58
C GLY F 299 6.18 -5.03 3.43
N GLN F 300 6.29 -6.31 3.06
CA GLN F 300 7.21 -6.71 2.01
C GLN F 300 6.79 -6.06 0.68
N PRO F 301 7.73 -5.89 -0.25
CA PRO F 301 7.43 -5.04 -1.43
C PRO F 301 6.34 -5.59 -2.33
N ARG F 302 6.46 -6.83 -2.81
CA ARG F 302 5.52 -7.33 -3.80
C ARG F 302 4.21 -7.78 -3.16
N THR F 303 4.28 -8.79 -2.30
CA THR F 303 3.13 -9.23 -1.52
C THR F 303 3.24 -8.63 -0.14
N ARG F 304 2.25 -7.81 0.25
CA ARG F 304 2.41 -6.99 1.43
C ARG F 304 2.26 -7.82 2.70
N ARG F 305 3.07 -8.87 2.82
CA ARG F 305 3.17 -9.61 4.06
C ARG F 305 4.11 -8.87 5.02
N PRO F 306 3.98 -9.11 6.32
CA PRO F 306 4.88 -8.44 7.28
C PRO F 306 6.31 -8.97 7.19
N TRP F 307 7.25 -8.10 7.51
CA TRP F 307 8.65 -8.50 7.56
C TRP F 307 8.88 -9.48 8.70
N LYS F 308 9.79 -10.43 8.49
CA LYS F 308 10.14 -11.35 9.57
C LYS F 308 11.00 -10.67 10.61
N LYS F 309 11.93 -9.82 10.19
CA LYS F 309 12.86 -9.16 11.10
C LYS F 309 13.33 -7.86 10.47
N ILE F 310 13.85 -6.97 11.30
CA ILE F 310 14.48 -5.74 10.86
C ILE F 310 15.81 -5.60 11.59
N LEU F 311 16.90 -5.46 10.83
CA LEU F 311 18.25 -5.39 11.38
C LEU F 311 18.90 -4.11 10.93
N ILE F 312 19.51 -3.38 11.86
CA ILE F 312 20.14 -2.08 11.59
C ILE F 312 21.63 -2.25 11.75
N LEU F 313 22.38 -2.05 10.66
CA LEU F 313 23.83 -2.16 10.67
C LEU F 313 24.43 -0.77 10.83
N VAL F 314 25.09 -0.52 11.96
CA VAL F 314 25.73 0.77 12.18
C VAL F 314 27.14 0.53 12.68
N GLU F 315 27.96 1.58 12.65
CA GLU F 315 29.34 1.53 13.11
C GLU F 315 29.56 2.49 14.25
N GLY F 316 30.60 2.23 15.05
CA GLY F 316 30.94 3.16 16.12
C GLY F 316 31.53 4.45 15.59
N ILE F 317 32.72 4.37 15.01
CA ILE F 317 33.37 5.49 14.36
C ILE F 317 33.54 5.16 12.89
N TYR F 318 33.11 6.04 12.01
CA TYR F 318 33.34 5.89 10.59
C TYR F 318 34.73 6.42 10.27
N SER F 319 35.55 5.59 9.63
CA SER F 319 36.97 5.90 9.51
C SER F 319 37.21 7.12 8.63
N MET F 320 36.61 7.15 7.44
CA MET F 320 36.92 8.21 6.49
C MET F 320 36.22 9.51 6.87
N GLU F 321 34.95 9.44 7.26
CA GLU F 321 34.24 10.65 7.67
C GLU F 321 34.78 11.19 8.98
N GLY F 322 35.05 10.32 9.94
CA GLY F 322 35.46 10.73 11.26
C GLY F 322 34.34 10.93 12.26
N SER F 323 33.09 10.78 11.84
CA SER F 323 31.96 11.05 12.71
C SER F 323 31.65 9.87 13.61
N ILE F 324 30.99 10.15 14.72
CA ILE F 324 30.58 9.14 15.70
C ILE F 324 29.07 8.99 15.59
N VAL F 325 28.60 7.73 15.61
CA VAL F 325 27.19 7.48 15.45
C VAL F 325 26.41 8.05 16.62
N ARG F 326 25.18 8.51 16.35
CA ARG F 326 24.28 9.00 17.39
C ARG F 326 23.58 7.80 18.03
N LEU F 327 24.30 7.16 18.94
CA LEU F 327 23.80 5.91 19.52
C LEU F 327 22.50 6.06 20.30
N PRO F 328 22.32 7.07 21.17
CA PRO F 328 21.04 7.15 21.91
C PRO F 328 19.82 7.22 21.02
N GLU F 329 19.86 7.99 19.94
CA GLU F 329 18.73 8.06 19.03
C GLU F 329 18.45 6.71 18.38
N VAL F 330 19.51 6.00 17.98
CA VAL F 330 19.33 4.71 17.33
C VAL F 330 18.73 3.70 18.30
N ILE F 331 19.19 3.71 19.56
CA ILE F 331 18.63 2.80 20.55
C ILE F 331 17.17 3.13 20.83
N ALA F 332 16.84 4.43 20.92
CA ALA F 332 15.46 4.82 21.13
C ALA F 332 14.57 4.36 20.00
N LEU F 333 15.03 4.54 18.76
CA LEU F 333 14.25 4.09 17.60
C LEU F 333 14.10 2.57 17.58
N LYS F 334 15.17 1.85 17.94
CA LYS F 334 15.11 0.40 18.02
C LYS F 334 14.04 -0.05 19.02
N LYS F 335 14.03 0.58 20.20
CA LYS F 335 13.04 0.20 21.20
C LYS F 335 11.63 0.57 20.75
N LYS F 336 11.47 1.71 20.09
CA LYS F 336 10.13 2.14 19.67
C LYS F 336 9.57 1.25 18.57
N TYR F 337 10.39 0.89 17.58
CA TYR F 337 9.91 0.16 16.42
C TYR F 337 10.25 -1.33 16.46
N LYS F 338 10.85 -1.81 17.54
CA LYS F 338 11.12 -3.24 17.73
C LYS F 338 12.01 -3.81 16.64
N ALA F 339 13.18 -3.20 16.43
CA ALA F 339 14.16 -3.72 15.51
C ALA F 339 15.33 -4.33 16.28
N TYR F 340 16.36 -4.77 15.56
CA TYR F 340 17.56 -5.32 16.15
C TYR F 340 18.76 -4.49 15.70
N LEU F 341 19.78 -4.42 16.54
CA LEU F 341 20.93 -3.55 16.30
C LEU F 341 22.21 -4.36 16.17
N TYR F 342 22.98 -4.06 15.13
CA TYR F 342 24.28 -4.66 14.88
C TYR F 342 25.31 -3.53 14.87
N LEU F 343 26.09 -3.43 15.95
CA LEU F 343 27.01 -2.32 16.16
C LEU F 343 28.43 -2.79 15.87
N ASP F 344 29.08 -2.16 14.90
CA ASP F 344 30.44 -2.48 14.53
C ASP F 344 31.38 -1.50 15.24
N GLU F 345 32.23 -2.04 16.13
CA GLU F 345 33.11 -1.22 16.96
C GLU F 345 34.57 -1.48 16.65
N ALA F 346 34.92 -1.55 15.36
CA ALA F 346 36.31 -1.81 14.99
C ALA F 346 37.22 -0.67 15.46
N HIS F 347 36.77 0.56 15.28
CA HIS F 347 37.64 1.71 15.53
C HIS F 347 37.52 2.20 16.97
N SER F 348 36.32 2.14 17.54
CA SER F 348 36.03 2.79 18.81
C SER F 348 36.21 1.89 20.03
N ILE F 349 36.54 0.61 19.84
CA ILE F 349 36.60 -0.30 20.97
C ILE F 349 37.76 0.03 21.89
N GLY F 350 38.84 0.59 21.33
CA GLY F 350 39.96 0.96 22.17
C GLY F 350 40.12 2.48 22.28
N ALA F 351 39.78 3.20 21.21
CA ALA F 351 40.00 4.63 21.20
C ALA F 351 39.06 5.37 22.13
N LEU F 352 37.77 5.08 22.06
CA LEU F 352 36.75 5.83 22.77
C LEU F 352 36.44 5.22 24.12
N GLY F 353 35.90 6.05 25.01
CA GLY F 353 35.54 5.62 26.35
C GLY F 353 36.55 6.10 27.38
N PRO F 354 36.05 6.52 28.54
CA PRO F 354 36.99 6.90 29.62
C PRO F 354 37.90 5.78 30.05
N THR F 355 37.44 4.53 29.97
CA THR F 355 38.26 3.37 30.24
C THR F 355 38.59 2.59 28.97
N GLY F 356 37.99 2.98 27.85
CA GLY F 356 38.22 2.29 26.60
C GLY F 356 37.34 1.08 26.39
N ARG F 357 36.08 1.17 26.77
CA ARG F 357 35.14 0.06 26.56
C ARG F 357 34.32 0.21 25.29
N GLY F 358 34.49 1.29 24.54
CA GLY F 358 33.82 1.45 23.27
C GLY F 358 32.93 2.67 23.27
N VAL F 359 31.99 2.69 22.33
CA VAL F 359 31.02 3.78 22.24
C VAL F 359 30.00 3.67 23.37
N VAL F 360 29.68 2.45 23.79
CA VAL F 360 28.65 2.27 24.80
C VAL F 360 29.08 2.88 26.13
N GLU F 361 30.37 2.81 26.45
CA GLU F 361 30.85 3.52 27.63
C GLU F 361 30.85 5.03 27.39
N TYR F 362 31.27 5.45 26.19
CA TYR F 362 31.41 6.86 25.88
C TYR F 362 30.09 7.60 26.06
N PHE F 363 29.02 7.07 25.47
CA PHE F 363 27.72 7.71 25.63
C PHE F 363 27.10 7.38 26.98
N GLY F 364 27.52 6.28 27.60
CA GLY F 364 26.98 5.87 28.87
C GLY F 364 25.83 4.89 28.80
N LEU F 365 25.50 4.38 27.62
CA LEU F 365 24.38 3.47 27.47
C LEU F 365 24.69 2.11 28.06
N ASP F 366 23.64 1.33 28.28
CA ASP F 366 23.79 -0.02 28.83
C ASP F 366 24.20 -0.99 27.72
N PRO F 367 25.26 -1.78 27.93
CA PRO F 367 25.72 -2.68 26.87
C PRO F 367 24.69 -3.74 26.47
N GLU F 368 23.69 -3.99 27.31
CA GLU F 368 22.69 -5.01 26.98
C GLU F 368 21.64 -4.50 26.01
N ASP F 369 21.67 -3.21 25.65
CA ASP F 369 20.67 -2.69 24.72
C ASP F 369 20.96 -3.14 23.29
N VAL F 370 22.23 -3.16 22.91
CA VAL F 370 22.62 -3.51 21.55
C VAL F 370 22.60 -5.02 21.40
N ASP F 371 21.96 -5.49 20.32
CA ASP F 371 21.76 -6.93 20.15
C ASP F 371 23.06 -7.65 19.82
N VAL F 372 23.83 -7.14 18.87
CA VAL F 372 25.09 -7.75 18.47
C VAL F 372 26.18 -6.69 18.48
N MET F 373 27.31 -7.00 19.11
CA MET F 373 28.46 -6.10 19.13
C MET F 373 29.62 -6.76 18.41
N MET F 374 29.87 -6.36 17.17
CA MET F 374 31.05 -6.81 16.46
C MET F 374 32.25 -6.00 16.94
N GLY F 375 33.44 -6.49 16.66
CA GLY F 375 34.64 -5.77 17.03
C GLY F 375 35.86 -6.39 16.41
N THR F 376 36.94 -5.63 16.40
CA THR F 376 38.19 -6.04 15.76
C THR F 376 39.35 -5.72 16.68
N PHE F 377 40.29 -6.65 16.79
CA PHE F 377 41.48 -6.43 17.60
C PHE F 377 42.63 -5.81 16.81
N THR F 378 42.47 -5.60 15.52
CA THR F 378 43.59 -5.13 14.71
C THR F 378 43.96 -3.70 15.02
N1 LLP F 379 35.35 -3.53 9.86
C2 LLP F 379 35.69 -2.22 10.11
C2' LLP F 379 34.63 -1.23 10.46
C3 LLP F 379 37.02 -1.83 10.01
O3 LLP F 379 37.35 -0.52 10.25
C4 LLP F 379 38.02 -2.74 9.70
C4' LLP F 379 39.39 -2.45 10.26
C5 LLP F 379 37.65 -4.06 9.46
C6 LLP F 379 36.32 -4.45 9.55
C5' LLP F 379 38.67 -5.12 9.09
OP4 LLP F 379 39.53 -5.46 10.15
P LLP F 379 40.52 -6.70 9.95
OP1 LLP F 379 39.73 -7.92 9.56
OP2 LLP F 379 41.49 -6.36 8.85
OP3 LLP F 379 41.28 -6.97 11.23
N LLP F 379 42.96 -2.83 15.12
CA LLP F 379 43.19 -1.40 15.30
CB LLP F 379 41.86 -0.64 15.20
CG LLP F 379 40.97 -1.08 14.04
CD LLP F 379 41.66 -0.85 12.72
CE LLP F 379 40.68 -0.93 11.55
NZ LLP F 379 39.81 -2.12 11.55
C LLP F 379 43.90 -1.09 16.60
O LLP F 379 45.03 -0.59 16.60
N SER F 380 43.26 -1.38 17.73
CA SER F 380 43.72 -0.89 19.02
C SER F 380 44.67 -1.85 19.73
N PHE F 381 44.33 -3.15 19.76
CA PHE F 381 45.08 -4.08 20.60
C PHE F 381 46.37 -4.55 19.93
N GLY F 382 46.51 -4.30 18.63
CA GLY F 382 47.74 -4.62 17.93
C GLY F 382 47.88 -6.04 17.43
N ALA F 383 46.79 -6.80 17.34
CA ALA F 383 46.84 -8.16 16.80
C ALA F 383 45.62 -8.40 15.93
N SER F 384 45.82 -9.14 14.85
CA SER F 384 44.74 -9.41 13.90
C SER F 384 43.71 -10.36 14.52
N GLY F 385 42.45 -10.12 14.21
CA GLY F 385 41.38 -10.94 14.74
C GLY F 385 40.07 -10.20 14.70
N GLY F 386 39.04 -10.85 15.25
CA GLY F 386 37.73 -10.25 15.35
C GLY F 386 36.92 -10.93 16.43
N TYR F 387 35.78 -10.35 16.76
CA TYR F 387 34.93 -10.94 17.78
C TYR F 387 33.50 -10.45 17.62
N ILE F 388 32.58 -11.21 18.19
CA ILE F 388 31.17 -10.82 18.32
C ILE F 388 30.71 -11.11 19.74
N GLY F 389 30.09 -10.12 20.37
CA GLY F 389 29.60 -10.25 21.73
C GLY F 389 28.09 -10.07 21.80
N GLY F 390 27.48 -10.79 22.72
CA GLY F 390 26.04 -10.73 22.89
C GLY F 390 25.59 -11.70 23.97
N LYS F 391 24.29 -11.98 23.95
CA LYS F 391 23.68 -12.87 24.92
C LYS F 391 24.09 -14.32 24.64
N LYS F 392 23.90 -15.17 25.65
CA LYS F 392 24.39 -16.54 25.55
C LYS F 392 23.65 -17.33 24.48
N GLU F 393 22.36 -17.05 24.30
CA GLU F 393 21.61 -17.75 23.26
C GLU F 393 22.17 -17.43 21.88
N LEU F 394 22.47 -16.15 21.63
CA LEU F 394 23.05 -15.75 20.36
C LEU F 394 24.39 -16.43 20.13
N ILE F 395 25.24 -16.47 21.17
CA ILE F 395 26.57 -17.04 21.01
C ILE F 395 26.49 -18.55 20.78
N ASP F 396 25.56 -19.22 21.46
CA ASP F 396 25.39 -20.65 21.22
C ASP F 396 24.90 -20.90 19.79
N TYR F 397 23.95 -20.09 19.32
CA TYR F 397 23.48 -20.26 17.96
C TYR F 397 24.58 -20.00 16.95
N LEU F 398 25.48 -19.05 17.26
CA LEU F 398 26.59 -18.79 16.35
C LEU F 398 27.59 -19.93 16.37
N ARG F 399 27.96 -20.41 17.56
CA ARG F 399 28.88 -21.54 17.64
C ARG F 399 28.33 -22.75 16.91
N THR F 400 27.02 -22.88 16.83
CA THR F 400 26.44 -24.01 16.12
C THR F 400 26.37 -23.75 14.61
N HIS F 401 25.90 -22.56 14.20
CA HIS F 401 25.69 -22.25 12.79
C HIS F 401 26.48 -20.98 12.44
N SER F 402 27.76 -21.16 12.08
CA SER F 402 28.61 -20.06 11.66
C SER F 402 29.60 -20.57 10.65
N HIS F 403 29.79 -19.82 9.56
CA HIS F 403 30.60 -20.31 8.45
C HIS F 403 32.04 -20.51 8.87
N SER F 404 32.61 -19.55 9.60
CA SER F 404 34.00 -19.65 10.00
C SER F 404 34.18 -20.61 11.17
N ALA F 405 33.11 -20.84 11.94
CA ALA F 405 33.19 -21.81 13.02
C ALA F 405 33.34 -23.21 12.47
N VAL F 406 32.76 -23.47 11.30
CA VAL F 406 32.70 -24.81 10.76
C VAL F 406 33.74 -25.07 9.68
N TYR F 407 34.09 -24.06 8.88
CA TYR F 407 34.84 -24.29 7.65
C TYR F 407 36.21 -23.62 7.63
N ALA F 408 36.55 -22.81 8.64
CA ALA F 408 37.75 -22.01 8.58
C ALA F 408 38.61 -22.22 9.82
N THR F 409 39.91 -22.05 9.63
CA THR F 409 40.87 -22.22 10.71
C THR F 409 40.71 -21.14 11.77
N SER F 410 40.92 -21.53 13.03
CA SER F 410 40.79 -20.61 14.15
C SER F 410 42.04 -19.73 14.29
N LEU F 411 42.05 -18.92 15.34
CA LEU F 411 43.13 -17.97 15.56
C LEU F 411 44.44 -18.66 15.88
N SER F 412 45.54 -17.95 15.66
CA SER F 412 46.85 -18.46 16.00
C SER F 412 47.14 -18.24 17.48
N PRO F 413 47.83 -19.17 18.15
CA PRO F 413 48.02 -19.06 19.61
C PRO F 413 48.81 -17.82 20.02
N PRO F 414 49.92 -17.48 19.36
CA PRO F 414 50.62 -16.25 19.78
C PRO F 414 49.76 -15.01 19.69
N VAL F 415 48.90 -14.93 18.68
CA VAL F 415 48.04 -13.77 18.53
C VAL F 415 47.05 -13.67 19.68
N VAL F 416 46.43 -14.79 20.05
CA VAL F 416 45.48 -14.75 21.15
C VAL F 416 46.18 -14.42 22.46
N GLU F 417 47.42 -14.91 22.62
CA GLU F 417 48.17 -14.56 23.82
C GLU F 417 48.44 -13.06 23.89
N GLN F 418 48.84 -12.47 22.78
CA GLN F 418 49.16 -11.05 22.81
C GLN F 418 47.89 -10.22 23.03
N ILE F 419 46.76 -10.66 22.46
CA ILE F 419 45.49 -9.99 22.72
C ILE F 419 45.14 -10.08 24.19
N ILE F 420 45.31 -11.24 24.80
CA ILE F 420 44.99 -11.40 26.22
C ILE F 420 45.85 -10.47 27.05
N THR F 421 47.14 -10.40 26.74
CA THR F 421 48.04 -9.54 27.50
C THR F 421 47.66 -8.07 27.36
N SER F 422 47.36 -7.63 26.14
CA SER F 422 46.99 -6.23 25.94
C SER F 422 45.68 -5.89 26.62
N MET F 423 44.70 -6.80 26.55
CA MET F 423 43.41 -6.52 27.18
C MET F 423 43.53 -6.51 28.69
N LYS F 424 44.36 -7.37 29.25
CA LYS F 424 44.61 -7.33 30.70
C LYS F 424 45.32 -6.04 31.08
N CYS F 425 46.22 -5.56 30.23
CA CYS F 425 46.89 -4.29 30.50
C CYS F 425 45.90 -3.13 30.50
N ILE F 426 44.96 -3.13 29.56
CA ILE F 426 43.95 -2.08 29.51
C ILE F 426 43.03 -2.15 30.71
N MET F 427 42.56 -3.37 31.05
CA MET F 427 41.61 -3.50 32.16
C MET F 427 42.24 -3.11 33.48
N GLY F 428 43.50 -3.45 33.70
CA GLY F 428 44.17 -3.12 34.94
C GLY F 428 44.49 -4.33 35.79
N GLN F 429 44.53 -5.51 35.17
CA GLN F 429 44.89 -6.73 35.88
C GLN F 429 46.38 -6.83 36.13
N ASP F 430 47.20 -6.06 35.41
CA ASP F 430 48.64 -6.08 35.64
C ASP F 430 49.02 -5.34 36.91
N GLY F 431 48.19 -4.37 37.32
CA GLY F 431 48.48 -3.55 38.46
C GLY F 431 49.21 -2.25 38.15
N THR F 432 49.77 -2.13 36.95
CA THR F 432 50.46 -0.92 36.54
C THR F 432 49.46 0.17 36.20
N SER F 433 49.89 1.43 36.39
CA SER F 433 49.04 2.56 36.03
C SER F 433 48.78 2.65 34.54
N LEU F 434 49.53 1.90 33.73
CA LEU F 434 49.32 1.88 32.30
C LEU F 434 47.90 1.47 31.96
N GLY F 435 47.49 1.71 30.71
CA GLY F 435 46.13 1.45 30.32
C GLY F 435 45.24 2.67 30.45
N LYS F 436 45.24 3.27 31.64
CA LYS F 436 44.56 4.55 31.82
C LYS F 436 45.40 5.68 31.25
N GLU F 437 46.73 5.58 31.38
CA GLU F 437 47.63 6.59 30.83
C GLU F 437 47.48 6.68 29.33
N CYS F 438 47.38 5.53 28.65
CA CYS F 438 47.25 5.54 27.19
C CYS F 438 45.95 6.23 26.77
N VAL F 439 44.85 5.97 27.47
CA VAL F 439 43.58 6.58 27.10
C VAL F 439 43.63 8.09 27.32
N GLN F 440 44.17 8.53 28.46
CA GLN F 440 44.27 9.96 28.69
C GLN F 440 45.16 10.64 27.65
N GLN F 441 46.31 10.02 27.33
CA GLN F 441 47.22 10.61 26.37
C GLN F 441 46.59 10.68 24.98
N LEU F 442 45.86 9.63 24.59
CA LEU F 442 45.19 9.65 23.30
C LEU F 442 44.14 10.77 23.24
N ALA F 443 43.36 10.92 24.31
CA ALA F 443 42.35 11.99 24.31
C ALA F 443 43.00 13.36 24.23
N GLU F 444 44.07 13.58 25.00
CA GLU F 444 44.75 14.87 24.96
C GLU F 444 45.31 15.16 23.58
N ASN F 445 45.95 14.15 22.97
CA ASN F 445 46.52 14.34 21.63
C ASN F 445 45.44 14.67 20.61
N THR F 446 44.30 13.96 20.68
CA THR F 446 43.21 14.23 19.74
C THR F 446 42.73 15.66 19.87
N ARG F 447 42.45 16.11 21.10
CA ARG F 447 41.94 17.46 21.29
C ARG F 447 42.94 18.50 20.81
N TYR F 448 44.22 18.33 21.17
CA TYR F 448 45.24 19.30 20.78
C TYR F 448 45.40 19.37 19.27
N PHE F 449 45.50 18.22 18.62
CA PHE F 449 45.71 18.19 17.17
C PHE F 449 44.52 18.81 16.43
N ARG F 450 43.30 18.46 16.83
CA ARG F 450 42.15 19.02 16.13
C ARG F 450 42.04 20.52 16.35
N ARG F 451 42.30 21.00 17.58
CA ARG F 451 42.23 22.44 17.83
C ARG F 451 43.28 23.19 17.01
N ARG F 452 44.51 22.69 16.98
CA ARG F 452 45.55 23.39 16.22
C ARG F 452 45.26 23.38 14.73
N LEU F 453 44.79 22.24 14.20
CA LEU F 453 44.48 22.19 12.77
C LEU F 453 43.34 23.13 12.41
N LYS F 454 42.31 23.21 13.26
CA LYS F 454 41.17 24.07 12.94
C LYS F 454 41.53 25.55 13.07
N GLU F 455 42.38 25.90 14.04
CA GLU F 455 42.71 27.31 14.22
C GLU F 455 43.66 27.81 13.12
N MET F 456 44.42 26.90 12.51
CA MET F 456 45.33 27.28 11.44
C MET F 456 44.61 27.76 10.20
N GLY F 457 43.43 27.23 9.91
CA GLY F 457 42.66 27.60 8.75
C GLY F 457 42.28 26.46 7.83
N PHE F 458 42.42 25.22 8.27
CA PHE F 458 42.10 24.07 7.44
C PHE F 458 40.64 23.65 7.63
N ILE F 459 40.19 22.74 6.78
CA ILE F 459 38.86 22.15 6.92
C ILE F 459 39.03 20.74 7.50
N ILE F 460 38.34 20.47 8.60
CA ILE F 460 38.41 19.20 9.29
C ILE F 460 36.99 18.64 9.42
N TYR F 461 36.85 17.34 9.23
CA TYR F 461 35.57 16.64 9.35
C TYR F 461 35.47 15.93 10.69
N GLY F 462 34.25 15.51 11.01
CA GLY F 462 34.02 14.55 12.08
C GLY F 462 33.83 15.18 13.44
N ASN F 463 33.51 14.31 14.40
CA ASN F 463 33.33 14.71 15.78
C ASN F 463 34.66 15.14 16.39
N GLU F 464 34.58 15.87 17.51
CA GLU F 464 35.79 16.41 18.11
C GLU F 464 36.48 15.37 18.99
N ASP F 465 35.83 14.24 19.25
CA ASP F 465 36.43 13.22 20.11
C ASP F 465 37.14 12.15 19.30
N SER F 466 36.75 11.98 18.04
CA SER F 466 37.31 10.91 17.23
C SER F 466 38.78 11.17 16.95
N PRO F 467 39.65 10.18 17.13
CA PRO F 467 41.08 10.37 16.86
C PRO F 467 41.46 10.28 15.39
N VAL F 468 40.51 10.40 14.48
CA VAL F 468 40.75 10.35 13.03
C VAL F 468 40.46 11.73 12.47
N VAL F 469 41.47 12.34 11.85
CA VAL F 469 41.41 13.71 11.38
C VAL F 469 41.42 13.69 9.85
N PRO F 470 40.26 13.82 9.19
CA PRO F 470 40.24 13.85 7.72
C PRO F 470 40.36 15.22 7.11
N LEU F 471 41.58 15.74 6.98
CA LEU F 471 41.81 16.99 6.27
C LEU F 471 41.27 16.90 4.84
N MET F 472 40.87 18.04 4.28
CA MET F 472 40.31 18.10 2.93
C MET F 472 41.26 18.81 1.97
N LEU F 473 41.42 18.23 0.78
CA LEU F 473 42.26 18.80 -0.27
C LEU F 473 41.43 19.33 -1.44
N TYR F 474 40.41 18.58 -1.86
CA TYR F 474 39.37 18.92 -2.82
C TYR F 474 39.80 18.86 -4.28
N MET F 475 41.06 18.58 -4.60
CA MET F 475 41.45 18.60 -6.00
C MET F 475 42.28 17.37 -6.35
N PRO F 476 42.17 16.88 -7.59
CA PRO F 476 42.91 15.66 -7.95
C PRO F 476 44.42 15.82 -7.92
N ALA F 477 44.96 16.92 -8.44
CA ALA F 477 46.40 17.11 -8.44
C ALA F 477 46.94 17.31 -7.03
N LYS F 478 46.16 17.97 -6.19
CA LYS F 478 46.62 18.24 -4.83
C LYS F 478 46.75 16.97 -4.01
N ILE F 479 46.07 15.89 -4.41
CA ILE F 479 46.23 14.60 -3.73
C ILE F 479 47.68 14.13 -3.84
N GLY F 480 48.16 13.96 -5.07
CA GLY F 480 49.54 13.55 -5.26
C GLY F 480 50.53 14.57 -4.72
N ALA F 481 50.22 15.86 -4.92
CA ALA F 481 51.13 16.89 -4.41
C ALA F 481 51.28 16.80 -2.90
N PHE F 482 50.17 16.68 -2.16
CA PHE F 482 50.24 16.61 -0.71
C PHE F 482 50.94 15.34 -0.26
N GLY F 483 50.65 14.21 -0.89
CA GLY F 483 51.33 12.98 -0.51
C GLY F 483 52.84 13.08 -0.66
N ARG F 484 53.29 13.59 -1.81
CA ARG F 484 54.73 13.69 -2.04
C ARG F 484 55.38 14.71 -1.13
N GLU F 485 54.72 15.85 -0.90
CA GLU F 485 55.30 16.88 -0.03
C GLU F 485 55.41 16.39 1.40
N MET F 486 54.37 15.70 1.90
CA MET F 486 54.43 15.12 3.24
C MET F 486 55.54 14.10 3.35
N LEU F 487 55.68 13.21 2.37
CA LEU F 487 56.75 12.22 2.46
C LEU F 487 58.13 12.87 2.40
N LYS F 488 58.28 13.93 1.60
CA LYS F 488 59.57 14.59 1.50
C LYS F 488 59.99 15.21 2.83
N ARG F 489 59.03 15.60 3.66
CA ARG F 489 59.30 16.21 4.95
C ARG F 489 59.27 15.22 6.11
N ASN F 490 59.29 13.92 5.82
CA ASN F 490 59.31 12.86 6.82
C ASN F 490 58.01 12.76 7.62
N ILE F 491 56.88 12.85 6.93
CA ILE F 491 55.57 12.51 7.50
C ILE F 491 54.84 11.62 6.50
N GLY F 492 54.23 10.54 7.00
CA GLY F 492 53.45 9.64 6.18
C GLY F 492 51.97 9.83 6.44
N VAL F 493 51.20 9.96 5.36
CA VAL F 493 49.76 10.17 5.44
C VAL F 493 49.06 9.28 4.42
N VAL F 494 47.73 9.28 4.48
CA VAL F 494 46.90 8.44 3.63
C VAL F 494 45.92 9.33 2.89
N VAL F 495 46.01 9.37 1.56
CA VAL F 495 45.16 10.22 0.74
C VAL F 495 44.16 9.36 -0.01
N VAL F 496 42.97 9.91 -0.27
CA VAL F 496 41.88 9.17 -0.91
C VAL F 496 41.29 10.02 -2.02
N GLY F 497 40.90 9.35 -3.11
CA GLY F 497 40.55 10.03 -4.35
C GLY F 497 39.09 9.86 -4.75
N PHE F 498 38.86 9.87 -6.08
CA PHE F 498 37.50 9.92 -6.61
C PHE F 498 36.73 8.61 -6.57
N PRO F 499 37.23 7.49 -7.11
CA PRO F 499 36.35 6.30 -7.16
C PRO F 499 35.89 5.88 -5.78
N ALA F 500 36.60 6.31 -4.73
CA ALA F 500 36.18 6.02 -3.37
C ALA F 500 35.21 7.06 -2.83
N THR F 501 35.63 8.32 -2.79
CA THR F 501 34.90 9.42 -2.18
C THR F 501 34.04 10.14 -3.20
N PRO F 502 33.03 10.91 -2.76
CA PRO F 502 32.32 11.78 -3.69
C PRO F 502 33.29 12.71 -4.41
N ILE F 503 32.88 13.13 -5.62
CA ILE F 503 33.83 13.77 -6.54
C ILE F 503 34.42 15.04 -5.95
N ILE F 504 33.58 15.86 -5.31
CA ILE F 504 34.05 17.14 -4.80
C ILE F 504 34.96 16.95 -3.60
N GLU F 505 34.71 15.92 -2.79
CA GLU F 505 35.40 15.75 -1.52
C GLU F 505 36.51 14.72 -1.65
N SER F 506 37.76 15.19 -1.63
CA SER F 506 38.95 14.34 -1.58
C SER F 506 39.72 14.71 -0.32
N ARG F 507 40.21 13.71 0.39
CA ARG F 507 40.70 13.93 1.74
C ARG F 507 42.05 13.26 1.98
N ALA F 508 42.72 13.72 3.02
CA ALA F 508 43.92 13.11 3.57
C ALA F 508 43.70 12.89 5.06
N ARG F 509 43.90 11.66 5.51
CA ARG F 509 43.47 11.23 6.83
C ARG F 509 44.66 11.00 7.74
N PHE F 510 44.61 11.56 8.94
CA PHE F 510 45.61 11.34 9.97
C PHE F 510 45.00 10.49 11.07
N CYS F 511 45.68 9.41 11.46
CA CYS F 511 45.25 8.57 12.56
C CYS F 511 46.16 8.84 13.75
N LEU F 512 45.63 9.53 14.75
CA LEU F 512 46.41 9.85 15.94
C LEU F 512 46.62 8.62 16.80
N SER F 513 47.48 8.75 17.81
CA SER F 513 47.89 7.64 18.63
C SER F 513 48.35 8.14 19.98
N ALA F 514 48.46 7.21 20.94
CA ALA F 514 49.03 7.56 22.23
C ALA F 514 50.55 7.43 22.22
N ALA F 515 51.13 6.89 21.15
CA ALA F 515 52.58 6.84 21.04
C ALA F 515 53.15 8.20 20.65
N HIS F 516 52.36 9.02 19.99
CA HIS F 516 52.80 10.35 19.61
C HIS F 516 52.89 11.25 20.83
N THR F 517 53.99 11.99 20.93
CA THR F 517 54.22 12.94 22.00
C THR F 517 53.93 14.36 21.52
N LYS F 518 54.15 15.33 22.41
CA LYS F 518 53.89 16.72 22.04
C LYS F 518 54.92 17.24 21.05
N GLU F 519 56.17 16.79 21.15
CA GLU F 519 57.19 17.21 20.20
C GLU F 519 56.86 16.70 18.80
N ILE F 520 56.43 15.45 18.69
CA ILE F 520 56.08 14.89 17.39
C ILE F 520 54.90 15.62 16.78
N LEU F 521 53.88 15.90 17.60
CA LEU F 521 52.72 16.63 17.11
C LEU F 521 53.09 18.05 16.69
N ASP F 522 53.98 18.71 17.45
CA ASP F 522 54.43 20.04 17.06
C ASP F 522 55.15 20.02 15.72
N THR F 523 56.06 19.06 15.54
CA THR F 523 56.77 18.96 14.27
C THR F 523 55.81 18.69 13.11
N ALA F 524 54.88 17.76 13.30
CA ALA F 524 53.93 17.45 12.24
C ALA F 524 53.06 18.65 11.91
N LEU F 525 52.64 19.40 12.94
CA LEU F 525 51.82 20.58 12.69
C LEU F 525 52.59 21.65 11.94
N LYS F 526 53.86 21.85 12.28
CA LYS F 526 54.66 22.83 11.55
C LYS F 526 54.81 22.45 10.09
N GLU F 527 55.12 21.18 9.82
CA GLU F 527 55.27 20.76 8.42
C GLU F 527 53.95 20.87 7.68
N ILE F 528 52.84 20.50 8.32
CA ILE F 528 51.53 20.58 7.69
C ILE F 528 51.19 22.03 7.39
N ASP F 529 51.54 22.95 8.29
CA ASP F 529 51.30 24.37 8.04
C ASP F 529 52.09 24.85 6.83
N GLU F 530 53.37 24.46 6.75
CA GLU F 530 54.18 24.87 5.61
C GLU F 530 53.59 24.38 4.29
N VAL F 531 53.20 23.09 4.25
CA VAL F 531 52.68 22.54 3.01
C VAL F 531 51.32 23.12 2.67
N GLY F 532 50.46 23.30 3.68
CA GLY F 532 49.16 23.89 3.43
C GLY F 532 49.25 25.32 2.93
N ASP F 533 50.28 26.05 3.36
CA ASP F 533 50.56 27.34 2.75
C ASP F 533 51.08 27.17 1.32
N LEU F 534 51.87 26.13 1.07
CA LEU F 534 52.44 25.93 -0.25
C LEU F 534 51.36 25.57 -1.27
N LEU F 535 50.39 24.75 -0.88
CA LEU F 535 49.35 24.27 -1.79
C LEU F 535 48.03 25.02 -1.62
N GLN F 536 47.97 26.01 -0.74
CA GLN F 536 46.77 26.82 -0.52
C GLN F 536 45.58 25.95 -0.14
N LEU F 537 45.78 25.12 0.87
CA LEU F 537 44.77 24.17 1.33
C LEU F 537 43.86 24.76 2.41
N LYS F 538 44.04 26.02 2.78
CA LYS F 538 43.29 26.62 3.88
C LYS F 538 42.00 27.23 3.32
N TYR F 539 41.01 26.38 3.06
CA TYR F 539 39.74 26.80 2.49
C TYR F 539 38.75 27.29 3.55
N SER F 540 39.12 27.27 4.82
CA SER F 540 38.16 27.54 5.88
C SER F 540 37.76 29.01 5.89
N ARG F 541 36.46 29.26 5.89
CA ARG F 541 35.95 30.64 5.90
C ARG F 541 36.10 31.28 7.27
N HIS F 542 35.73 30.56 8.33
CA HIS F 542 35.67 31.17 9.65
C HIS F 542 37.06 31.52 10.18
N ARG F 543 38.02 30.62 10.03
CA ARG F 543 39.37 30.85 10.52
C ARG F 543 40.37 30.65 9.39
N LEU F 544 41.35 31.55 9.31
CA LEU F 544 42.37 31.47 8.28
C LEU F 544 43.58 32.33 8.64
N ARG G 8 62.91 38.12 -6.93
CA ARG G 8 61.68 38.41 -6.18
C ARG G 8 60.45 38.18 -7.05
N ALA G 9 60.35 38.94 -8.14
CA ALA G 9 59.23 38.76 -9.06
C ALA G 9 59.29 37.40 -9.75
N TRP G 10 60.49 36.93 -10.06
CA TRP G 10 60.63 35.62 -10.70
C TRP G 10 60.11 34.51 -9.80
N LYS G 11 60.38 34.59 -8.49
CA LYS G 11 59.84 33.62 -7.55
C LYS G 11 58.32 33.65 -7.55
N GLN G 12 57.74 34.85 -7.61
CA GLN G 12 56.28 34.97 -7.64
C GLN G 12 55.72 34.32 -8.90
N MET G 13 56.36 34.55 -10.04
CA MET G 13 55.89 33.95 -11.29
C MET G 13 56.02 32.44 -11.27
N SER G 14 57.13 31.93 -10.72
CA SER G 14 57.30 30.48 -10.62
C SER G 14 56.24 29.86 -9.72
N TRP G 15 55.94 30.51 -8.59
CA TRP G 15 54.90 30.00 -7.70
C TRP G 15 53.53 30.05 -8.38
N PHE G 16 53.25 31.11 -9.13
CA PHE G 16 51.99 31.18 -9.86
C PHE G 16 51.89 30.09 -10.90
N TYR G 17 53.00 29.78 -11.58
CA TYR G 17 53.00 28.67 -12.51
C TYR G 17 52.73 27.35 -11.80
N TYR G 18 53.31 27.17 -10.61
CA TYR G 18 53.05 25.96 -9.84
C TYR G 18 51.56 25.85 -9.48
N GLN G 19 50.96 26.97 -9.06
CA GLN G 19 49.53 26.95 -8.73
C GLN G 19 48.66 26.69 -9.95
N TYR G 20 49.06 27.24 -11.10
CA TYR G 20 48.34 26.95 -12.34
C TYR G 20 48.42 25.47 -12.69
N LEU G 21 49.59 24.87 -12.51
CA LEU G 21 49.74 23.43 -12.71
C LEU G 21 48.79 22.65 -11.79
N LEU G 22 48.77 23.00 -10.51
CA LEU G 22 47.94 22.27 -9.57
C LEU G 22 46.45 22.41 -9.90
N VAL G 23 46.01 23.62 -10.26
CA VAL G 23 44.59 23.84 -10.50
C VAL G 23 44.15 23.16 -11.80
N THR G 24 44.93 23.29 -12.86
CA THR G 24 44.55 22.71 -14.15
C THR G 24 44.87 21.22 -14.25
N ALA G 25 45.32 20.60 -13.17
CA ALA G 25 45.68 19.18 -13.12
C ALA G 25 46.85 18.84 -14.02
N LEU G 26 47.58 19.85 -14.52
CA LEU G 26 48.73 19.58 -15.38
C LEU G 26 49.88 18.99 -14.59
N TYR G 27 49.78 18.95 -13.26
CA TYR G 27 50.88 18.46 -12.44
C TYR G 27 51.15 17.00 -12.72
N MET G 28 50.10 16.19 -12.89
CA MET G 28 50.29 14.76 -13.04
C MET G 28 50.56 14.37 -14.49
N LEU G 29 50.29 15.26 -15.43
CA LEU G 29 50.46 14.93 -16.84
C LEU G 29 51.93 14.93 -17.23
N GLU G 30 52.25 14.16 -18.27
CA GLU G 30 53.60 14.05 -18.78
C GLU G 30 54.00 15.34 -19.48
N PRO G 31 55.31 15.57 -19.66
CA PRO G 31 55.74 16.85 -20.26
C PRO G 31 55.13 17.16 -21.61
N TRP G 32 54.99 16.17 -22.49
CA TRP G 32 54.46 16.47 -23.81
C TRP G 32 52.96 16.77 -23.76
N GLU G 33 52.25 16.16 -22.82
CA GLU G 33 50.85 16.53 -22.60
C GLU G 33 50.73 17.96 -22.10
N ARG G 34 51.63 18.37 -21.21
CA ARG G 34 51.68 19.77 -20.79
C ARG G 34 51.94 20.69 -21.98
N THR G 35 52.86 20.30 -22.86
CA THR G 35 53.15 21.12 -24.03
C THR G 35 51.92 21.25 -24.93
N VAL G 36 51.21 20.15 -25.15
CA VAL G 36 50.01 20.20 -25.99
C VAL G 36 48.98 21.15 -25.39
N PHE G 37 48.74 21.03 -24.09
CA PHE G 37 47.73 21.88 -23.45
C PHE G 37 48.16 23.36 -23.51
N ASN G 38 49.44 23.63 -23.24
CA ASN G 38 49.92 25.01 -23.26
C ASN G 38 49.78 25.61 -24.65
N SER G 39 50.16 24.85 -25.69
CA SER G 39 50.07 25.36 -27.05
C SER G 39 48.62 25.66 -27.41
N MET G 40 47.70 24.74 -27.08
CA MET G 40 46.30 24.97 -27.39
C MET G 40 45.76 26.21 -26.70
N LEU G 41 46.09 26.38 -25.41
CA LEU G 41 45.58 27.52 -24.66
C LEU G 41 46.12 28.83 -25.20
N VAL G 42 47.43 28.88 -25.48
CA VAL G 42 48.03 30.11 -25.98
C VAL G 42 47.46 30.46 -27.35
N SER G 43 47.29 29.46 -28.21
CA SER G 43 46.71 29.72 -29.52
C SER G 43 45.30 30.27 -29.41
N ILE G 44 44.48 29.69 -28.54
CA ILE G 44 43.12 30.16 -28.37
C ILE G 44 43.10 31.60 -27.87
N VAL G 45 43.93 31.90 -26.86
CA VAL G 45 43.94 33.25 -26.31
C VAL G 45 44.40 34.27 -27.36
N GLY G 46 45.46 33.95 -28.09
CA GLY G 46 45.96 34.87 -29.09
C GLY G 46 44.97 35.13 -30.21
N MET G 47 44.33 34.07 -30.71
CA MET G 47 43.35 34.23 -31.77
C MET G 47 42.13 35.00 -31.29
N ALA G 48 41.70 34.77 -30.03
CA ALA G 48 40.60 35.53 -29.48
C ALA G 48 40.95 37.01 -29.39
N LEU G 49 42.16 37.33 -28.94
CA LEU G 49 42.58 38.73 -28.88
C LEU G 49 42.64 39.35 -30.27
N TYR G 50 43.11 38.59 -31.26
CA TYR G 50 43.15 39.08 -32.64
C TYR G 50 41.75 39.45 -33.11
N THR G 51 40.78 38.55 -32.95
CA THR G 51 39.42 38.85 -33.39
C THR G 51 38.82 40.00 -32.60
N GLY G 52 39.07 40.06 -31.29
CA GLY G 52 38.55 41.17 -30.50
C GLY G 52 39.10 42.50 -30.95
N TYR G 53 40.37 42.52 -31.38
CA TYR G 53 40.97 43.74 -31.90
C TYR G 53 40.37 44.13 -33.24
N VAL G 54 40.28 43.18 -34.17
CA VAL G 54 39.97 43.53 -35.56
C VAL G 54 38.52 44.02 -35.69
N PHE G 55 37.58 43.35 -35.04
CA PHE G 55 36.16 43.72 -35.18
C PHE G 55 35.70 44.64 -34.06
N MET G 56 35.79 44.20 -32.81
CA MET G 56 35.30 45.02 -31.71
C MET G 56 36.16 46.28 -31.56
N PRO G 57 35.57 47.41 -31.18
CA PRO G 57 36.37 48.63 -31.04
C PRO G 57 37.38 48.51 -29.91
N GLN G 58 38.47 49.25 -30.02
CA GLN G 58 39.54 49.25 -29.03
C GLN G 58 39.42 50.43 -28.07
N HIS G 59 38.20 50.88 -27.80
CA HIS G 59 38.01 51.98 -26.85
C HIS G 59 38.37 51.56 -25.43
N ILE G 60 38.03 50.33 -25.05
CA ILE G 60 38.38 49.84 -23.72
C ILE G 60 39.89 49.71 -23.58
N MET G 61 40.56 49.24 -24.65
CA MET G 61 42.01 49.15 -24.62
C MET G 61 42.66 50.52 -24.48
N ALA G 62 42.10 51.53 -25.16
CA ALA G 62 42.62 52.89 -25.01
C ALA G 62 42.44 53.39 -23.58
N ILE G 63 41.28 53.10 -22.97
CA ILE G 63 41.05 53.51 -21.59
C ILE G 63 42.04 52.82 -20.66
N LEU G 64 42.29 51.54 -20.88
CA LEU G 64 43.26 50.81 -20.06
C LEU G 64 44.67 51.39 -20.22
N HIS G 65 45.05 51.73 -21.45
CA HIS G 65 46.35 52.34 -21.68
C HIS G 65 46.47 53.69 -21.00
N TYR G 66 45.40 54.49 -21.05
CA TYR G 66 45.41 55.78 -20.38
C TYR G 66 45.51 55.61 -18.86
N PHE G 67 44.83 54.61 -18.32
CA PHE G 67 44.94 54.33 -16.88
C PHE G 67 46.34 53.89 -16.52
N GLU G 68 46.98 53.08 -17.37
CA GLU G 68 48.35 52.67 -17.13
C GLU G 68 49.30 53.85 -17.19
N ILE G 69 49.04 54.79 -18.11
CA ILE G 69 49.86 55.98 -18.24
C ILE G 69 49.71 56.88 -17.03
N MET H 1 41.45 5.18 -6.27
CA MET H 1 41.16 4.29 -5.15
C MET H 1 40.01 3.32 -5.41
N ASN H 2 39.84 2.39 -4.48
CA ASN H 2 38.83 1.34 -4.62
C ASN H 2 37.45 1.88 -4.29
N VAL H 3 36.46 1.46 -5.07
CA VAL H 3 35.08 1.85 -4.80
C VAL H 3 34.62 1.22 -3.49
N GLY H 4 33.96 2.02 -2.67
CA GLY H 4 33.51 1.57 -1.37
C GLY H 4 34.43 1.88 -0.22
N THR H 5 35.58 2.53 -0.48
CA THR H 5 36.51 2.85 0.59
C THR H 5 35.91 3.85 1.57
N ALA H 6 35.23 4.87 1.05
CA ALA H 6 34.72 5.96 1.87
C ALA H 6 33.24 6.21 1.68
N HIS H 7 32.50 5.28 1.07
CA HIS H 7 31.07 5.43 0.90
C HIS H 7 30.50 4.08 0.52
N SER H 8 29.19 3.91 0.70
CA SER H 8 28.55 2.62 0.44
C SER H 8 27.96 2.51 -0.96
N GLU H 9 28.15 3.53 -1.80
CA GLU H 9 27.54 3.54 -3.13
C GLU H 9 28.22 2.51 -4.02
N VAL H 10 27.44 1.57 -4.55
CA VAL H 10 27.99 0.57 -5.46
C VAL H 10 28.32 1.21 -6.80
N ASN H 11 27.55 2.23 -7.20
CA ASN H 11 27.76 2.92 -8.47
C ASN H 11 27.85 4.42 -8.23
N PRO H 12 29.05 4.96 -7.96
CA PRO H 12 29.16 6.41 -7.76
C PRO H 12 28.73 7.22 -8.96
N ASN H 13 28.79 6.63 -10.15
CA ASN H 13 28.44 7.33 -11.37
C ASN H 13 27.05 7.94 -11.28
N THR H 14 26.10 7.22 -10.68
CA THR H 14 24.72 7.69 -10.64
C THR H 14 24.58 9.01 -9.90
N ARG H 15 25.54 9.33 -9.04
CA ARG H 15 25.48 10.58 -8.29
C ARG H 15 26.30 11.71 -8.89
N VAL H 16 27.07 11.45 -9.95
CA VAL H 16 28.05 12.44 -10.40
C VAL H 16 27.35 13.70 -10.86
N MET H 17 26.11 13.60 -11.32
CA MET H 17 25.38 14.76 -11.82
C MET H 17 24.61 15.50 -10.74
N ASN H 18 24.51 14.95 -9.53
CA ASN H 18 23.78 15.58 -8.45
C ASN H 18 24.70 16.26 -7.44
N SER H 19 25.97 16.45 -7.78
CA SER H 19 26.91 17.04 -6.86
C SER H 19 26.76 18.56 -6.83
N ARG H 20 27.65 19.21 -6.09
CA ARG H 20 27.55 20.65 -5.86
C ARG H 20 28.45 21.41 -6.83
N GLY H 21 27.86 22.32 -7.60
CA GLY H 21 28.58 23.09 -8.58
C GLY H 21 28.67 22.46 -9.96
N ILE H 22 28.06 21.29 -10.14
CA ILE H 22 28.13 20.61 -11.44
C ILE H 22 27.31 21.36 -12.48
N TRP H 23 26.14 21.88 -12.09
CA TRP H 23 25.31 22.62 -13.03
C TRP H 23 25.99 23.90 -13.48
N LEU H 24 26.58 24.64 -12.54
CA LEU H 24 27.28 25.86 -12.89
C LEU H 24 28.50 25.56 -13.77
N SER H 25 29.20 24.47 -13.49
CA SER H 25 30.33 24.08 -14.33
C SER H 25 29.86 23.74 -15.75
N TYR H 26 28.73 23.05 -15.87
CA TYR H 26 28.19 22.74 -17.19
C TYR H 26 27.85 24.01 -17.96
N VAL H 27 27.17 24.95 -17.30
CA VAL H 27 26.80 26.20 -17.95
C VAL H 27 28.03 26.99 -18.36
N LEU H 28 29.04 27.04 -17.49
CA LEU H 28 30.27 27.75 -17.83
C LEU H 28 31.01 27.06 -18.97
N ALA H 29 30.93 25.73 -19.05
CA ALA H 29 31.54 25.03 -20.17
C ALA H 29 30.87 25.41 -21.49
N ILE H 30 29.54 25.46 -21.50
CA ILE H 30 28.83 25.91 -22.70
C ILE H 30 29.25 27.34 -23.05
N GLY H 31 29.34 28.20 -22.03
CA GLY H 31 29.73 29.58 -22.27
C GLY H 31 31.13 29.69 -22.86
N LEU H 32 32.06 28.92 -22.33
CA LEU H 32 33.42 28.93 -22.86
C LEU H 32 33.47 28.42 -24.29
N LEU H 33 32.69 27.39 -24.59
CA LEU H 33 32.61 26.92 -25.97
C LEU H 33 32.09 28.01 -26.90
N HIS H 34 31.05 28.72 -26.46
CA HIS H 34 30.50 29.80 -27.28
C HIS H 34 31.52 30.92 -27.46
N ILE H 35 32.27 31.25 -26.42
CA ILE H 35 33.27 32.31 -26.52
C ILE H 35 34.37 31.90 -27.50
N VAL H 36 34.83 30.66 -27.42
CA VAL H 36 35.89 30.21 -28.32
C VAL H 36 35.38 30.20 -29.76
N LEU H 37 34.11 29.86 -29.96
CA LEU H 37 33.55 29.87 -31.30
C LEU H 37 33.38 31.29 -31.84
N LEU H 38 32.97 32.22 -30.98
CA LEU H 38 32.91 33.63 -31.39
C LEU H 38 34.29 34.15 -31.73
N SER H 39 35.32 33.63 -31.09
CA SER H 39 36.66 34.16 -31.29
C SER H 39 37.17 33.91 -32.70
N ILE H 40 36.62 32.92 -33.39
CA ILE H 40 37.12 32.62 -34.74
C ILE H 40 36.85 33.80 -35.65
N PRO H 41 37.85 34.29 -36.39
CA PRO H 41 37.66 35.58 -37.10
C PRO H 41 36.71 35.54 -38.28
N PHE H 42 36.67 34.43 -39.03
CA PHE H 42 35.97 34.41 -40.31
C PHE H 42 34.57 33.82 -40.22
N VAL H 43 33.94 33.80 -39.05
CA VAL H 43 32.65 33.16 -38.87
C VAL H 43 31.62 34.20 -38.43
N SER H 44 30.40 34.10 -38.96
CA SER H 44 29.34 35.04 -38.67
C SER H 44 28.41 34.51 -37.59
N VAL H 45 27.58 35.42 -37.04
CA VAL H 45 26.83 35.11 -35.83
C VAL H 45 25.88 33.93 -35.99
N PRO H 46 25.03 33.85 -37.03
CA PRO H 46 24.19 32.65 -37.15
C PRO H 46 25.00 31.37 -37.29
N VAL H 47 26.13 31.42 -37.99
CA VAL H 47 26.99 30.25 -38.10
C VAL H 47 27.57 29.89 -36.74
N VAL H 48 27.98 30.90 -35.98
CA VAL H 48 28.51 30.66 -34.63
C VAL H 48 27.47 29.96 -33.77
N TRP H 49 26.24 30.44 -33.82
CA TRP H 49 25.22 29.89 -32.92
C TRP H 49 24.80 28.49 -33.35
N THR H 50 24.69 28.25 -34.66
CA THR H 50 24.34 26.90 -35.09
C THR H 50 25.49 25.92 -34.79
N LEU H 51 26.74 26.37 -34.91
CA LEU H 51 27.87 25.52 -34.55
C LEU H 51 27.87 25.22 -33.06
N THR H 52 27.62 26.25 -32.23
CA THR H 52 27.53 26.04 -30.79
C THR H 52 26.48 25.01 -30.45
N ASN H 53 25.27 25.17 -31.00
CA ASN H 53 24.19 24.24 -30.71
C ASN H 53 24.55 22.82 -31.15
N LEU H 54 25.06 22.69 -32.38
CA LEU H 54 25.34 21.36 -32.92
C LEU H 54 26.44 20.67 -32.13
N ILE H 55 27.51 21.39 -31.80
CA ILE H 55 28.63 20.79 -31.07
C ILE H 55 28.22 20.42 -29.65
N HIS H 56 27.52 21.32 -28.97
CA HIS H 56 27.01 21.00 -27.64
C HIS H 56 26.13 19.77 -27.66
N ASN H 57 25.20 19.69 -28.61
CA ASN H 57 24.28 18.57 -28.65
C ASN H 57 25.00 17.27 -29.00
N MET H 58 25.97 17.33 -29.92
CA MET H 58 26.71 16.12 -30.27
C MET H 58 27.52 15.61 -29.09
N GLY H 59 28.20 16.51 -28.38
CA GLY H 59 28.95 16.10 -27.21
C GLY H 59 28.07 15.53 -26.11
N MET H 60 26.93 16.19 -25.88
CA MET H 60 26.00 15.70 -24.87
C MET H 60 25.46 14.33 -25.25
N TYR H 61 25.13 14.13 -26.53
CA TYR H 61 24.66 12.82 -26.98
C TYR H 61 25.73 11.75 -26.79
N ILE H 62 26.97 12.04 -27.19
CA ILE H 62 28.00 11.01 -27.13
C ILE H 62 28.34 10.66 -25.69
N PHE H 63 28.32 11.65 -24.79
CA PHE H 63 28.64 11.37 -23.39
C PHE H 63 27.50 10.69 -22.67
N LEU H 64 26.25 11.12 -22.90
CA LEU H 64 25.15 10.61 -22.09
C LEU H 64 24.56 9.33 -22.68
N HIS H 65 24.36 9.28 -23.99
CA HIS H 65 23.58 8.22 -24.60
C HIS H 65 24.42 7.21 -25.37
N THR H 66 25.67 7.54 -25.70
CA THR H 66 26.49 6.60 -26.47
C THR H 66 27.30 5.70 -25.55
N VAL H 67 28.15 6.29 -24.72
CA VAL H 67 29.05 5.50 -23.87
C VAL H 67 28.24 4.81 -22.80
N LYS H 68 28.43 3.50 -22.67
CA LYS H 68 27.69 2.68 -21.72
C LYS H 68 28.67 1.92 -20.83
N GLY H 69 28.25 1.73 -19.58
CA GLY H 69 29.12 1.14 -18.58
C GLY H 69 29.65 2.17 -17.61
N THR H 70 30.68 1.76 -16.87
CA THR H 70 31.31 2.62 -15.89
C THR H 70 32.81 2.74 -16.16
N PRO H 71 33.41 3.89 -15.88
CA PRO H 71 34.86 4.04 -16.13
C PRO H 71 35.71 3.33 -15.11
N PHE H 72 35.15 2.94 -13.96
CA PHE H 72 35.87 2.30 -12.89
C PHE H 72 35.18 0.99 -12.50
N GLU H 73 35.95 0.08 -11.95
CA GLU H 73 35.39 -1.20 -11.53
C GLU H 73 34.46 -1.00 -10.34
N THR H 74 33.33 -1.70 -10.37
CA THR H 74 32.23 -1.50 -9.44
C THR H 74 31.90 -2.81 -8.73
N PRO H 75 31.53 -2.76 -7.45
CA PRO H 75 31.29 -3.97 -6.68
C PRO H 75 29.87 -4.50 -6.73
N ASP H 76 29.02 -4.03 -7.64
CA ASP H 76 27.74 -4.68 -7.86
C ASP H 76 27.79 -5.69 -8.99
N GLN H 77 29.00 -6.09 -9.41
CA GLN H 77 29.21 -7.18 -10.34
C GLN H 77 28.67 -6.84 -11.73
N GLY H 78 28.97 -5.63 -12.19
CA GLY H 78 28.66 -5.23 -13.55
C GLY H 78 27.19 -5.24 -13.89
N LYS H 79 26.36 -4.71 -12.99
CA LYS H 79 24.93 -4.61 -13.27
C LYS H 79 24.63 -3.58 -14.33
N ALA H 80 25.40 -2.49 -14.39
CA ALA H 80 25.22 -1.44 -15.38
C ALA H 80 26.19 -1.57 -16.54
N ARG H 81 26.52 -2.80 -16.95
CA ARG H 81 27.47 -2.99 -18.04
C ARG H 81 26.86 -2.58 -19.38
N LEU H 82 25.54 -2.70 -19.52
CA LEU H 82 24.87 -2.46 -20.79
C LEU H 82 24.03 -1.19 -20.80
N LEU H 83 24.09 -0.40 -19.74
CA LEU H 83 23.27 0.81 -19.65
C LEU H 83 24.10 2.05 -19.97
N THR H 84 23.50 2.98 -20.70
CA THR H 84 24.13 4.26 -20.93
C THR H 84 24.04 5.13 -19.68
N HIS H 85 24.80 6.22 -19.67
CA HIS H 85 24.86 7.05 -18.47
C HIS H 85 23.50 7.65 -18.14
N TRP H 86 22.73 8.04 -19.16
CA TRP H 86 21.41 8.60 -18.90
C TRP H 86 20.50 7.61 -18.20
N GLU H 87 20.64 6.32 -18.53
CA GLU H 87 19.84 5.31 -17.85
C GLU H 87 20.40 5.02 -16.46
N GLN H 88 21.70 5.21 -16.26
CA GLN H 88 22.29 4.96 -14.95
C GLN H 88 21.93 6.06 -13.96
N MET H 89 21.65 7.27 -14.46
CA MET H 89 21.39 8.40 -13.58
C MET H 89 20.23 8.10 -12.63
N ASP H 90 20.47 8.34 -11.34
CA ASP H 90 19.47 8.27 -10.28
C ASP H 90 18.78 6.90 -10.19
N TYR H 91 19.45 5.85 -10.65
CA TYR H 91 18.94 4.47 -10.54
C TYR H 91 17.57 4.31 -11.20
N GLY H 92 17.39 4.96 -12.35
CA GLY H 92 16.19 4.78 -13.13
C GLY H 92 15.02 5.66 -12.77
N VAL H 93 15.14 6.53 -11.76
CA VAL H 93 14.09 7.49 -11.50
C VAL H 93 13.99 8.44 -12.68
N GLN H 94 12.77 8.63 -13.19
CA GLN H 94 12.60 9.31 -14.46
C GLN H 94 12.62 10.83 -14.37
N PHE H 95 12.08 11.42 -13.30
CA PHE H 95 12.00 12.87 -13.18
C PHE H 95 12.71 13.31 -11.92
N THR H 96 13.84 13.98 -12.08
CA THR H 96 14.64 14.47 -10.98
C THR H 96 15.25 15.79 -11.42
N ALA H 97 15.65 16.61 -10.44
CA ALA H 97 16.18 17.94 -10.74
C ALA H 97 17.28 17.88 -11.78
N SER H 98 18.20 16.92 -11.65
CA SER H 98 19.27 16.79 -12.62
C SER H 98 18.74 16.47 -14.01
N ARG H 99 17.80 15.52 -14.09
CA ARG H 99 17.25 15.14 -15.39
C ARG H 99 16.44 16.28 -16.00
N LYS H 100 15.65 16.98 -15.18
CA LYS H 100 14.88 18.11 -15.68
C LYS H 100 15.80 19.20 -16.21
N PHE H 101 16.87 19.53 -15.48
CA PHE H 101 17.80 20.53 -15.96
C PHE H 101 18.46 20.09 -17.26
N LEU H 102 18.89 18.83 -17.33
CA LEU H 102 19.58 18.33 -18.51
C LEU H 102 18.67 18.31 -19.72
N THR H 103 17.37 18.11 -19.52
CA THR H 103 16.47 18.05 -20.66
C THR H 103 15.90 19.42 -21.00
N ILE H 104 16.00 20.38 -20.08
CA ILE H 104 15.46 21.71 -20.36
C ILE H 104 16.51 22.62 -20.99
N THR H 105 17.77 22.49 -20.58
CA THR H 105 18.81 23.35 -21.15
C THR H 105 18.96 23.26 -22.67
N PRO H 106 18.86 22.09 -23.33
CA PRO H 106 18.98 22.12 -24.80
C PRO H 106 17.85 22.89 -25.47
N ILE H 107 16.64 22.87 -24.90
CA ILE H 107 15.54 23.62 -25.47
C ILE H 107 15.78 25.12 -25.37
N VAL H 108 16.31 25.58 -24.23
CA VAL H 108 16.62 26.99 -24.08
C VAL H 108 17.71 27.40 -25.07
N LEU H 109 18.75 26.57 -25.21
CA LEU H 109 19.77 26.87 -26.20
C LEU H 109 19.18 26.91 -27.60
N TYR H 110 18.20 26.06 -27.88
CA TYR H 110 17.52 26.10 -29.17
C TYR H 110 16.75 27.40 -29.36
N PHE H 111 16.08 27.88 -28.31
CA PHE H 111 15.37 29.15 -28.42
C PHE H 111 16.32 30.28 -28.76
N LEU H 112 17.43 30.38 -28.02
CA LEU H 112 18.40 31.44 -28.32
C LEU H 112 18.98 31.30 -29.72
N THR H 113 19.32 30.08 -30.13
CA THR H 113 19.98 29.92 -31.42
C THR H 113 19.01 30.12 -32.57
N SER H 114 17.72 29.90 -32.34
CA SER H 114 16.72 30.16 -33.37
C SER H 114 16.44 31.65 -33.48
N PHE H 115 16.38 32.35 -32.35
CA PHE H 115 16.21 33.80 -32.41
C PHE H 115 17.41 34.46 -33.07
N TYR H 116 18.63 34.01 -32.74
CA TYR H 116 19.82 34.67 -33.25
C TYR H 116 20.11 34.30 -34.70
N THR H 117 19.56 33.18 -35.17
CA THR H 117 19.79 32.77 -36.55
C THR H 117 18.82 33.42 -37.53
N LYS H 118 17.94 34.29 -37.05
CA LYS H 118 16.97 35.03 -37.86
C LYS H 118 16.00 34.12 -38.60
N TYR H 119 15.79 32.90 -38.08
CA TYR H 119 14.78 31.97 -38.59
C TYR H 119 15.04 31.56 -40.04
N ASP H 120 16.30 31.49 -40.45
CA ASP H 120 16.62 30.92 -41.75
C ASP H 120 16.25 29.44 -41.78
N GLN H 121 15.64 29.01 -42.88
CA GLN H 121 15.18 27.62 -42.99
C GLN H 121 16.36 26.65 -42.97
N ILE H 122 17.46 27.02 -43.63
CA ILE H 122 18.61 26.12 -43.73
C ILE H 122 19.20 25.86 -42.35
N HIS H 123 19.15 26.86 -41.46
CA HIS H 123 19.59 26.63 -40.09
C HIS H 123 18.47 26.05 -39.24
N PHE H 124 17.22 26.35 -39.60
CA PHE H 124 16.08 25.77 -38.88
C PHE H 124 16.10 24.25 -38.93
N VAL H 125 16.34 23.70 -40.12
CA VAL H 125 16.32 22.24 -40.27
C VAL H 125 17.43 21.61 -39.45
N LEU H 126 18.64 22.18 -39.51
CA LEU H 126 19.76 21.60 -38.77
C LEU H 126 19.53 21.69 -37.26
N ASN H 127 19.13 22.86 -36.77
CA ASN H 127 18.91 23.01 -35.33
C ASN H 127 17.80 22.10 -34.84
N THR H 128 16.72 21.99 -35.60
CA THR H 128 15.62 21.14 -35.15
C THR H 128 16.00 19.67 -35.20
N VAL H 129 16.78 19.26 -36.21
CA VAL H 129 17.24 17.88 -36.28
C VAL H 129 18.11 17.55 -35.07
N SER H 130 19.04 18.46 -34.73
CA SER H 130 19.91 18.22 -33.58
C SER H 130 19.12 18.17 -32.29
N LEU H 131 18.20 19.12 -32.12
CA LEU H 131 17.40 19.16 -30.89
C LEU H 131 16.55 17.92 -30.74
N MET H 132 15.95 17.45 -31.84
CA MET H 132 15.16 16.23 -31.77
C MET H 132 16.04 15.01 -31.48
N SER H 133 17.23 14.96 -32.08
CA SER H 133 18.13 13.84 -31.82
C SER H 133 18.49 13.77 -30.34
N VAL H 134 18.68 14.92 -29.70
CA VAL H 134 18.90 14.91 -28.26
C VAL H 134 17.63 14.54 -27.51
N LEU H 135 16.49 15.12 -27.89
CA LEU H 135 15.30 15.05 -27.03
C LEU H 135 14.63 13.68 -27.08
N ILE H 136 14.70 12.98 -28.21
CA ILE H 136 13.98 11.72 -28.34
C ILE H 136 14.43 10.68 -27.30
N PRO H 137 15.72 10.46 -27.06
CA PRO H 137 16.10 9.50 -26.01
C PRO H 137 15.65 9.91 -24.61
N LYS H 138 15.39 11.19 -24.38
CA LYS H 138 15.05 11.64 -23.03
C LYS H 138 13.69 11.14 -22.58
N LEU H 139 12.86 10.66 -23.50
CA LEU H 139 11.52 10.25 -23.13
C LEU H 139 11.56 9.03 -22.22
N PRO H 140 10.71 8.97 -21.20
CA PRO H 140 10.67 7.76 -20.36
C PRO H 140 10.34 6.50 -21.14
N GLN H 141 9.53 6.63 -22.20
CA GLN H 141 9.17 5.46 -22.99
C GLN H 141 10.38 4.89 -23.71
N LEU H 142 11.36 5.73 -24.05
CA LEU H 142 12.56 5.29 -24.75
C LEU H 142 13.68 5.04 -23.75
N HIS H 143 13.44 4.07 -22.87
CA HIS H 143 14.40 3.67 -21.84
C HIS H 143 14.76 2.21 -22.05
N GLY H 144 16.04 1.95 -22.25
CA GLY H 144 16.49 0.58 -22.46
C GLY H 144 16.10 0.01 -23.81
N VAL H 145 15.79 0.86 -24.78
CA VAL H 145 15.39 0.43 -26.11
C VAL H 145 16.49 0.80 -27.08
N ARG H 146 17.09 -0.21 -27.70
CA ARG H 146 18.12 -0.01 -28.71
C ARG H 146 17.51 -0.24 -30.09
N ILE H 147 17.37 0.82 -30.87
CA ILE H 147 16.72 0.73 -32.17
C ILE H 147 17.61 -0.06 -33.13
N PHE H 148 16.98 -0.98 -33.87
CA PHE H 148 17.66 -1.77 -34.91
C PHE H 148 18.77 -2.62 -34.33
N GLY H 149 18.75 -2.87 -33.02
CA GLY H 149 19.82 -3.63 -32.39
C GLY H 149 21.17 -2.97 -32.54
N ILE H 150 21.21 -1.65 -32.39
CA ILE H 150 22.44 -0.88 -32.48
C ILE H 150 22.91 -0.54 -31.07
N ASN H 151 24.21 -0.73 -30.81
CA ASN H 151 24.83 -0.46 -29.51
C ASN H 151 24.32 -1.37 -28.41
N LYS H 152 23.66 -2.48 -28.76
CA LYS H 152 23.14 -3.38 -27.74
C LYS H 152 24.26 -4.01 -26.93
N TYR H 153 25.33 -4.44 -27.59
CA TYR H 153 26.45 -5.07 -26.91
C TYR H 153 27.77 -4.36 -27.24
P POV I . -39.06 25.70 -25.51
C1 POV I . -37.65 26.65 -23.56
C2 POV I . -36.23 26.75 -23.00
C3 POV I . -35.99 28.12 -22.36
O11 POV I . -37.66 25.80 -24.64
O12 POV I . -38.88 24.03 -25.96
O13 POV I . -40.19 25.65 -24.55
O14 POV I . -38.92 26.41 -26.81
C21 POV I . -34.03 26.13 -23.67
O21 POV I . -35.27 26.54 -24.05
C22 POV I . -33.92 25.25 -22.45
O22 POV I . -33.07 26.46 -24.34
C23 POV I . -32.44 25.11 -22.09
C24 POV I . -31.98 26.26 -21.21
C25 POV I . -30.84 25.80 -20.30
C26 POV I . -30.90 26.55 -19.00
C27 POV I . -29.70 26.18 -18.13
C28 POV I . -29.64 27.11 -16.93
C29 POV I . -28.27 27.14 -16.36
C31 POV I . -35.12 29.04 -20.41
O31 POV I . -35.25 27.94 -21.17
C32 POV I . -34.82 28.77 -18.96
O32 POV I . -35.25 30.14 -20.91
C33 POV I . -33.51 29.46 -18.61
C34 POV I . -32.99 28.98 -17.28
C35 POV I . -34.10 29.01 -16.23
C36 POV I . -33.55 28.59 -14.87
C37 POV I . -34.63 28.72 -13.80
C310 POV J . -30.72 14.60 -16.83
C311 POV J . -30.64 13.09 -16.95
C312 POV J . -31.74 12.59 -17.88
C313 POV J . -31.65 13.33 -19.20
C314 POV J . -32.34 12.55 -20.31
C315 POV J . -31.77 12.97 -21.65
C316 POV J . -32.76 12.71 -22.75
C36 POV J . -27.63 16.89 -14.76
C37 POV J . -28.02 17.25 -16.18
C38 POV J . -29.39 16.68 -16.53
C39 POV J . -29.39 15.17 -16.38
C310 POV K . -45.61 31.89 -23.66
C311 POV K . -44.11 32.01 -23.70
C312 POV K . -43.61 31.71 -25.09
C313 POV K . -42.27 31.01 -25.03
C314 POV K . -41.92 30.44 -26.39
C315 POV K . -40.65 29.60 -26.30
C316 POV K . -40.11 29.33 -27.69
C34 POV K . -51.18 30.77 -18.84
C35 POV K . -49.70 31.08 -19.06
C36 POV K . -49.44 31.38 -20.52
C37 POV K . -48.04 31.93 -20.70
C38 POV K . -47.58 31.78 -22.13
C39 POV K . -46.12 32.19 -22.26
C310 POV L . -49.32 30.89 -27.59
C311 POV L . -48.76 30.75 -28.99
C312 POV L . -47.27 31.07 -29.00
C313 POV L . -46.69 30.76 -30.36
C314 POV L . -45.18 30.90 -30.34
C315 POV L . -44.59 30.42 -31.65
C316 POV L . -43.07 30.57 -31.62
C36 POV L . -53.44 30.42 -24.86
C37 POV L . -52.75 30.00 -26.14
C38 POV L . -51.35 30.59 -26.18
C39 POV L . -50.75 30.37 -27.56
C210 POV M . -18.90 10.96 -34.22
C211 POV M . -19.94 11.19 -35.32
C212 POV M . -20.17 12.68 -35.51
C213 POV M . -21.29 12.91 -36.51
C214 POV M . -21.51 14.40 -36.72
C215 POV M . -22.74 14.61 -37.60
C216 POV M . -22.83 16.07 -38.04
C22 POV M . -14.65 4.31 -28.27
C23 POV M . -15.51 4.50 -29.51
C24 POV M . -15.38 5.92 -30.05
C25 POV M . -16.26 6.09 -31.29
C26 POV M . -16.26 7.54 -31.74
C27 POV M . -17.30 7.77 -32.82
C28 POV M . -17.52 9.25 -33.05
C29 POV M . -18.64 9.46 -34.06
C310 POV N . -33.68 13.48 -29.33
C311 POV N . -33.77 13.97 -30.77
C312 POV N . -33.99 12.79 -31.70
C313 POV N . -34.85 13.22 -32.88
C314 POV N . -35.22 12.01 -33.72
C315 POV N . -36.42 12.31 -34.60
C316 POV N . -36.88 11.06 -35.31
C34 POV N . -28.51 13.89 -25.57
C35 POV N . -29.27 12.62 -25.91
C36 POV N . -30.77 12.87 -25.86
C37 POV N . -31.16 13.93 -26.89
C38 POV N . -32.66 13.90 -27.11
C39 POV N . -33.00 14.51 -28.46
P POV O . 42.73 16.62 -26.55
C1 POV O . 41.51 14.45 -27.31
C2 POV O . 40.14 13.79 -27.39
C3 POV O . 40.08 12.78 -28.56
O11 POV O . 41.42 15.60 -26.55
O12 POV O . 42.23 17.58 -25.20
O13 POV O . 43.89 15.88 -26.00
O14 POV O . 42.64 17.57 -27.69
C21 POV O . 37.83 14.37 -27.28
O21 POV O . 39.11 14.75 -27.56
C22 POV O . 37.63 13.49 -26.06
O22 POV O . 36.92 14.73 -28.00
C23 POV O . 36.20 12.97 -26.08
C24 POV O . 36.06 11.80 -27.05
C25 POV O . 34.86 10.95 -26.70
C26 POV O . 34.87 9.65 -27.48
C27 POV O . 34.20 8.55 -26.68
C28 POV O . 34.51 7.20 -27.32
C29 POV O . 34.07 6.10 -26.42
C31 POV O . 39.29 10.61 -29.00
O31 POV O . 39.18 11.73 -28.25
C32 POV O . 38.46 9.45 -28.55
O32 POV O . 40.03 10.61 -29.98
C33 POV O . 38.92 8.21 -29.31
C34 POV O . 38.43 6.94 -28.63
C35 POV O . 38.92 5.72 -29.39
C36 POV O . 38.66 4.46 -28.58
C37 POV O . 38.84 3.23 -29.45
C38 POV O . 38.16 2.03 -28.81
C39 POV O . 37.84 0.97 -29.85
C310 POV P . 32.61 10.09 -15.97
C311 POV P . 32.54 10.35 -14.48
C312 POV P . 33.38 11.57 -14.14
C313 POV P . 32.76 12.81 -14.75
C314 POV P . 33.66 14.01 -14.52
C315 POV P . 32.99 15.28 -15.03
C316 POV P . 34.03 16.29 -15.44
C36 POV P . 30.25 6.88 -17.85
C37 POV P . 30.19 8.31 -18.35
C38 POV P . 31.41 9.09 -17.91
C39 POV P . 31.48 9.16 -16.40
C310 POV Q . 51.65 13.50 -30.25
C311 POV Q . 50.24 13.39 -30.80
C312 POV Q . 49.51 14.71 -30.62
C313 POV Q . 48.09 14.60 -31.11
C314 POV Q . 47.34 15.88 -30.79
C315 POV Q . 45.86 15.73 -31.07
C316 POV Q . 45.12 16.98 -30.64
C34 POV Q . 57.03 9.44 -27.12
C35 POV Q . 55.63 9.48 -27.71
C36 POV Q . 55.35 10.83 -28.35
C37 POV Q . 54.03 10.80 -29.09
C38 POV Q . 53.63 12.20 -29.51
C39 POV Q . 52.31 12.14 -30.27
C310 POV R . 54.16 17.40 -29.73
C311 POV R . 53.71 18.66 -30.46
C312 POV R . 52.24 18.52 -30.85
C313 POV R . 51.65 19.90 -31.11
C314 POV R . 50.14 19.79 -31.27
C315 POV R . 49.53 21.17 -31.40
C316 POV R . 48.01 21.08 -31.36
C36 POV R . 58.11 15.17 -27.76
C37 POV R . 57.51 16.51 -28.12
C38 POV R . 56.05 16.35 -28.51
C39 POV R . 55.51 17.66 -29.07
C310 POV S . 55.80 27.75 -20.18
C311 POV S . 54.63 28.70 -19.95
C312 POV S . 53.47 28.34 -20.85
C313 POV S . 52.43 29.43 -20.87
C314 POV S . 51.72 29.50 -19.52
C315 POV S . 50.42 30.29 -19.67
C316 POV S . 49.83 30.58 -18.31
C37 POV S . 58.75 26.68 -17.99
C38 POV S . 57.85 26.73 -19.21
C39 POV S . 56.80 27.84 -19.06
C210 POV T . 19.52 26.78 -18.66
C211 POV T . 20.51 27.91 -18.89
C212 POV T . 21.26 27.68 -20.20
C213 POV T . 22.23 28.81 -20.46
C214 POV T . 22.94 28.62 -21.79
C215 POV T . 23.94 29.74 -22.01
C216 POV T . 24.60 29.60 -23.38
C22 POV T . 14.20 21.93 -11.81
C23 POV T . 15.14 23.10 -12.11
C24 POV T . 15.31 23.31 -13.61
C25 POV T . 16.21 24.50 -13.87
C26 POV T . 16.45 24.65 -15.37
C27 POV T . 17.36 25.84 -15.64
C28 POV T . 17.84 25.83 -17.08
C29 POV T . 18.80 26.99 -17.33
C310 POV U . 33.92 21.45 -16.82
C311 POV U . 34.69 20.88 -18.00
C312 POV U . 36.09 21.48 -18.02
C313 POV U . 36.78 21.22 -19.34
C314 POV U . 37.72 22.37 -19.67
C315 POV U . 39.02 21.85 -20.26
C316 POV U . 38.75 21.12 -21.55
C34 POV U . 28.81 17.23 -18.71
C35 POV U . 29.19 17.85 -17.37
C36 POV U . 30.44 18.69 -17.52
C37 POV U . 31.00 19.06 -16.15
C38 POV U . 32.44 19.52 -16.28
C39 POV U . 32.49 20.94 -16.83
#